data_9HB4
#
_entry.id   9HB4
#
_cell.length_a   1.00
_cell.length_b   1.00
_cell.length_c   1.00
_cell.angle_alpha   90.00
_cell.angle_beta   90.00
_cell.angle_gamma   90.00
#
_symmetry.space_group_name_H-M   'P 1'
#
loop_
_entity.id
_entity.type
_entity.pdbx_description
1 polymer 'RuvB-like 1'
2 polymer 'RuvB-like 2'
3 polymer 'Sperm-associated antigen 1'
4 non-polymer "ADENOSINE-5'-DIPHOSPHATE"
#
loop_
_entity_poly.entity_id
_entity_poly.type
_entity_poly.pdbx_seq_one_letter_code
_entity_poly.pdbx_strand_id
1 'polypeptide(L)'
;MKIEEVKSTTKTQRIASHSHVKGLGLDESGLAKQAASGLVGQENAREACGVIVELIKSKKMAGRAVLLAGPPGTGKTALA
LAIAQELGSKVPFCPMVGSEVYSTEIKKTEVLMENFRRAIGLRIKETKEVYEGEVTELTPCETENPMGGYGKTISHVIIG
LKTAKGTKQLKLDPSIFESLQKERVEAGDVIYIEANSGAVKRQGRCDTYATEFDLEAEEYVPLPKGDVHKKKEIIQDVTL
HDLDVANARPQGGQDILSMMGQLMKPKKTEITDKLRGEINKVVNKYIDQGIAELVPGVLFVDEVHMLDIECFTYLHRALE
SSIAPIVIFASNRGNCVIRGTEDITSPHGIPLDLLDRVMIIRTMLYTPQEMKQIIKIRAQTEGINISEEALNHLGEIGTK
TTLRYSVQLLTPANLLAKINGKDSIEKEHVEEISELFYDAKSSAKILADQQDKYMK
;
A,B,C
2 'polypeptide(L)'
;MATVTATTKVPEIRDVTRIERIGAHSHIRGLGLDDALEPRQASQGMVGQLAARRAAGVVLEMIREGKIAGRAVLIAGQPG
TGKTAIAMGMAQALGPDTPFTAIAGSEIFSLEMSKTEALTQAFRRSIGVRIKEETEIIEGEVVEIQIDRPATGTGSKVGK
LTLKTTEMETIYDLGTKMIESLTKDKVQAGDVITIDKATGKISKLGRSFTRARDYDAMGSQTKFVQCPDGELQKRKEVVH
TVSLHEIDVINSRTQGFLALFSGDTGEIKSEVREQINAKVAEWREEGKAEIIPGVLFIDEVHMLDIESFSFLNRALESDM
APVLIMATNRGITRIRGTSYQSPHGIPIDLLDRLLIVSTTPYSEKDTKQILRIRCEEEDVEMSEDAYTVLTRIGLETSLR
YAIQLITAASLVCRKRKGTEVQVDDIKRVYSLFLDESRSTQYMKEYQDAFLFNELKGETMDTS
;
D,E,F
3 'polypeptide(L)'
;MTTKDYPSLWGFGTTKTFKIPIEHLDFKYIEKCSDVKHLEKILCVLRSGEEGYYPELTEFCEKHLQALAPESRALRKDKP
AATAASFTAEEWEKIDGDIKSWVSEIKKEEDKMHFHETETFPAMKDNLPPVRGSNSCLHVGKEKYSKRPTKKKTPRDYAE
WDKFDVEKECLKIDEDYKEKTVIDKSHLSKIETRIDTAGLTEKEKDFLATREKEKGNEAFNSGDYEEAVMYYTRSISALP
TVVAYNNRAQAEIKLQNWNSAFQDCEKVLELEPGNVKALLRRATTYKHQNKLREATEDLSKVLDVEPDNDLAKKTLSEVE
RDLKNSEAASETQTKGKRMVIQEIENSEDEEGKSGRKHEDGGGDKKPAEPAGAARAAQPCVMGNIQKKLTGKAEGGKRPA
RGAPQRGQTPEAGADKRSPRRASAAAAAGGGATGHPGGGQGAENPAGLKSQGNELFRSGQFAEAAGKYSAAIALLEPAGS
EIADDLSILYSNRAACYLKEGNCSGCIQDCNRALELHPFSMKPLLRRAMAYETLEQYGKAYVDYKTVLQIDCGLQLANDS
VNRLSRILMELDGPNWREKLSPIPAVPASVPLQAWHPAKEMISKQAGDSSSHRQQGITDEKTFKALKEEGNQCVNDKNYK
DALSKYSECLKINNKECAIYTNRALCYLKLCQFEEAKQDCDQALQLADGNVKAFYRRALAHKGLKNYQKSLIDLNKVILL
DPSIIEAKMELEEVTRLLNLKDKTAPFNKEKERRKIEIQEVNEGKEEPGRPAGEVSMGCLASEKGGKSSRSPEDPEKLPI
AKPNNAYEFGQIINALSTRKDKEACAHLLAITAPKDLPMFLSNKLEGDTFLLLIQSLKNNLIEKDPSLVYQHLLYLSKAE
RFKMMLTLISKGQKELIEQLFEDLSDTPNNHFTLEDIQALKRQYEL
;
G,H
#
loop_
_chem_comp.id
_chem_comp.type
_chem_comp.name
_chem_comp.formula
ADP non-polymer ADENOSINE-5'-DIPHOSPHATE 'C10 H15 N5 O10 P2'
#
# COMPACT_ATOMS: atom_id res chain seq x y z
N LYS A 7 -39.42 7.09 14.13
CA LYS A 7 -38.88 8.21 13.36
C LYS A 7 -37.95 9.05 14.23
N SER A 8 -37.75 10.30 13.79
CA SER A 8 -36.96 11.31 14.51
C SER A 8 -35.62 10.75 14.98
N THR A 9 -34.79 10.35 14.02
CA THR A 9 -33.43 9.89 14.31
C THR A 9 -32.46 11.06 14.46
N THR A 10 -32.83 12.02 15.30
CA THR A 10 -31.97 13.15 15.62
C THR A 10 -31.15 12.79 16.85
N LYS A 11 -29.83 12.70 16.67
CA LYS A 11 -28.94 12.27 17.74
C LYS A 11 -28.87 13.38 18.79
N THR A 12 -29.62 13.20 19.88
CA THR A 12 -29.71 14.22 20.92
C THR A 12 -28.57 14.09 21.92
N GLN A 13 -27.35 13.99 21.40
CA GLN A 13 -26.13 14.09 22.19
C GLN A 13 -25.10 15.01 21.58
N ARG A 14 -25.16 15.27 20.28
CA ARG A 14 -24.27 16.22 19.63
C ARG A 14 -24.88 17.61 19.53
N ILE A 15 -26.19 17.74 19.67
CA ILE A 15 -26.86 19.03 19.70
C ILE A 15 -27.45 19.35 21.07
N ALA A 16 -27.49 18.38 21.98
CA ALA A 16 -28.01 18.66 23.32
C ALA A 16 -27.09 19.60 24.09
N SER A 17 -25.80 19.65 23.72
CA SER A 17 -24.89 20.59 24.35
C SER A 17 -25.21 22.04 24.00
N HIS A 18 -25.95 22.27 22.91
CA HIS A 18 -26.43 23.59 22.54
C HIS A 18 -27.94 23.52 22.45
N SER A 19 -28.61 23.67 23.60
CA SER A 19 -30.06 23.71 23.65
C SER A 19 -30.60 25.10 23.94
N HIS A 20 -29.75 26.04 24.29
CA HIS A 20 -30.16 27.41 24.55
C HIS A 20 -30.27 28.25 23.30
N VAL A 21 -29.78 27.75 22.16
CA VAL A 21 -29.76 28.53 20.93
C VAL A 21 -31.14 28.47 20.29
N LYS A 22 -31.75 29.64 20.09
CA LYS A 22 -33.03 29.75 19.41
C LYS A 22 -32.96 30.66 18.19
N GLY A 23 -31.77 31.02 17.75
CA GLY A 23 -31.61 31.90 16.62
C GLY A 23 -30.25 32.56 16.66
N LEU A 24 -30.08 33.56 15.80
CA LEU A 24 -28.84 34.30 15.71
C LEU A 24 -28.84 35.55 16.57
N GLY A 25 -30.01 36.12 16.85
CA GLY A 25 -30.09 37.32 17.65
C GLY A 25 -29.69 38.56 16.89
N LEU A 26 -30.44 38.88 15.84
CA LEU A 26 -30.12 40.00 14.96
C LEU A 26 -31.27 41.00 14.95
N ASP A 27 -30.92 42.28 14.93
CA ASP A 27 -31.90 43.34 14.80
C ASP A 27 -32.42 43.41 13.37
N GLU A 28 -33.42 44.27 13.16
CA GLU A 28 -33.91 44.49 11.80
C GLU A 28 -32.86 45.18 10.93
N SER A 29 -31.94 45.92 11.55
CA SER A 29 -30.89 46.60 10.80
C SER A 29 -29.86 45.63 10.26
N GLY A 30 -29.69 44.48 10.91
CA GLY A 30 -28.70 43.50 10.54
C GLY A 30 -27.58 43.34 11.54
N LEU A 31 -27.40 44.30 12.44
CA LEU A 31 -26.39 44.19 13.47
C LEU A 31 -26.83 43.17 14.52
N ALA A 32 -25.88 42.78 15.36
CA ALA A 32 -26.10 41.75 16.38
C ALA A 32 -26.20 42.40 17.76
N LYS A 33 -27.24 42.04 18.49
CA LYS A 33 -27.34 42.45 19.88
C LYS A 33 -26.26 41.77 20.70
N GLN A 34 -26.00 42.34 21.88
CA GLN A 34 -24.91 41.81 22.71
C GLN A 34 -25.20 40.38 23.12
N ALA A 35 -26.44 40.08 23.49
CA ALA A 35 -26.81 38.73 23.90
C ALA A 35 -28.31 38.56 23.72
N ALA A 36 -28.71 37.66 22.82
CA ALA A 36 -30.12 37.41 22.58
C ALA A 36 -30.29 36.04 21.94
N SER A 37 -31.38 35.38 22.30
CA SER A 37 -31.75 34.08 21.72
C SER A 37 -30.66 33.03 21.91
N GLY A 38 -29.90 33.14 23.00
CA GLY A 38 -28.90 32.14 23.33
C GLY A 38 -27.47 32.57 23.09
N LEU A 39 -27.21 33.27 21.99
CA LEU A 39 -25.86 33.69 21.67
C LEU A 39 -25.53 34.98 22.39
N VAL A 40 -24.32 35.04 22.96
CA VAL A 40 -23.95 36.14 23.83
C VAL A 40 -22.66 36.81 23.37
N GLY A 41 -22.05 36.29 22.32
CA GLY A 41 -20.83 36.86 21.81
C GLY A 41 -20.75 36.71 20.31
N GLN A 42 -19.52 36.81 19.79
CA GLN A 42 -19.24 36.61 18.39
C GLN A 42 -20.08 37.55 17.51
N GLU A 43 -19.81 38.85 17.65
CA GLU A 43 -20.61 39.85 16.95
C GLU A 43 -20.45 39.73 15.44
N ASN A 44 -19.23 39.93 14.94
CA ASN A 44 -19.04 39.97 13.49
C ASN A 44 -19.29 38.60 12.84
N ALA A 45 -18.99 37.52 13.55
CA ALA A 45 -19.35 36.20 13.03
C ALA A 45 -20.85 36.04 12.93
N ARG A 46 -21.59 36.55 13.92
CA ARG A 46 -23.04 36.49 13.86
C ARG A 46 -23.58 37.31 12.70
N GLU A 47 -23.02 38.49 12.46
CA GLU A 47 -23.48 39.29 11.33
C GLU A 47 -23.17 38.61 10.00
N ALA A 48 -22.01 37.96 9.91
CA ALA A 48 -21.70 37.22 8.68
C ALA A 48 -22.65 36.04 8.49
N CYS A 49 -23.00 35.34 9.58
CA CYS A 49 -23.99 34.27 9.47
C CYS A 49 -25.36 34.82 9.06
N GLY A 50 -25.72 36.01 9.55
CA GLY A 50 -26.96 36.62 9.09
C GLY A 50 -26.93 36.95 7.61
N VAL A 51 -25.78 37.43 7.13
CA VAL A 51 -25.62 37.67 5.70
C VAL A 51 -25.78 36.37 4.91
N ILE A 52 -25.19 35.29 5.42
CA ILE A 52 -25.31 33.99 4.78
C ILE A 52 -26.77 33.55 4.75
N VAL A 53 -27.49 33.77 5.85
CA VAL A 53 -28.91 33.41 5.90
C VAL A 53 -29.70 34.21 4.88
N GLU A 54 -29.40 35.51 4.76
CA GLU A 54 -30.07 36.34 3.76
C GLU A 54 -29.79 35.82 2.35
N LEU A 55 -28.54 35.41 2.09
CA LEU A 55 -28.22 34.85 0.78
C LEU A 55 -29.00 33.56 0.52
N ILE A 56 -29.10 32.70 1.54
CA ILE A 56 -29.83 31.44 1.37
C ILE A 56 -31.30 31.69 1.10
N LYS A 57 -31.91 32.64 1.84
CA LYS A 57 -33.33 32.91 1.65
C LYS A 57 -33.61 33.48 0.26
N SER A 58 -32.68 34.23 -0.30
CA SER A 58 -32.83 34.80 -1.64
C SER A 58 -32.39 33.86 -2.74
N LYS A 59 -32.00 32.63 -2.40
CA LYS A 59 -31.60 31.60 -3.36
C LYS A 59 -30.38 32.04 -4.18
N LYS A 60 -29.51 32.85 -3.59
CA LYS A 60 -28.26 33.22 -4.22
C LYS A 60 -27.11 32.31 -3.82
N MET A 61 -27.41 31.15 -3.22
CA MET A 61 -26.41 30.16 -2.87
C MET A 61 -26.06 29.35 -4.12
N ALA A 62 -25.24 29.98 -4.97
CA ALA A 62 -24.90 29.41 -6.28
C ALA A 62 -23.79 28.38 -6.11
N GLY A 63 -24.15 27.26 -5.49
CA GLY A 63 -23.18 26.19 -5.28
C GLY A 63 -22.00 26.60 -4.43
N ARG A 64 -22.25 27.34 -3.36
CA ARG A 64 -21.20 27.81 -2.48
C ARG A 64 -21.39 27.23 -1.08
N ALA A 65 -20.31 27.30 -0.29
CA ALA A 65 -20.28 26.71 1.04
C ALA A 65 -19.60 27.68 1.99
N VAL A 66 -19.77 27.42 3.28
CA VAL A 66 -19.20 28.27 4.33
C VAL A 66 -18.13 27.48 5.06
N LEU A 67 -17.10 28.19 5.52
CA LEU A 67 -16.05 27.59 6.34
C LEU A 67 -15.88 28.44 7.59
N LEU A 68 -15.99 27.81 8.75
CA LEU A 68 -15.81 28.47 10.04
C LEU A 68 -14.42 28.10 10.56
N ALA A 69 -13.54 29.08 10.63
CA ALA A 69 -12.16 28.89 11.07
C ALA A 69 -12.00 29.53 12.44
N GLY A 70 -11.80 28.70 13.45
CA GLY A 70 -11.62 29.20 14.80
C GLY A 70 -11.13 28.13 15.75
N PRO A 71 -10.48 28.55 16.83
CA PRO A 71 -9.98 27.59 17.82
C PRO A 71 -11.12 26.84 18.47
N PRO A 72 -10.84 25.73 19.15
CA PRO A 72 -11.90 25.01 19.86
C PRO A 72 -12.41 25.81 21.04
N GLY A 73 -13.65 25.49 21.44
CA GLY A 73 -14.31 26.23 22.49
C GLY A 73 -14.63 27.66 22.09
N THR A 74 -15.14 27.81 20.87
CA THR A 74 -15.43 29.13 20.31
C THR A 74 -16.88 29.31 19.87
N GLY A 75 -17.54 28.28 19.36
CA GLY A 75 -18.93 28.39 18.98
C GLY A 75 -19.24 28.10 17.53
N LYS A 76 -18.40 27.32 16.84
CA LYS A 76 -18.67 27.00 15.44
C LYS A 76 -19.94 26.17 15.29
N THR A 77 -20.06 25.10 16.08
CA THR A 77 -21.28 24.31 16.07
C THR A 77 -22.48 25.11 16.53
N ALA A 78 -22.28 26.00 17.52
CA ALA A 78 -23.36 26.87 17.97
C ALA A 78 -23.81 27.79 16.84
N LEU A 79 -22.85 28.33 16.08
CA LEU A 79 -23.21 29.20 14.96
C LEU A 79 -23.96 28.43 13.88
N ALA A 80 -23.53 27.20 13.59
CA ALA A 80 -24.25 26.39 12.61
C ALA A 80 -25.66 26.08 13.08
N LEU A 81 -25.82 25.76 14.36
CA LEU A 81 -27.16 25.52 14.90
C LEU A 81 -28.01 26.78 14.82
N ALA A 82 -27.41 27.94 15.09
CA ALA A 82 -28.15 29.20 14.98
C ALA A 82 -28.60 29.45 13.55
N ILE A 83 -27.73 29.18 12.57
CA ILE A 83 -28.12 29.33 11.17
C ILE A 83 -29.27 28.40 10.83
N ALA A 84 -29.17 27.14 11.27
CA ALA A 84 -30.24 26.18 11.00
C ALA A 84 -31.56 26.61 11.61
N GLN A 85 -31.52 27.12 12.84
CA GLN A 85 -32.74 27.59 13.49
C GLN A 85 -33.29 28.84 12.83
N GLU A 86 -32.42 29.71 12.32
CA GLU A 86 -32.88 30.94 11.69
C GLU A 86 -33.48 30.66 10.32
N LEU A 87 -33.00 29.64 9.62
CA LEU A 87 -33.51 29.36 8.27
C LEU A 87 -34.96 28.90 8.28
N GLY A 88 -35.47 28.41 9.40
CA GLY A 88 -36.86 27.97 9.45
C GLY A 88 -37.19 27.44 10.82
N SER A 89 -38.49 27.16 11.00
CA SER A 89 -38.98 26.71 12.30
C SER A 89 -38.36 25.37 12.68
N LYS A 90 -38.33 24.42 11.75
CA LYS A 90 -37.84 23.07 12.01
C LYS A 90 -36.90 22.61 10.89
N VAL A 91 -36.00 23.48 10.46
CA VAL A 91 -35.03 23.10 9.43
C VAL A 91 -34.08 22.06 10.00
N PRO A 92 -33.89 20.92 9.34
CA PRO A 92 -33.00 19.88 9.88
C PRO A 92 -31.56 20.34 9.97
N PHE A 93 -30.87 19.83 10.98
CA PHE A 93 -29.46 20.13 11.21
C PHE A 93 -28.75 18.83 11.57
N CYS A 94 -27.75 18.46 10.78
CA CYS A 94 -27.02 17.21 11.00
C CYS A 94 -25.54 17.52 11.22
N PRO A 95 -25.07 17.51 12.45
CA PRO A 95 -23.63 17.65 12.70
C PRO A 95 -22.90 16.36 12.40
N MET A 96 -21.62 16.49 12.09
CA MET A 96 -20.81 15.36 11.66
C MET A 96 -19.34 15.73 11.76
N VAL A 97 -18.53 14.79 12.24
CA VAL A 97 -17.09 14.97 12.31
C VAL A 97 -16.46 14.19 11.16
N GLY A 98 -15.43 14.76 10.55
CA GLY A 98 -14.82 14.14 9.39
C GLY A 98 -14.29 12.76 9.69
N SER A 99 -13.68 12.57 10.86
CA SER A 99 -13.09 11.28 11.20
C SER A 99 -14.11 10.15 11.18
N GLU A 100 -15.40 10.46 11.31
CA GLU A 100 -16.42 9.43 11.30
C GLU A 100 -16.64 8.82 9.92
N VAL A 101 -16.11 9.42 8.85
CA VAL A 101 -16.28 8.81 7.54
C VAL A 101 -15.44 7.56 7.39
N TYR A 102 -14.49 7.31 8.30
CA TYR A 102 -13.62 6.15 8.21
C TYR A 102 -14.24 5.00 8.99
N SER A 103 -14.97 4.15 8.28
CA SER A 103 -15.53 2.94 8.85
C SER A 103 -15.40 1.81 7.82
N THR A 104 -15.43 0.57 8.30
CA THR A 104 -15.27 -0.59 7.44
C THR A 104 -16.59 -1.27 7.10
N GLU A 105 -17.52 -1.37 8.06
CA GLU A 105 -18.76 -2.09 7.80
C GLU A 105 -19.70 -1.31 6.87
N ILE A 106 -19.49 -0.01 6.70
CA ILE A 106 -20.15 0.78 5.67
C ILE A 106 -19.10 1.59 4.94
N LYS A 107 -19.17 1.62 3.61
CA LYS A 107 -18.23 2.40 2.84
C LYS A 107 -18.46 3.90 3.06
N LYS A 108 -17.45 4.68 2.68
CA LYS A 108 -17.55 6.14 2.83
C LYS A 108 -18.74 6.70 2.07
N THR A 109 -19.10 6.06 0.95
CA THR A 109 -20.29 6.45 0.21
C THR A 109 -21.52 6.40 1.11
N GLU A 110 -21.68 5.31 1.85
CA GLU A 110 -22.85 5.17 2.72
C GLU A 110 -22.85 6.21 3.82
N VAL A 111 -21.69 6.51 4.40
CA VAL A 111 -21.63 7.46 5.51
C VAL A 111 -22.00 8.86 5.03
N LEU A 112 -21.38 9.30 3.93
CA LEU A 112 -21.74 10.59 3.37
C LEU A 112 -23.19 10.61 2.91
N MET A 113 -23.69 9.47 2.42
CA MET A 113 -25.07 9.35 1.97
C MET A 113 -26.01 9.65 3.13
N GLU A 114 -25.83 8.92 4.23
CA GLU A 114 -26.70 9.05 5.39
C GLU A 114 -26.59 10.44 5.99
N ASN A 115 -25.38 11.01 6.02
CA ASN A 115 -25.24 12.37 6.55
C ASN A 115 -25.99 13.37 5.68
N PHE A 116 -25.96 13.19 4.35
CA PHE A 116 -26.65 14.14 3.48
C PHE A 116 -28.17 13.99 3.58
N ARG A 117 -28.67 12.76 3.65
CA ARG A 117 -30.12 12.60 3.80
C ARG A 117 -30.63 13.03 5.16
N ARG A 118 -29.74 13.23 6.14
CA ARG A 118 -30.16 13.69 7.45
C ARG A 118 -30.37 15.20 7.52
N ALA A 119 -29.97 15.93 6.49
CA ALA A 119 -30.14 17.38 6.47
C ALA A 119 -31.26 17.85 5.55
N ILE A 120 -31.66 17.05 4.58
CA ILE A 120 -32.71 17.41 3.63
C ILE A 120 -34.04 16.98 4.23
N GLY A 121 -34.86 17.94 4.64
CA GLY A 121 -36.10 17.65 5.31
C GLY A 121 -37.31 17.72 4.40
N LEU A 122 -38.42 17.19 4.90
CA LEU A 122 -39.69 17.16 4.18
C LEU A 122 -40.80 17.57 5.14
N ARG A 123 -41.40 18.73 4.91
CA ARG A 123 -42.57 19.16 5.66
C ARG A 123 -43.80 18.58 4.97
N ILE A 124 -44.37 17.53 5.55
CA ILE A 124 -45.50 16.83 4.96
C ILE A 124 -46.77 17.39 5.58
N LYS A 125 -47.68 17.84 4.73
CA LYS A 125 -48.97 18.39 5.17
C LYS A 125 -50.04 17.38 4.77
N GLU A 126 -50.54 16.62 5.75
CA GLU A 126 -51.48 15.54 5.49
C GLU A 126 -52.88 15.94 5.91
N THR A 127 -53.86 15.70 5.03
CA THR A 127 -55.26 15.96 5.33
C THR A 127 -55.81 14.80 6.15
N LYS A 128 -56.03 15.02 7.44
CA LYS A 128 -56.47 13.97 8.34
C LYS A 128 -57.66 14.41 9.16
N GLU A 129 -58.56 13.45 9.42
CA GLU A 129 -59.55 13.59 10.48
C GLU A 129 -58.88 13.26 11.81
N VAL A 130 -59.01 14.17 12.77
CA VAL A 130 -58.20 14.09 13.99
C VAL A 130 -59.08 14.18 15.23
N TYR A 131 -58.45 14.27 16.39
CA TYR A 131 -59.11 14.50 17.67
C TYR A 131 -58.56 15.79 18.27
N GLU A 132 -58.58 16.87 17.48
CA GLU A 132 -58.19 18.18 17.98
C GLU A 132 -59.44 18.87 18.53
N GLY A 133 -59.47 19.03 19.85
CA GLY A 133 -60.64 19.65 20.48
C GLY A 133 -60.44 19.78 21.97
N GLU A 134 -61.46 20.33 22.62
CA GLU A 134 -61.44 20.60 24.05
C GLU A 134 -61.95 19.38 24.81
N VAL A 135 -61.23 19.01 25.86
CA VAL A 135 -61.58 17.85 26.69
C VAL A 135 -62.48 18.33 27.81
N THR A 136 -63.78 18.08 27.69
CA THR A 136 -64.72 18.51 28.72
C THR A 136 -64.71 17.55 29.92
N GLU A 137 -64.84 16.25 29.66
CA GLU A 137 -64.89 15.25 30.72
C GLU A 137 -63.98 14.09 30.35
N LEU A 138 -63.44 13.44 31.38
CA LEU A 138 -62.55 12.28 31.20
C LEU A 138 -62.94 11.25 32.25
N THR A 139 -63.72 10.25 31.82
CA THR A 139 -64.17 9.18 32.72
C THR A 139 -63.70 7.83 32.19
N PRO A 140 -62.60 7.29 32.70
CA PRO A 140 -62.13 5.97 32.25
C PRO A 140 -63.04 4.86 32.79
N CYS A 141 -63.83 4.28 31.90
CA CYS A 141 -64.77 3.24 32.29
C CYS A 141 -64.62 1.99 31.44
N HIS A 156 -63.65 1.87 28.42
CA HIS A 156 -62.48 2.73 28.58
C HIS A 156 -61.69 2.84 27.28
N VAL A 157 -61.23 4.04 26.95
CA VAL A 157 -61.50 5.23 27.76
C VAL A 157 -62.40 6.19 26.99
N ILE A 158 -63.61 6.38 27.49
CA ILE A 158 -64.54 7.32 26.85
C ILE A 158 -64.16 8.74 27.28
N ILE A 159 -64.01 9.63 26.30
CA ILE A 159 -63.62 11.01 26.53
C ILE A 159 -64.63 11.91 25.84
N GLY A 160 -65.07 12.95 26.54
CA GLY A 160 -65.96 13.94 25.97
C GLY A 160 -65.20 15.09 25.36
N LEU A 161 -65.36 15.30 24.05
CA LEU A 161 -64.68 16.37 23.33
C LEU A 161 -65.74 17.35 22.84
N LYS A 162 -65.56 18.63 23.18
CA LYS A 162 -66.53 19.67 22.84
C LYS A 162 -65.97 20.52 21.70
N THR A 163 -66.60 20.42 20.53
CA THR A 163 -66.25 21.23 19.38
C THR A 163 -67.48 21.94 18.83
N ALA A 164 -67.36 22.49 17.62
CA ALA A 164 -68.46 23.27 17.04
C ALA A 164 -69.74 22.45 16.95
N LYS A 165 -69.63 21.18 16.54
CA LYS A 165 -70.81 20.33 16.47
C LYS A 165 -71.39 20.07 17.85
N GLY A 166 -70.54 19.85 18.85
CA GLY A 166 -71.00 19.63 20.20
C GLY A 166 -70.07 18.69 20.93
N THR A 167 -70.59 18.13 22.02
CA THR A 167 -69.84 17.19 22.84
C THR A 167 -70.01 15.78 22.29
N LYS A 168 -68.89 15.12 22.00
CA LYS A 168 -68.88 13.76 21.47
C LYS A 168 -68.12 12.86 22.43
N GLN A 169 -68.68 11.69 22.73
CA GLN A 169 -68.02 10.69 23.55
C GLN A 169 -67.27 9.74 22.62
N LEU A 170 -65.95 9.72 22.72
CA LEU A 170 -65.11 8.94 21.83
C LEU A 170 -64.28 7.95 22.63
N LYS A 171 -64.06 6.77 22.04
CA LYS A 171 -63.31 5.71 22.67
C LYS A 171 -61.82 5.87 22.40
N LEU A 172 -61.00 5.68 23.44
CA LEU A 172 -59.56 5.75 23.33
C LEU A 172 -58.93 4.43 23.78
N ASP A 173 -57.91 4.01 23.05
CA ASP A 173 -57.14 2.83 23.46
C ASP A 173 -56.38 3.15 24.75
N PRO A 174 -56.12 2.13 25.58
CA PRO A 174 -55.31 2.38 26.78
C PRO A 174 -53.95 2.99 26.49
N SER A 175 -53.33 2.65 25.36
CA SER A 175 -52.08 3.31 24.97
C SER A 175 -52.32 4.79 24.72
N ILE A 176 -53.43 5.14 24.08
CA ILE A 176 -53.76 6.54 23.85
C ILE A 176 -54.03 7.24 25.18
N PHE A 177 -54.64 6.53 26.13
CA PHE A 177 -54.84 7.11 27.47
C PHE A 177 -53.50 7.36 28.16
N GLU A 178 -52.55 6.43 28.00
CA GLU A 178 -51.21 6.66 28.53
C GLU A 178 -50.55 7.86 27.89
N SER A 179 -50.70 8.02 26.58
CA SER A 179 -50.15 9.19 25.90
C SER A 179 -50.81 10.47 26.40
N LEU A 180 -52.12 10.44 26.62
CA LEU A 180 -52.81 11.62 27.15
C LEU A 180 -52.31 11.98 28.54
N GLN A 181 -52.11 10.99 29.40
CA GLN A 181 -51.57 11.25 30.73
C GLN A 181 -50.14 11.78 30.65
N LYS A 182 -49.34 11.23 29.73
CA LYS A 182 -47.97 11.68 29.57
C LYS A 182 -47.91 13.11 29.03
N GLU A 183 -48.93 13.52 28.28
CA GLU A 183 -48.99 14.88 27.77
C GLU A 183 -49.55 15.87 28.78
N ARG A 184 -49.95 15.40 29.96
CA ARG A 184 -50.49 16.25 31.02
C ARG A 184 -51.71 17.05 30.53
N VAL A 185 -52.74 16.32 30.13
CA VAL A 185 -53.97 16.92 29.63
C VAL A 185 -54.98 16.98 30.76
N GLU A 186 -55.55 18.16 30.98
CA GLU A 186 -56.55 18.39 32.01
C GLU A 186 -57.85 18.87 31.38
N ALA A 187 -58.88 19.01 32.21
CA ALA A 187 -60.21 19.36 31.73
C ALA A 187 -60.24 20.81 31.25
N GLY A 188 -60.44 21.00 29.96
CA GLY A 188 -60.52 22.33 29.39
C GLY A 188 -59.32 22.70 28.53
N ASP A 189 -58.76 21.71 27.83
CA ASP A 189 -57.59 21.91 26.98
C ASP A 189 -57.94 21.50 25.56
N VAL A 190 -57.66 22.37 24.59
CA VAL A 190 -57.79 22.02 23.19
C VAL A 190 -56.52 21.27 22.80
N ILE A 191 -56.58 19.95 22.87
CA ILE A 191 -55.45 19.09 22.56
C ILE A 191 -55.75 18.31 21.29
N TYR A 192 -54.68 17.82 20.66
CA TYR A 192 -54.74 17.19 19.35
C TYR A 192 -54.31 15.73 19.48
N ILE A 193 -55.23 14.81 19.21
CA ILE A 193 -54.90 13.40 19.12
C ILE A 193 -55.07 12.96 17.67
N GLU A 194 -54.50 11.82 17.33
CA GLU A 194 -54.64 11.24 16.00
C GLU A 194 -55.76 10.21 15.99
N ALA A 195 -56.63 10.31 14.99
CA ALA A 195 -57.77 9.39 14.89
C ALA A 195 -57.46 8.17 14.03
N ASN A 196 -56.54 8.29 13.08
CA ASN A 196 -56.20 7.15 12.24
C ASN A 196 -55.36 6.13 13.00
N SER A 197 -54.39 6.59 13.78
CA SER A 197 -53.51 5.70 14.55
C SER A 197 -53.60 5.94 16.04
N GLY A 198 -53.51 7.19 16.48
CA GLY A 198 -53.58 7.49 17.90
C GLY A 198 -52.29 8.03 18.49
N ALA A 199 -52.23 9.34 18.71
CA ALA A 199 -51.07 9.97 19.30
C ALA A 199 -51.48 11.33 19.86
N VAL A 200 -51.27 11.52 21.17
CA VAL A 200 -51.69 12.74 21.85
C VAL A 200 -50.57 13.76 21.79
N LYS A 201 -50.92 14.99 21.40
CA LYS A 201 -49.98 16.10 21.35
C LYS A 201 -50.61 17.32 22.00
N ARG A 202 -49.84 18.01 22.84
CA ARG A 202 -50.34 19.16 23.58
C ARG A 202 -50.22 20.41 22.70
N GLN A 203 -51.36 20.90 22.22
CA GLN A 203 -51.39 22.08 21.36
C GLN A 203 -51.76 23.36 22.12
N GLY A 204 -52.71 23.29 23.04
CA GLY A 204 -53.11 24.47 23.77
C GLY A 204 -54.36 24.22 24.58
N ARG A 205 -55.04 25.32 24.92
CA ARG A 205 -56.25 25.29 25.73
C ARG A 205 -57.42 25.88 24.93
N CYS A 206 -58.55 26.07 25.60
CA CYS A 206 -59.76 26.58 24.97
C CYS A 206 -60.03 28.01 25.42
N ASP A 207 -60.58 28.80 24.49
CA ASP A 207 -60.95 30.18 24.78
C ASP A 207 -62.19 30.28 25.64
N THR A 208 -62.89 29.17 25.88
CA THR A 208 -64.03 29.20 26.81
C THR A 208 -63.59 29.55 28.22
N TYR A 209 -62.34 29.27 28.56
CA TYR A 209 -61.77 29.60 29.87
C TYR A 209 -60.60 30.55 29.74
N ALA A 210 -60.56 31.33 28.66
CA ALA A 210 -59.42 32.19 28.37
C ALA A 210 -59.40 33.41 29.30
N THR A 211 -58.19 33.81 29.69
CA THR A 211 -57.98 35.00 30.49
C THR A 211 -57.56 36.15 29.58
N GLU A 212 -57.11 37.26 30.17
CA GLU A 212 -56.69 38.41 29.40
C GLU A 212 -55.47 38.10 28.55
N PHE A 213 -54.45 37.47 29.15
CA PHE A 213 -53.22 37.21 28.44
C PHE A 213 -53.33 36.05 27.45
N ASP A 214 -54.39 35.25 27.54
CA ASP A 214 -54.63 34.16 26.60
C ASP A 214 -55.60 34.64 25.53
N LEU A 215 -55.07 34.89 24.32
CA LEU A 215 -55.86 35.39 23.22
C LEU A 215 -56.29 34.25 22.30
N GLU A 216 -56.87 34.58 21.16
CA GLU A 216 -57.32 33.62 20.17
C GLU A 216 -56.24 33.43 19.11
N ALA A 217 -56.33 32.30 18.39
CA ALA A 217 -55.35 31.93 17.37
C ALA A 217 -53.94 31.92 17.94
N GLU A 218 -53.81 31.41 19.16
CA GLU A 218 -52.55 31.40 19.90
C GLU A 218 -52.56 30.15 20.77
N GLU A 219 -51.71 30.15 21.81
CA GLU A 219 -51.67 29.05 22.77
C GLU A 219 -53.04 28.72 23.36
N TYR A 220 -54.01 29.63 23.26
CA TYR A 220 -55.41 29.34 23.50
C TYR A 220 -56.14 29.38 22.17
N VAL A 221 -56.84 28.29 21.86
CA VAL A 221 -57.56 28.15 20.59
C VAL A 221 -59.06 28.19 20.89
N PRO A 222 -59.87 28.90 20.11
CA PRO A 222 -61.32 28.93 20.38
C PRO A 222 -61.98 27.60 20.07
N LEU A 223 -63.31 27.55 20.19
CA LEU A 223 -64.08 26.34 19.90
C LEU A 223 -63.73 25.81 18.52
N PRO A 224 -63.16 24.60 18.43
CA PRO A 224 -62.74 24.07 17.13
C PRO A 224 -63.88 24.01 16.12
N LYS A 225 -63.77 24.78 15.06
CA LYS A 225 -64.82 24.82 14.05
C LYS A 225 -64.89 23.50 13.29
N GLY A 226 -66.09 23.14 12.86
CA GLY A 226 -66.32 21.87 12.21
C GLY A 226 -66.76 20.79 13.17
N ASP A 227 -65.82 19.95 13.59
CA ASP A 227 -66.11 18.86 14.52
C ASP A 227 -64.79 18.44 15.16
N VAL A 228 -64.88 17.41 16.02
CA VAL A 228 -63.66 16.79 16.54
C VAL A 228 -62.84 16.23 15.39
N HIS A 229 -63.49 15.52 14.47
CA HIS A 229 -62.85 14.99 13.27
C HIS A 229 -62.73 16.11 12.24
N LYS A 230 -61.83 17.04 12.52
CA LYS A 230 -61.54 18.13 11.59
C LYS A 230 -60.54 17.62 10.56
N LYS A 231 -61.05 17.24 9.39
CA LYS A 231 -60.19 16.76 8.32
C LYS A 231 -59.39 17.93 7.75
N LYS A 232 -58.19 18.14 8.27
CA LYS A 232 -57.44 19.37 8.03
C LYS A 232 -55.99 19.02 7.71
N GLU A 233 -55.27 20.01 7.18
CA GLU A 233 -53.85 19.91 6.89
C GLU A 233 -53.07 19.93 8.20
N ILE A 234 -52.62 18.77 8.66
CA ILE A 234 -51.70 18.68 9.78
C ILE A 234 -50.29 18.71 9.25
N ILE A 235 -49.46 19.59 9.81
CA ILE A 235 -48.08 19.77 9.39
C ILE A 235 -47.21 18.88 10.26
N GLN A 236 -46.42 18.01 9.63
CA GLN A 236 -45.55 17.09 10.36
C GLN A 236 -44.27 16.97 9.56
N ASP A 237 -43.13 17.08 10.23
CA ASP A 237 -41.83 17.21 9.56
C ASP A 237 -41.03 15.93 9.70
N VAL A 238 -40.51 15.43 8.58
CA VAL A 238 -39.67 14.25 8.55
C VAL A 238 -38.34 14.61 7.90
N THR A 239 -37.41 13.66 7.95
CA THR A 239 -36.14 13.75 7.26
C THR A 239 -35.99 12.50 6.40
N LEU A 240 -35.20 12.60 5.34
CA LEU A 240 -35.08 11.47 4.42
C LEU A 240 -34.58 10.22 5.14
N HIS A 241 -33.58 10.37 6.01
CA HIS A 241 -33.11 9.23 6.79
C HIS A 241 -34.20 8.67 7.68
N ASP A 242 -35.16 9.52 8.08
CA ASP A 242 -36.28 9.02 8.87
C ASP A 242 -37.14 8.05 8.08
N LEU A 243 -37.41 8.34 6.79
CA LEU A 243 -38.16 7.38 5.99
C LEU A 243 -37.30 6.17 5.63
N ASP A 244 -35.98 6.34 5.50
CA ASP A 244 -35.13 5.17 5.28
C ASP A 244 -35.17 4.22 6.47
N VAL A 245 -35.16 4.75 7.69
CA VAL A 245 -35.22 3.88 8.86
C VAL A 245 -36.65 3.45 9.20
N ALA A 246 -37.66 4.13 8.66
CA ALA A 246 -39.05 3.77 8.89
C ALA A 246 -39.58 2.83 7.81
N ASN A 247 -38.76 2.44 6.85
CA ASN A 247 -39.15 1.49 5.82
C ASN A 247 -38.35 0.19 5.86
N ALA A 248 -37.21 0.18 6.54
CA ALA A 248 -36.46 -1.06 6.72
C ALA A 248 -37.11 -1.98 7.75
N ARG A 249 -38.10 -1.50 8.49
CA ARG A 249 -38.79 -2.31 9.49
C ARG A 249 -39.72 -3.32 8.83
N THR A 272 -29.78 -1.08 1.28
CA THR A 272 -29.49 -1.15 -0.14
C THR A 272 -30.19 -0.02 -0.89
N ASP A 273 -29.92 0.06 -2.20
CA ASP A 273 -30.52 1.11 -3.03
C ASP A 273 -31.99 0.85 -3.35
N LYS A 274 -32.51 -0.34 -3.04
CA LYS A 274 -33.93 -0.60 -3.24
C LYS A 274 -34.77 0.33 -2.37
N LEU A 275 -34.42 0.44 -1.09
CA LEU A 275 -35.12 1.36 -0.20
C LEU A 275 -34.91 2.81 -0.61
N ARG A 276 -33.71 3.13 -1.10
CA ARG A 276 -33.45 4.48 -1.61
C ARG A 276 -34.38 4.82 -2.75
N GLY A 277 -34.53 3.90 -3.71
CA GLY A 277 -35.43 4.15 -4.82
C GLY A 277 -36.89 4.22 -4.39
N GLU A 278 -37.28 3.36 -3.45
CA GLU A 278 -38.66 3.39 -2.95
C GLU A 278 -38.96 4.73 -2.29
N ILE A 279 -38.05 5.22 -1.45
CA ILE A 279 -38.24 6.49 -0.79
C ILE A 279 -38.24 7.63 -1.81
N ASN A 280 -37.38 7.55 -2.82
CA ASN A 280 -37.35 8.58 -3.86
C ASN A 280 -38.67 8.64 -4.60
N LYS A 281 -39.23 7.48 -4.95
CA LYS A 281 -40.52 7.46 -5.65
C LYS A 281 -41.64 7.97 -4.76
N VAL A 282 -41.61 7.61 -3.47
CA VAL A 282 -42.64 8.11 -2.55
C VAL A 282 -42.57 9.63 -2.44
N VAL A 283 -41.35 10.17 -2.32
CA VAL A 283 -41.19 11.62 -2.23
C VAL A 283 -41.63 12.28 -3.53
N ASN A 284 -41.32 11.67 -4.68
CA ASN A 284 -41.76 12.20 -5.96
C ASN A 284 -43.28 12.26 -6.02
N LYS A 285 -43.95 11.20 -5.58
CA LYS A 285 -45.41 11.19 -5.58
C LYS A 285 -45.97 12.28 -4.67
N TYR A 286 -45.39 12.42 -3.47
CA TYR A 286 -45.87 13.45 -2.54
C TYR A 286 -45.68 14.85 -3.11
N ILE A 287 -44.52 15.10 -3.73
CA ILE A 287 -44.27 16.41 -4.34
C ILE A 287 -45.24 16.65 -5.50
N ASP A 288 -45.52 15.59 -6.27
CA ASP A 288 -46.42 15.73 -7.41
C ASP A 288 -47.84 16.08 -6.95
N GLN A 289 -48.28 15.50 -5.84
CA GLN A 289 -49.57 15.92 -5.29
C GLN A 289 -49.54 17.38 -4.87
N GLY A 290 -48.42 17.84 -4.34
CA GLY A 290 -48.32 19.16 -3.77
C GLY A 290 -48.64 19.24 -2.29
N ILE A 291 -48.67 18.10 -1.60
CA ILE A 291 -48.98 18.06 -0.17
C ILE A 291 -47.74 18.16 0.71
N ALA A 292 -46.55 18.06 0.14
CA ALA A 292 -45.32 18.10 0.90
C ALA A 292 -44.36 19.12 0.31
N GLU A 293 -43.52 19.70 1.16
CA GLU A 293 -42.55 20.70 0.75
C GLU A 293 -41.16 20.21 1.13
N LEU A 294 -40.27 20.15 0.13
CA LEU A 294 -38.92 19.64 0.32
C LEU A 294 -38.01 20.80 0.72
N VAL A 295 -37.54 20.80 1.96
CA VAL A 295 -36.80 21.93 2.52
C VAL A 295 -35.32 21.53 2.61
N PRO A 296 -34.41 22.34 2.08
CA PRO A 296 -32.98 22.08 2.30
C PRO A 296 -32.54 22.55 3.67
N GLY A 297 -31.66 21.78 4.30
CA GLY A 297 -31.21 22.08 5.63
C GLY A 297 -29.74 22.47 5.71
N VAL A 298 -29.09 22.09 6.79
CA VAL A 298 -27.68 22.41 7.02
C VAL A 298 -26.93 21.13 7.34
N LEU A 299 -25.77 20.96 6.72
CA LEU A 299 -24.88 19.83 7.00
C LEU A 299 -23.58 20.38 7.57
N PHE A 300 -23.38 20.19 8.86
CA PHE A 300 -22.16 20.65 9.52
C PHE A 300 -21.09 19.58 9.46
N VAL A 301 -19.87 19.99 9.13
CA VAL A 301 -18.74 19.08 9.00
C VAL A 301 -17.61 19.66 9.84
N ASP A 302 -17.46 19.17 11.07
CA ASP A 302 -16.39 19.57 11.96
C ASP A 302 -15.15 18.74 11.65
N GLU A 303 -13.98 19.36 11.83
CA GLU A 303 -12.70 18.71 11.56
C GLU A 303 -12.61 18.28 10.10
N VAL A 304 -12.66 19.29 9.22
CA VAL A 304 -12.70 19.03 7.79
C VAL A 304 -11.38 18.48 7.26
N HIS A 305 -10.28 18.68 7.98
CA HIS A 305 -8.98 18.20 7.50
C HIS A 305 -8.87 16.68 7.54
N MET A 306 -9.82 15.99 8.18
CA MET A 306 -9.80 14.54 8.27
C MET A 306 -10.53 13.87 7.11
N LEU A 307 -10.97 14.64 6.13
CA LEU A 307 -11.62 14.10 4.95
C LEU A 307 -10.62 13.97 3.81
N ASP A 308 -10.67 12.85 3.12
CA ASP A 308 -9.83 12.66 1.94
C ASP A 308 -10.30 13.56 0.81
N ILE A 309 -9.38 13.89 -0.10
CA ILE A 309 -9.77 14.53 -1.34
C ILE A 309 -10.75 13.64 -2.10
N GLU A 310 -10.61 12.33 -1.93
CA GLU A 310 -11.53 11.38 -2.53
C GLU A 310 -12.95 11.65 -2.05
N CYS A 311 -13.11 12.00 -0.77
CA CYS A 311 -14.42 12.39 -0.25
C CYS A 311 -14.77 13.82 -0.59
N PHE A 312 -13.77 14.70 -0.71
CA PHE A 312 -14.04 16.09 -1.06
C PHE A 312 -14.65 16.22 -2.44
N THR A 313 -14.26 15.34 -3.37
CA THR A 313 -14.86 15.38 -4.69
C THR A 313 -16.35 15.07 -4.62
N TYR A 314 -16.73 14.05 -3.84
CA TYR A 314 -18.14 13.77 -3.60
C TYR A 314 -18.83 14.95 -2.94
N LEU A 315 -18.16 15.58 -1.97
CA LEU A 315 -18.76 16.71 -1.26
C LEU A 315 -19.05 17.85 -2.22
N HIS A 316 -18.10 18.14 -3.12
CA HIS A 316 -18.32 19.18 -4.13
C HIS A 316 -19.46 18.79 -5.07
N ARG A 317 -19.46 17.55 -5.55
CA ARG A 317 -20.49 17.14 -6.50
C ARG A 317 -21.88 17.22 -5.89
N ALA A 318 -22.04 16.83 -4.63
CA ALA A 318 -23.35 16.81 -4.00
C ALA A 318 -23.91 18.21 -3.78
N LEU A 319 -23.06 19.20 -3.51
CA LEU A 319 -23.53 20.55 -3.24
C LEU A 319 -23.87 21.33 -4.51
N GLU A 320 -23.52 20.82 -5.69
CA GLU A 320 -23.87 21.49 -6.93
C GLU A 320 -25.34 21.33 -7.29
N SER A 321 -26.02 20.33 -6.73
CA SER A 321 -27.41 20.05 -7.06
C SER A 321 -28.31 21.25 -6.77
N SER A 322 -29.44 21.29 -7.46
CA SER A 322 -30.40 22.38 -7.27
C SER A 322 -30.87 22.44 -5.81
N ILE A 323 -31.30 21.31 -5.27
CA ILE A 323 -31.61 21.20 -3.86
C ILE A 323 -30.46 20.49 -3.16
N ALA A 324 -29.91 21.11 -2.13
CA ALA A 324 -28.77 20.59 -1.39
C ALA A 324 -28.58 21.40 -0.11
N PRO A 325 -28.28 20.76 1.01
CA PRO A 325 -28.09 21.51 2.25
C PRO A 325 -26.87 22.40 2.18
N ILE A 326 -26.95 23.54 2.87
CA ILE A 326 -25.79 24.40 3.00
C ILE A 326 -24.71 23.64 3.77
N VAL A 327 -23.52 23.56 3.19
CA VAL A 327 -22.44 22.77 3.74
C VAL A 327 -21.52 23.73 4.48
N ILE A 328 -21.49 23.62 5.80
CA ILE A 328 -20.63 24.46 6.64
C ILE A 328 -19.51 23.59 7.20
N PHE A 329 -18.29 23.86 6.76
CA PHE A 329 -17.10 23.23 7.30
C PHE A 329 -16.67 23.95 8.57
N ALA A 330 -15.90 23.24 9.39
CA ALA A 330 -15.27 23.84 10.56
C ALA A 330 -13.84 23.36 10.63
N SER A 331 -12.92 24.29 10.88
CA SER A 331 -11.51 23.93 10.92
C SER A 331 -10.80 24.76 11.98
N ASN A 332 -9.88 24.11 12.68
CA ASN A 332 -8.99 24.78 13.63
C ASN A 332 -7.53 24.52 13.27
N ARG A 333 -7.25 24.37 11.98
CA ARG A 333 -5.92 24.06 11.50
C ARG A 333 -5.58 24.97 10.33
N GLY A 334 -4.29 25.32 10.22
CA GLY A 334 -3.84 26.16 9.12
C GLY A 334 -3.51 25.35 7.88
N ASN A 335 -2.34 25.59 7.31
CA ASN A 335 -1.89 24.80 6.18
C ASN A 335 -1.65 23.36 6.62
N CYS A 336 -2.16 22.41 5.85
CA CYS A 336 -1.99 21.00 6.18
C CYS A 336 -2.12 20.15 4.93
N VAL A 337 -1.67 18.91 5.04
CA VAL A 337 -1.63 18.00 3.90
C VAL A 337 -3.04 17.47 3.64
N ILE A 338 -3.47 17.56 2.38
CA ILE A 338 -4.73 16.93 1.99
C ILE A 338 -4.58 15.44 2.13
N ARG A 339 -5.42 14.83 2.95
CA ARG A 339 -5.35 13.39 3.16
C ARG A 339 -5.73 12.65 1.88
N GLY A 340 -4.93 11.66 1.52
CA GLY A 340 -5.10 10.90 0.30
C GLY A 340 -4.15 11.28 -0.81
N THR A 341 -3.48 12.42 -0.71
CA THR A 341 -2.47 12.82 -1.68
C THR A 341 -1.05 12.64 -1.17
N GLU A 342 -0.84 12.75 0.14
CA GLU A 342 0.41 12.43 0.82
C GLU A 342 1.49 13.47 0.56
N ASP A 343 1.27 14.36 -0.39
CA ASP A 343 2.28 15.38 -0.66
C ASP A 343 1.71 16.80 -0.73
N ILE A 344 0.50 16.96 -1.26
CA ILE A 344 -0.02 18.28 -1.56
C ILE A 344 -0.55 18.92 -0.28
N THR A 345 0.01 20.07 0.09
CA THR A 345 -0.47 20.84 1.21
C THR A 345 -1.42 21.92 0.71
N SER A 346 -2.31 22.36 1.59
CA SER A 346 -3.36 23.29 1.22
C SER A 346 -3.89 23.95 2.48
N PRO A 347 -4.51 25.13 2.35
CA PRO A 347 -5.19 25.73 3.51
C PRO A 347 -6.35 24.86 3.98
N HIS A 348 -6.32 24.50 5.27
CA HIS A 348 -7.38 23.77 5.95
C HIS A 348 -7.63 22.39 5.35
N GLY A 349 -6.68 21.88 4.55
CA GLY A 349 -6.83 20.56 3.97
C GLY A 349 -7.99 20.40 3.02
N ILE A 350 -8.36 21.46 2.32
CA ILE A 350 -9.46 21.44 1.36
C ILE A 350 -8.87 21.65 -0.03
N PRO A 351 -9.13 20.76 -0.98
CA PRO A 351 -8.61 20.97 -2.34
C PRO A 351 -9.14 22.27 -2.92
N LEU A 352 -8.30 22.92 -3.71
CA LEU A 352 -8.62 24.26 -4.22
C LEU A 352 -9.82 24.26 -5.15
N ASP A 353 -10.26 23.11 -5.63
CA ASP A 353 -11.46 23.03 -6.45
C ASP A 353 -12.74 23.21 -5.65
N LEU A 354 -12.76 22.79 -4.39
CA LEU A 354 -13.91 22.99 -3.52
C LEU A 354 -13.75 24.25 -2.67
N LEU A 355 -12.54 24.51 -2.19
CA LEU A 355 -12.29 25.72 -1.41
C LEU A 355 -12.53 26.98 -2.24
N ASP A 356 -12.58 26.83 -3.57
CA ASP A 356 -12.90 27.96 -4.44
C ASP A 356 -14.27 28.53 -4.13
N ARG A 357 -15.27 27.66 -3.94
CA ARG A 357 -16.64 28.08 -3.69
C ARG A 357 -16.92 28.31 -2.20
N VAL A 358 -15.89 28.58 -1.41
CA VAL A 358 -16.00 28.66 0.03
C VAL A 358 -15.63 30.07 0.48
N MET A 359 -16.51 30.68 1.28
CA MET A 359 -16.25 31.95 1.93
C MET A 359 -16.18 31.72 3.44
N ILE A 360 -15.21 32.36 4.09
CA ILE A 360 -14.73 31.96 5.41
C ILE A 360 -15.16 33.00 6.44
N ILE A 361 -15.74 32.54 7.54
CA ILE A 361 -16.03 33.37 8.70
C ILE A 361 -15.08 32.99 9.82
N ARG A 362 -14.50 34.00 10.45
CA ARG A 362 -13.49 33.81 11.48
C ARG A 362 -14.09 34.02 12.87
N THR A 363 -13.98 33.01 13.72
CA THR A 363 -14.53 33.01 15.07
C THR A 363 -13.40 32.84 16.08
N MET A 364 -13.52 33.49 17.23
CA MET A 364 -12.40 33.68 18.15
C MET A 364 -12.77 33.39 19.59
N LEU A 365 -11.75 33.54 20.46
CA LEU A 365 -11.90 33.27 21.88
C LEU A 365 -12.88 34.24 22.52
N TYR A 366 -13.50 33.78 23.60
CA TYR A 366 -14.37 34.61 24.41
C TYR A 366 -13.57 35.33 25.48
N THR A 367 -14.03 36.51 25.86
CA THR A 367 -13.52 37.20 27.03
C THR A 367 -14.18 36.64 28.29
N PRO A 368 -13.56 36.80 29.46
CA PRO A 368 -14.11 36.15 30.66
C PRO A 368 -15.55 36.53 30.97
N GLN A 369 -15.97 37.76 30.66
CA GLN A 369 -17.36 38.15 30.92
C GLN A 369 -18.33 37.34 30.08
N GLU A 370 -18.10 37.25 28.78
CA GLU A 370 -18.97 36.43 27.94
C GLU A 370 -18.85 34.96 28.31
N MET A 371 -17.67 34.52 28.76
CA MET A 371 -17.53 33.14 29.22
C MET A 371 -18.43 32.86 30.42
N LYS A 372 -18.46 33.80 31.38
CA LYS A 372 -19.37 33.67 32.50
C LYS A 372 -20.81 33.64 32.04
N GLN A 373 -21.15 34.49 31.06
CA GLN A 373 -22.52 34.52 30.55
C GLN A 373 -22.90 33.19 29.92
N ILE A 374 -21.99 32.58 29.15
CA ILE A 374 -22.25 31.29 28.53
C ILE A 374 -22.46 30.23 29.60
N ILE A 375 -21.59 30.21 30.60
CA ILE A 375 -21.71 29.19 31.64
C ILE A 375 -23.01 29.37 32.41
N LYS A 376 -23.38 30.61 32.70
CA LYS A 376 -24.64 30.88 33.40
C LYS A 376 -25.84 30.43 32.57
N ILE A 377 -25.82 30.71 31.27
CA ILE A 377 -26.92 30.30 30.40
C ILE A 377 -27.04 28.79 30.36
N ARG A 378 -25.91 28.11 30.22
CA ARG A 378 -25.92 26.65 30.18
C ARG A 378 -26.44 26.07 31.50
N ALA A 379 -26.00 26.63 32.63
CA ALA A 379 -26.46 26.15 33.92
C ALA A 379 -27.96 26.37 34.09
N GLN A 380 -28.45 27.53 33.69
CA GLN A 380 -29.89 27.79 33.80
C GLN A 380 -30.69 26.85 32.91
N THR A 381 -30.18 26.57 31.70
CA THR A 381 -30.87 25.64 30.81
C THR A 381 -30.90 24.23 31.41
N GLU A 382 -29.79 23.80 32.01
CA GLU A 382 -29.69 22.44 32.51
C GLU A 382 -30.31 22.26 33.90
N GLY A 383 -30.61 23.35 34.60
CA GLY A 383 -31.28 23.26 35.88
C GLY A 383 -30.40 23.26 37.11
N ILE A 384 -29.19 23.80 37.02
CA ILE A 384 -28.26 23.84 38.14
C ILE A 384 -28.19 25.26 38.69
N ASN A 385 -28.53 25.43 39.97
CA ASN A 385 -28.25 26.67 40.66
C ASN A 385 -26.78 26.73 41.03
N ILE A 386 -26.18 27.92 40.90
CA ILE A 386 -24.74 28.06 41.09
C ILE A 386 -24.43 29.49 41.47
N SER A 387 -23.46 29.67 42.35
CA SER A 387 -23.09 30.97 42.88
C SER A 387 -22.19 31.73 41.90
N GLU A 388 -21.98 33.01 42.20
CA GLU A 388 -21.22 33.89 41.30
C GLU A 388 -19.72 33.59 41.37
N GLU A 389 -19.20 33.29 42.56
CA GLU A 389 -17.77 32.98 42.68
C GLU A 389 -17.45 31.67 41.95
N ALA A 390 -18.38 30.71 41.98
CA ALA A 390 -18.22 29.51 41.18
C ALA A 390 -18.17 29.84 39.70
N LEU A 391 -19.03 30.76 39.25
CA LEU A 391 -18.95 31.23 37.86
C LEU A 391 -17.58 31.84 37.57
N ASN A 392 -17.06 32.64 38.49
CA ASN A 392 -15.77 33.29 38.26
C ASN A 392 -14.67 32.25 38.09
N HIS A 393 -14.62 31.27 39.01
CA HIS A 393 -13.58 30.26 38.92
C HIS A 393 -13.74 29.37 37.69
N LEU A 394 -14.99 29.03 37.35
CA LEU A 394 -15.24 28.20 36.18
C LEU A 394 -14.85 28.95 34.90
N GLY A 395 -15.14 30.24 34.82
CA GLY A 395 -14.71 31.02 33.68
C GLY A 395 -13.20 31.17 33.60
N GLU A 396 -12.54 31.27 34.76
CA GLU A 396 -11.08 31.28 34.78
C GLU A 396 -10.52 29.98 34.21
N ILE A 397 -11.11 28.85 34.61
CA ILE A 397 -10.72 27.57 34.03
C ILE A 397 -10.98 27.56 32.54
N GLY A 398 -12.12 28.14 32.13
CA GLY A 398 -12.47 28.15 30.72
C GLY A 398 -11.47 28.89 29.87
N THR A 399 -11.10 30.10 30.29
CA THR A 399 -10.08 30.83 29.55
C THR A 399 -8.71 30.18 29.70
N LYS A 400 -8.50 29.38 30.74
CA LYS A 400 -7.23 28.67 30.88
C LYS A 400 -7.06 27.62 29.79
N THR A 401 -8.05 26.75 29.59
CA THR A 401 -7.91 25.68 28.60
C THR A 401 -8.90 25.78 27.45
N THR A 402 -10.21 25.72 27.72
CA THR A 402 -11.26 25.72 26.70
C THR A 402 -12.58 26.02 27.38
N LEU A 403 -13.59 26.33 26.56
CA LEU A 403 -14.91 26.61 27.11
C LEU A 403 -15.75 25.35 27.26
N ARG A 404 -15.66 24.42 26.30
CA ARG A 404 -16.45 23.19 26.42
C ARG A 404 -16.00 22.35 27.59
N TYR A 405 -14.71 22.41 27.94
CA TYR A 405 -14.23 21.70 29.13
C TYR A 405 -14.91 22.22 30.39
N SER A 406 -15.03 23.54 30.51
CA SER A 406 -15.70 24.10 31.68
C SER A 406 -17.20 23.86 31.63
N VAL A 407 -17.78 23.79 30.43
CA VAL A 407 -19.20 23.45 30.33
C VAL A 407 -19.45 22.03 30.79
N GLN A 408 -18.52 21.11 30.47
CA GLN A 408 -18.73 19.71 30.82
C GLN A 408 -18.52 19.47 32.31
N LEU A 409 -17.85 20.38 33.02
CA LEU A 409 -17.70 20.25 34.46
C LEU A 409 -18.87 20.92 35.18
N LEU A 410 -20.10 20.57 34.80
CA LEU A 410 -21.28 21.09 35.47
C LEU A 410 -22.09 20.00 36.13
N THR A 411 -22.44 18.95 35.40
CA THR A 411 -23.02 17.76 36.04
C THR A 411 -22.08 17.14 37.08
N PRO A 412 -20.78 16.98 36.84
CA PRO A 412 -19.92 16.44 37.91
C PRO A 412 -19.95 17.28 39.18
N ALA A 413 -19.80 18.60 39.04
CA ALA A 413 -19.83 19.47 40.20
C ALA A 413 -21.20 19.45 40.88
N ASN A 414 -22.27 19.37 40.08
CA ASN A 414 -23.60 19.31 40.66
C ASN A 414 -23.80 18.05 41.48
N LEU A 415 -23.34 16.90 40.96
CA LEU A 415 -23.42 15.67 41.74
C LEU A 415 -22.57 15.74 42.99
N LEU A 416 -21.37 16.32 42.89
CA LEU A 416 -20.51 16.46 44.06
C LEU A 416 -21.19 17.31 45.13
N ALA A 417 -21.82 18.42 44.72
CA ALA A 417 -22.51 19.26 45.69
C ALA A 417 -23.74 18.57 46.27
N LYS A 418 -24.45 17.79 45.45
CA LYS A 418 -25.60 17.06 45.96
C LYS A 418 -25.18 16.03 47.01
N ILE A 419 -24.07 15.34 46.76
CA ILE A 419 -23.58 14.36 47.74
C ILE A 419 -23.23 15.05 49.06
N ASN A 420 -22.59 16.21 48.98
CA ASN A 420 -22.23 16.94 50.19
C ASN A 420 -23.44 17.49 50.95
N GLY A 421 -24.62 17.45 50.35
CA GLY A 421 -25.82 17.91 51.02
C GLY A 421 -26.19 19.35 50.77
N LYS A 422 -25.69 19.96 49.70
CA LYS A 422 -25.98 21.33 49.35
C LYS A 422 -26.83 21.38 48.08
N ASP A 423 -27.61 22.44 47.96
CA ASP A 423 -28.51 22.63 46.82
C ASP A 423 -27.84 23.34 45.65
N SER A 424 -27.05 24.36 45.94
CA SER A 424 -26.35 25.12 44.91
C SER A 424 -24.85 24.91 45.02
N ILE A 425 -24.18 24.92 43.88
CA ILE A 425 -22.74 24.70 43.82
C ILE A 425 -22.02 25.92 44.38
N GLU A 426 -20.98 25.66 45.16
CA GLU A 426 -20.09 26.70 45.67
C GLU A 426 -18.69 26.50 45.07
N LYS A 427 -17.77 27.37 45.46
CA LYS A 427 -16.44 27.36 44.86
C LYS A 427 -15.68 26.09 45.20
N GLU A 428 -15.83 25.59 46.43
CA GLU A 428 -15.05 24.43 46.85
C GLU A 428 -15.37 23.21 45.99
N HIS A 429 -16.65 23.01 45.67
CA HIS A 429 -17.02 21.91 44.79
C HIS A 429 -16.34 22.04 43.43
N VAL A 430 -16.31 23.26 42.89
CA VAL A 430 -15.73 23.47 41.57
C VAL A 430 -14.22 23.19 41.59
N GLU A 431 -13.52 23.70 42.60
CA GLU A 431 -12.08 23.47 42.64
C GLU A 431 -11.76 21.99 42.88
N GLU A 432 -12.59 21.32 43.69
CA GLU A 432 -12.38 19.88 43.90
C GLU A 432 -12.58 19.10 42.61
N ILE A 433 -13.66 19.40 41.87
CA ILE A 433 -13.91 18.68 40.63
C ILE A 433 -12.91 19.04 39.55
N SER A 434 -12.30 20.23 39.64
CA SER A 434 -11.20 20.55 38.73
C SER A 434 -9.93 19.82 39.10
N GLU A 435 -9.72 19.57 40.39
CA GLU A 435 -8.55 18.81 40.82
C GLU A 435 -8.70 17.33 40.46
N LEU A 436 -9.91 16.79 40.52
CA LEU A 436 -10.11 15.38 40.23
C LEU A 436 -9.96 15.08 38.75
N PHE A 437 -10.82 15.69 37.92
CA PHE A 437 -10.79 15.45 36.49
C PHE A 437 -9.87 16.44 35.78
N TYR A 438 -9.22 15.96 34.74
CA TYR A 438 -8.27 16.76 33.97
C TYR A 438 -8.77 16.95 32.55
N ASP A 439 -8.13 17.88 31.84
CA ASP A 439 -8.32 18.04 30.41
C ASP A 439 -7.16 17.39 29.67
N ALA A 440 -7.33 17.21 28.36
CA ALA A 440 -6.38 16.42 27.59
C ALA A 440 -4.98 17.03 27.61
N LYS A 441 -4.89 18.35 27.45
CA LYS A 441 -3.57 18.98 27.35
C LYS A 441 -2.78 18.82 28.63
N SER A 442 -3.38 19.15 29.77
CA SER A 442 -2.66 19.06 31.04
C SER A 442 -2.36 17.61 31.41
N SER A 443 -3.28 16.69 31.10
CA SER A 443 -3.02 15.29 31.39
C SER A 443 -1.86 14.75 30.55
N ALA A 444 -1.81 15.11 29.27
CA ALA A 444 -0.67 14.73 28.44
C ALA A 444 0.61 15.36 28.95
N LYS A 445 0.54 16.61 29.41
CA LYS A 445 1.72 17.24 29.98
C LYS A 445 2.22 16.49 31.22
N ILE A 446 1.29 16.05 32.07
CA ILE A 446 1.66 15.30 33.27
C ILE A 446 2.29 13.96 32.89
N LEU A 447 1.69 13.26 31.94
CA LEU A 447 2.25 11.97 31.51
C LEU A 447 3.64 12.14 30.91
N ALA A 448 3.83 13.17 30.08
CA ALA A 448 5.14 13.41 29.50
C ALA A 448 6.15 13.87 30.55
N ASP A 449 5.67 14.59 31.57
CA ASP A 449 6.58 15.06 32.62
C ASP A 449 7.18 13.89 33.40
N GLN A 450 6.37 12.88 33.69
CA GLN A 450 6.84 11.72 34.45
C GLN A 450 6.35 11.76 35.88
N GLU B 5 -5.98 -6.86 -48.18
CA GLU B 5 -6.43 -7.63 -47.03
C GLU B 5 -6.93 -6.71 -45.91
N VAL B 6 -6.03 -6.33 -45.02
CA VAL B 6 -6.37 -5.52 -43.85
C VAL B 6 -5.55 -4.24 -43.87
N LYS B 7 -5.99 -3.29 -43.05
CA LYS B 7 -5.33 -1.99 -42.95
C LYS B 7 -4.11 -2.11 -42.03
N SER B 8 -3.50 -0.97 -41.72
CA SER B 8 -2.35 -0.91 -40.82
C SER B 8 -2.75 -0.18 -39.56
N THR B 9 -2.35 -0.71 -38.41
CA THR B 9 -2.67 -0.15 -37.11
C THR B 9 -1.40 0.43 -36.49
N THR B 10 -0.65 1.17 -37.30
CA THR B 10 0.57 1.83 -36.86
C THR B 10 0.23 3.27 -36.46
N LYS B 11 0.66 3.67 -35.27
CA LYS B 11 0.45 5.03 -34.80
C LYS B 11 1.41 5.95 -35.55
N THR B 12 0.92 6.55 -36.64
CA THR B 12 1.76 7.36 -37.50
C THR B 12 2.18 8.67 -36.84
N GLN B 13 1.49 9.09 -35.78
CA GLN B 13 1.85 10.33 -35.11
C GLN B 13 3.25 10.26 -34.52
N ARG B 14 3.60 9.13 -33.90
CA ARG B 14 4.91 8.97 -33.29
C ARG B 14 6.02 8.84 -34.33
N ILE B 15 5.68 8.47 -35.57
CA ILE B 15 6.67 8.32 -36.63
C ILE B 15 6.72 9.55 -37.53
N ALA B 16 5.65 10.35 -37.59
CA ALA B 16 5.61 11.46 -38.54
C ALA B 16 6.73 12.45 -38.30
N SER B 17 7.15 12.62 -37.05
CA SER B 17 8.28 13.50 -36.76
C SER B 17 9.56 12.97 -37.40
N HIS B 18 9.77 11.66 -37.38
CA HIS B 18 10.91 11.03 -38.02
C HIS B 18 10.45 10.48 -39.37
N SER B 19 10.28 11.38 -40.34
CA SER B 19 9.85 11.00 -41.67
C SER B 19 10.93 11.17 -42.73
N HIS B 20 11.97 11.95 -42.47
CA HIS B 20 13.08 12.11 -43.40
C HIS B 20 14.10 10.99 -43.28
N VAL B 21 13.94 10.08 -42.33
CA VAL B 21 14.90 9.00 -42.12
C VAL B 21 14.67 7.93 -43.17
N LYS B 22 15.71 7.64 -43.96
CA LYS B 22 15.64 6.64 -45.01
C LYS B 22 16.72 5.58 -44.85
N GLY B 23 17.22 5.40 -43.63
CA GLY B 23 18.24 4.43 -43.33
C GLY B 23 19.31 5.04 -42.45
N LEU B 24 20.41 4.32 -42.29
CA LEU B 24 21.54 4.78 -41.49
C LEU B 24 22.51 5.63 -42.28
N GLY B 25 22.82 5.24 -43.52
CA GLY B 25 23.71 6.02 -44.36
C GLY B 25 25.18 5.73 -44.16
N LEU B 26 25.59 4.47 -44.30
CA LEU B 26 27.00 4.09 -44.28
C LEU B 26 27.41 3.59 -45.67
N ASP B 27 28.68 3.81 -46.00
CA ASP B 27 29.24 3.34 -47.26
C ASP B 27 29.60 1.86 -47.13
N GLU B 28 30.33 1.34 -48.13
CA GLU B 28 30.74 -0.06 -48.08
C GLU B 28 31.67 -0.33 -46.91
N SER B 29 32.56 0.61 -46.60
CA SER B 29 33.50 0.41 -45.51
C SER B 29 32.90 0.60 -44.14
N GLY B 30 31.66 1.06 -44.03
CA GLY B 30 31.03 1.26 -42.75
C GLY B 30 31.24 2.62 -42.12
N LEU B 31 32.09 3.46 -42.72
CA LEU B 31 32.30 4.81 -42.21
C LEU B 31 31.05 5.65 -42.41
N ALA B 32 30.92 6.69 -41.58
CA ALA B 32 29.79 7.60 -41.65
C ALA B 32 30.15 8.79 -42.53
N LYS B 33 29.30 9.06 -43.51
CA LYS B 33 29.51 10.17 -44.43
C LYS B 33 28.86 11.46 -43.97
N GLN B 34 28.25 11.46 -42.78
CA GLN B 34 27.81 12.66 -42.06
C GLN B 34 26.56 13.28 -42.67
N ALA B 35 26.16 12.80 -43.85
CA ALA B 35 24.92 13.28 -44.47
C ALA B 35 24.44 12.22 -45.46
N ALA B 36 23.39 11.50 -45.10
CA ALA B 36 22.83 10.47 -45.97
C ALA B 36 21.50 10.00 -45.40
N SER B 37 20.51 9.85 -46.28
CA SER B 37 19.20 9.31 -45.91
C SER B 37 18.58 10.08 -44.75
N GLY B 38 18.74 11.38 -44.77
CA GLY B 38 18.18 12.22 -43.71
C GLY B 38 19.06 12.43 -42.50
N LEU B 39 19.68 11.35 -42.02
CA LEU B 39 20.54 11.47 -40.84
C LEU B 39 21.76 12.33 -41.15
N VAL B 40 22.09 13.21 -40.21
CA VAL B 40 23.23 14.11 -40.35
C VAL B 40 23.94 14.20 -39.00
N GLY B 41 25.26 14.11 -39.04
CA GLY B 41 26.02 14.12 -37.80
C GLY B 41 25.86 12.82 -37.05
N GLN B 42 26.36 12.84 -35.81
CA GLN B 42 26.27 11.69 -34.90
C GLN B 42 26.87 10.44 -35.55
N GLU B 43 28.15 10.54 -35.90
CA GLU B 43 28.81 9.48 -36.65
C GLU B 43 29.01 8.23 -35.81
N ASN B 44 29.49 8.40 -34.57
CA ASN B 44 29.86 7.26 -33.74
C ASN B 44 28.68 6.34 -33.49
N ALA B 45 27.55 6.92 -33.07
CA ALA B 45 26.36 6.12 -32.81
C ALA B 45 25.82 5.47 -34.07
N ARG B 46 25.97 6.13 -35.23
CA ARG B 46 25.51 5.54 -36.47
C ARG B 46 26.38 4.35 -36.88
N GLU B 47 27.69 4.45 -36.69
CA GLU B 47 28.56 3.31 -36.96
C GLU B 47 28.25 2.15 -36.03
N ALA B 48 28.03 2.45 -34.74
CA ALA B 48 27.65 1.38 -33.81
C ALA B 48 26.30 0.77 -34.19
N CYS B 49 25.38 1.60 -34.68
CA CYS B 49 24.09 1.10 -35.13
C CYS B 49 24.25 0.17 -36.33
N GLY B 50 25.15 0.52 -37.25
CA GLY B 50 25.42 -0.36 -38.37
C GLY B 50 26.04 -1.68 -37.93
N VAL B 51 26.94 -1.62 -36.94
CA VAL B 51 27.50 -2.85 -36.38
C VAL B 51 26.40 -3.71 -35.76
N ILE B 52 25.47 -3.07 -35.06
CA ILE B 52 24.33 -3.80 -34.50
C ILE B 52 23.50 -4.44 -35.60
N VAL B 53 23.28 -3.72 -36.70
CA VAL B 53 22.53 -4.26 -37.81
C VAL B 53 23.23 -5.48 -38.39
N GLU B 54 24.56 -5.40 -38.54
CA GLU B 54 25.31 -6.54 -39.05
C GLU B 54 25.22 -7.74 -38.10
N LEU B 55 25.26 -7.48 -36.79
CA LEU B 55 25.07 -8.56 -35.82
C LEU B 55 23.69 -9.19 -35.96
N ILE B 56 22.67 -8.37 -36.18
CA ILE B 56 21.31 -8.88 -36.36
C ILE B 56 21.23 -9.74 -37.61
N LYS B 57 21.92 -9.33 -38.67
CA LYS B 57 21.87 -10.07 -39.94
C LYS B 57 22.43 -11.47 -39.79
N SER B 58 23.54 -11.61 -39.07
CA SER B 58 24.20 -12.90 -38.88
C SER B 58 23.66 -13.67 -37.68
N LYS B 59 22.61 -13.16 -37.03
CA LYS B 59 21.96 -13.83 -35.90
C LYS B 59 22.94 -14.10 -34.76
N LYS B 60 23.86 -13.15 -34.54
CA LYS B 60 24.73 -13.19 -33.37
C LYS B 60 24.09 -12.56 -32.14
N MET B 61 22.95 -11.87 -32.31
CA MET B 61 22.23 -11.27 -31.20
C MET B 61 21.19 -12.26 -30.69
N ALA B 62 21.69 -13.29 -30.01
CA ALA B 62 20.82 -14.36 -29.52
C ALA B 62 19.81 -13.81 -28.52
N GLY B 63 20.28 -13.08 -27.52
CA GLY B 63 19.40 -12.47 -26.55
C GLY B 63 19.85 -11.08 -26.15
N ARG B 64 20.94 -10.62 -26.75
CA ARG B 64 21.50 -9.32 -26.43
C ARG B 64 20.61 -8.21 -26.98
N ALA B 65 20.63 -7.07 -26.30
CA ALA B 65 19.78 -5.94 -26.65
C ALA B 65 20.62 -4.68 -26.73
N VAL B 66 20.02 -3.63 -27.29
CA VAL B 66 20.69 -2.34 -27.50
C VAL B 66 20.13 -1.34 -26.50
N LEU B 67 21.00 -0.47 -26.01
CA LEU B 67 20.60 0.63 -25.13
C LEU B 67 21.23 1.91 -25.65
N LEU B 68 20.42 2.96 -25.78
CA LEU B 68 20.88 4.26 -26.24
C LEU B 68 20.80 5.23 -25.08
N ALA B 69 21.95 5.73 -24.64
CA ALA B 69 22.05 6.62 -23.49
C ALA B 69 22.52 7.98 -23.97
N GLY B 70 21.64 8.97 -23.88
CA GLY B 70 21.97 10.32 -24.30
C GLY B 70 20.94 11.33 -23.86
N PRO B 71 21.27 12.60 -23.98
CA PRO B 71 20.34 13.67 -23.60
C PRO B 71 19.12 13.66 -24.49
N PRO B 72 18.00 14.21 -24.04
CA PRO B 72 16.81 14.28 -24.90
C PRO B 72 17.09 15.15 -26.12
N GLY B 73 16.45 14.78 -27.23
CA GLY B 73 16.67 15.47 -28.49
C GLY B 73 18.05 15.25 -29.09
N THR B 74 18.58 14.03 -29.00
CA THR B 74 19.84 13.68 -29.65
C THR B 74 19.67 12.53 -30.64
N GLY B 75 18.44 12.24 -31.04
CA GLY B 75 18.21 11.33 -32.14
C GLY B 75 18.15 9.85 -31.80
N LYS B 76 17.78 9.52 -30.56
CA LYS B 76 17.69 8.10 -30.19
C LYS B 76 16.54 7.42 -30.93
N THR B 77 15.36 8.02 -30.93
CA THR B 77 14.24 7.46 -31.69
C THR B 77 14.53 7.46 -33.18
N ALA B 78 15.21 8.50 -33.66
CA ALA B 78 15.59 8.53 -35.06
C ALA B 78 16.55 7.40 -35.40
N LEU B 79 17.51 7.12 -34.50
CA LEU B 79 18.43 6.01 -34.73
C LEU B 79 17.70 4.68 -34.74
N ALA B 80 16.74 4.50 -33.82
CA ALA B 80 15.98 3.26 -33.81
C ALA B 80 15.18 3.07 -35.10
N LEU B 81 14.53 4.15 -35.57
CA LEU B 81 13.80 4.07 -36.83
C LEU B 81 14.74 3.79 -37.99
N ALA B 82 15.94 4.36 -37.94
CA ALA B 82 16.92 4.12 -38.99
C ALA B 82 17.36 2.65 -39.01
N ILE B 83 17.56 2.06 -37.83
CA ILE B 83 17.87 0.64 -37.76
C ILE B 83 16.73 -0.18 -38.35
N ALA B 84 15.50 0.15 -37.97
CA ALA B 84 14.35 -0.60 -38.45
C ALA B 84 14.23 -0.52 -39.97
N GLN B 85 14.56 0.64 -40.54
CA GLN B 85 14.53 0.78 -41.99
C GLN B 85 15.71 0.09 -42.65
N GLU B 86 16.85 0.03 -41.98
CA GLU B 86 18.04 -0.61 -42.54
C GLU B 86 17.93 -2.13 -42.55
N LEU B 87 17.17 -2.70 -41.61
CA LEU B 87 17.09 -4.15 -41.51
C LEU B 87 16.33 -4.80 -42.67
N GLY B 88 15.66 -4.01 -43.50
CA GLY B 88 14.92 -4.58 -44.61
C GLY B 88 14.01 -3.55 -45.25
N SER B 89 13.10 -4.05 -46.09
CA SER B 89 12.22 -3.16 -46.83
C SER B 89 11.27 -2.42 -45.89
N LYS B 90 10.42 -3.16 -45.18
CA LYS B 90 9.40 -2.58 -44.31
C LYS B 90 9.36 -3.31 -42.97
N VAL B 91 10.53 -3.47 -42.35
CA VAL B 91 10.58 -4.10 -41.02
C VAL B 91 9.76 -3.25 -40.06
N PRO B 92 8.80 -3.84 -39.33
CA PRO B 92 7.91 -3.02 -38.49
C PRO B 92 8.66 -2.34 -37.36
N PHE B 93 8.14 -1.20 -36.95
CA PHE B 93 8.75 -0.38 -35.90
C PHE B 93 7.65 0.12 -34.98
N CYS B 94 7.79 -0.17 -33.68
CA CYS B 94 6.79 0.20 -32.69
C CYS B 94 7.47 0.95 -31.54
N PRO B 95 7.48 2.28 -31.59
CA PRO B 95 8.04 3.05 -30.48
C PRO B 95 7.04 3.15 -29.34
N MET B 96 7.57 3.10 -28.13
CA MET B 96 6.71 3.20 -26.95
C MET B 96 7.53 3.81 -25.82
N VAL B 97 6.83 4.39 -24.85
CA VAL B 97 7.45 4.87 -23.62
C VAL B 97 7.02 3.96 -22.48
N GLY B 98 7.85 3.89 -21.45
CA GLY B 98 7.54 3.02 -20.32
C GLY B 98 6.24 3.38 -19.64
N SER B 99 5.91 4.67 -19.61
CA SER B 99 4.73 5.13 -18.89
C SER B 99 3.44 4.46 -19.35
N GLU B 100 3.39 3.99 -20.61
CA GLU B 100 2.18 3.35 -21.09
C GLU B 100 1.86 2.06 -20.36
N VAL B 101 2.85 1.44 -19.72
CA VAL B 101 2.56 0.19 -19.02
C VAL B 101 1.68 0.44 -17.80
N TYR B 102 1.61 1.68 -17.32
CA TYR B 102 0.76 2.03 -16.18
C TYR B 102 -0.57 2.55 -16.74
N SER B 103 -1.51 1.64 -16.94
CA SER B 103 -2.84 1.98 -17.42
C SER B 103 -3.88 1.49 -16.43
N THR B 104 -4.88 2.32 -16.17
CA THR B 104 -5.91 2.01 -15.20
C THR B 104 -6.90 0.95 -15.69
N GLU B 105 -6.98 0.70 -16.99
CA GLU B 105 -7.98 -0.19 -17.54
C GLU B 105 -7.42 -1.50 -18.07
N ILE B 106 -6.14 -1.56 -18.42
CA ILE B 106 -5.54 -2.76 -18.99
C ILE B 106 -4.26 -3.08 -18.20
N LYS B 107 -4.05 -4.36 -17.95
CA LYS B 107 -2.89 -4.79 -17.19
C LYS B 107 -1.61 -4.50 -17.96
N LYS B 108 -0.51 -4.36 -17.22
CA LYS B 108 0.80 -4.16 -17.84
C LYS B 108 1.13 -5.31 -18.78
N THR B 109 0.67 -6.52 -18.46
CA THR B 109 0.90 -7.65 -19.34
C THR B 109 0.28 -7.43 -20.71
N GLU B 110 -0.94 -6.89 -20.75
CA GLU B 110 -1.59 -6.65 -22.03
C GLU B 110 -0.88 -5.56 -22.82
N VAL B 111 -0.39 -4.53 -22.15
CA VAL B 111 0.30 -3.44 -22.85
C VAL B 111 1.59 -3.95 -23.47
N LEU B 112 2.40 -4.67 -22.69
CA LEU B 112 3.64 -5.23 -23.24
C LEU B 112 3.34 -6.27 -24.30
N MET B 113 2.29 -7.07 -24.09
CA MET B 113 1.77 -7.97 -25.11
C MET B 113 1.60 -7.27 -26.44
N GLU B 114 0.72 -6.26 -26.47
CA GLU B 114 0.38 -5.59 -27.71
C GLU B 114 1.58 -4.88 -28.33
N ASN B 115 2.42 -4.25 -27.51
CA ASN B 115 3.55 -3.52 -28.08
C ASN B 115 4.65 -4.48 -28.55
N PHE B 116 4.64 -5.73 -28.07
CA PHE B 116 5.52 -6.73 -28.67
C PHE B 116 4.96 -7.26 -29.98
N ARG B 117 3.65 -7.50 -30.04
CA ARG B 117 3.06 -8.00 -31.27
C ARG B 117 3.11 -6.99 -32.40
N ARG B 118 3.22 -5.70 -32.08
CA ARG B 118 3.36 -4.66 -33.10
C ARG B 118 4.74 -4.62 -33.71
N ALA B 119 5.73 -5.27 -33.10
CA ALA B 119 7.11 -5.14 -33.52
C ALA B 119 7.51 -6.19 -34.56
N ILE B 120 7.30 -7.47 -34.27
CA ILE B 120 7.61 -8.53 -35.22
C ILE B 120 6.53 -8.53 -36.30
N GLY B 121 6.95 -8.80 -37.55
CA GLY B 121 6.06 -8.69 -38.70
C GLY B 121 6.02 -9.97 -39.52
N LEU B 122 5.09 -9.98 -40.45
CA LEU B 122 4.85 -11.12 -41.33
C LEU B 122 4.79 -10.62 -42.76
N ARG B 123 5.69 -11.13 -43.59
CA ARG B 123 5.62 -10.93 -45.04
C ARG B 123 4.83 -12.09 -45.62
N ILE B 124 3.63 -11.80 -46.13
CA ILE B 124 2.84 -12.80 -46.84
C ILE B 124 3.19 -12.66 -48.32
N LYS B 125 3.48 -13.79 -48.95
CA LYS B 125 3.81 -13.82 -50.38
C LYS B 125 2.92 -14.84 -51.06
N GLU B 126 2.38 -14.47 -52.21
CA GLU B 126 1.48 -15.37 -52.91
C GLU B 126 1.42 -14.96 -54.38
N THR B 127 1.47 -15.96 -55.26
CA THR B 127 1.33 -15.70 -56.69
C THR B 127 -0.15 -15.58 -57.03
N LYS B 128 -0.53 -14.45 -57.61
CA LYS B 128 -1.92 -14.18 -57.97
C LYS B 128 -2.00 -13.81 -59.44
N GLU B 129 -3.09 -14.25 -60.08
CA GLU B 129 -3.41 -13.88 -61.46
C GLU B 129 -4.11 -12.53 -61.42
N VAL B 130 -3.32 -11.49 -61.19
CA VAL B 130 -3.84 -10.14 -61.03
C VAL B 130 -3.75 -9.42 -62.36
N TYR B 131 -4.52 -8.32 -62.47
CA TYR B 131 -4.57 -7.52 -63.68
C TYR B 131 -3.40 -6.55 -63.70
N GLU B 132 -2.21 -7.11 -63.92
CA GLU B 132 -0.98 -6.33 -63.97
C GLU B 132 -0.74 -5.93 -65.42
N GLY B 133 -0.88 -4.63 -65.71
CA GLY B 133 -0.72 -4.19 -67.08
C GLY B 133 -0.63 -2.68 -67.17
N GLU B 134 -0.55 -2.20 -68.41
CA GLU B 134 -0.49 -0.78 -68.71
C GLU B 134 -1.88 -0.27 -69.05
N VAL B 135 -2.27 0.85 -68.44
CA VAL B 135 -3.59 1.43 -68.69
C VAL B 135 -3.50 2.18 -70.01
N THR B 136 -3.87 1.52 -71.11
CA THR B 136 -3.82 2.17 -72.41
C THR B 136 -4.97 3.15 -72.60
N GLU B 137 -6.18 2.75 -72.23
CA GLU B 137 -7.36 3.59 -72.39
C GLU B 137 -8.22 3.47 -71.14
N LEU B 138 -8.96 4.54 -70.86
CA LEU B 138 -9.88 4.58 -69.72
C LEU B 138 -11.21 5.15 -70.20
N THR B 139 -12.27 4.35 -70.12
CA THR B 139 -13.62 4.75 -70.50
C THR B 139 -14.54 4.50 -69.32
N PRO B 140 -14.73 5.48 -68.44
CA PRO B 140 -15.61 5.30 -67.26
C PRO B 140 -17.07 5.30 -67.68
N CYS B 141 -17.69 4.13 -67.61
CA CYS B 141 -19.10 3.99 -67.98
C CYS B 141 -19.87 3.22 -66.91
N HIS B 156 -19.31 -0.38 -68.13
CA HIS B 156 -19.03 -0.24 -66.71
C HIS B 156 -17.54 -0.06 -66.46
N VAL B 157 -17.07 1.18 -66.60
CA VAL B 157 -15.66 1.54 -66.44
C VAL B 157 -14.81 0.60 -67.29
N ILE B 158 -15.15 0.47 -68.57
CA ILE B 158 -14.40 -0.38 -69.48
C ILE B 158 -13.02 0.23 -69.69
N ILE B 159 -11.99 -0.48 -69.27
CA ILE B 159 -10.62 0.01 -69.26
C ILE B 159 -9.75 -0.96 -70.05
N GLY B 160 -8.90 -0.41 -70.93
CA GLY B 160 -7.97 -1.24 -71.68
C GLY B 160 -6.66 -1.44 -70.97
N LEU B 161 -6.33 -2.69 -70.66
CA LEU B 161 -5.06 -3.04 -70.02
C LEU B 161 -4.21 -3.81 -71.03
N LYS B 162 -3.02 -3.32 -71.30
CA LYS B 162 -2.10 -3.93 -72.24
C LYS B 162 -1.04 -4.73 -71.48
N THR B 163 -0.83 -5.97 -71.92
CA THR B 163 0.17 -6.85 -71.32
C THR B 163 0.94 -7.55 -72.43
N ALA B 164 1.69 -8.61 -72.10
CA ALA B 164 2.41 -9.36 -73.12
C ALA B 164 1.47 -9.95 -74.16
N LYS B 165 0.22 -10.23 -73.78
CA LYS B 165 -0.76 -10.69 -74.76
C LYS B 165 -1.24 -9.54 -75.64
N GLY B 166 -1.80 -8.50 -75.02
CA GLY B 166 -2.32 -7.38 -75.77
C GLY B 166 -3.27 -6.57 -74.91
N THR B 167 -3.95 -5.64 -75.57
CA THR B 167 -4.91 -4.77 -74.90
C THR B 167 -6.23 -5.50 -74.73
N LYS B 168 -6.60 -5.75 -73.47
CA LYS B 168 -7.85 -6.41 -73.11
C LYS B 168 -8.77 -5.42 -72.40
N GLN B 169 -10.05 -5.46 -72.74
CA GLN B 169 -11.04 -4.57 -72.14
C GLN B 169 -11.60 -5.23 -70.88
N LEU B 170 -11.57 -4.50 -69.77
CA LEU B 170 -11.97 -5.01 -68.48
C LEU B 170 -13.07 -4.13 -67.89
N LYS B 171 -14.04 -4.77 -67.24
CA LYS B 171 -15.15 -4.08 -66.59
C LYS B 171 -14.80 -3.84 -65.13
N LEU B 172 -14.65 -2.57 -64.76
CA LEU B 172 -14.33 -2.18 -63.38
C LEU B 172 -15.52 -1.47 -62.74
N ASP B 173 -15.32 -1.06 -61.49
CA ASP B 173 -16.31 -0.36 -60.70
C ASP B 173 -15.91 1.10 -60.51
N PRO B 174 -16.87 1.99 -60.30
CA PRO B 174 -16.53 3.41 -60.04
C PRO B 174 -15.61 3.58 -58.84
N SER B 175 -15.74 2.75 -57.82
CA SER B 175 -14.82 2.83 -56.68
C SER B 175 -13.40 2.52 -57.10
N ILE B 176 -13.21 1.55 -57.99
CA ILE B 176 -11.87 1.24 -58.50
C ILE B 176 -11.30 2.42 -59.27
N PHE B 177 -12.14 3.10 -60.05
CA PHE B 177 -11.67 4.28 -60.79
C PHE B 177 -11.33 5.42 -59.82
N GLU B 178 -12.09 5.55 -58.74
CA GLU B 178 -11.76 6.55 -57.73
C GLU B 178 -10.42 6.24 -57.06
N SER B 179 -10.16 4.96 -56.77
CA SER B 179 -8.86 4.56 -56.24
C SER B 179 -7.75 4.86 -57.24
N LEU B 180 -8.03 4.62 -58.53
CA LEU B 180 -7.05 4.94 -59.58
C LEU B 180 -6.74 6.43 -59.59
N GLN B 181 -7.77 7.28 -59.45
CA GLN B 181 -7.54 8.72 -59.34
C GLN B 181 -6.73 9.04 -58.08
N LYS B 182 -7.01 8.35 -56.98
CA LYS B 182 -6.28 8.57 -55.74
C LYS B 182 -4.79 8.28 -55.92
N GLU B 183 -4.47 7.19 -56.62
CA GLU B 183 -3.07 6.89 -56.91
C GLU B 183 -2.47 7.81 -57.96
N ARG B 184 -3.26 8.68 -58.57
CA ARG B 184 -2.80 9.63 -59.58
C ARG B 184 -2.22 8.89 -60.78
N VAL B 185 -3.05 8.08 -61.42
CA VAL B 185 -2.64 7.21 -62.51
C VAL B 185 -3.00 7.86 -63.83
N GLU B 186 -2.03 7.91 -64.74
CA GLU B 186 -2.23 8.37 -66.11
C GLU B 186 -2.00 7.22 -67.06
N ALA B 187 -2.40 7.40 -68.32
CA ALA B 187 -2.23 6.36 -69.32
C ALA B 187 -0.76 6.03 -69.49
N GLY B 188 -0.44 4.74 -69.47
CA GLY B 188 0.93 4.29 -69.61
C GLY B 188 1.60 3.99 -68.28
N ASP B 189 0.88 3.35 -67.37
CA ASP B 189 1.38 3.00 -66.05
C ASP B 189 1.22 1.51 -65.84
N VAL B 190 2.31 0.83 -65.49
CA VAL B 190 2.27 -0.60 -65.18
C VAL B 190 1.76 -0.73 -63.75
N ILE B 191 0.51 -1.15 -63.60
CA ILE B 191 -0.16 -1.26 -62.31
C ILE B 191 -0.99 -2.53 -62.32
N TYR B 192 -1.13 -3.14 -61.14
CA TYR B 192 -1.94 -4.34 -60.97
C TYR B 192 -3.26 -3.96 -60.30
N ILE B 193 -4.36 -4.35 -60.94
CA ILE B 193 -5.69 -4.24 -60.37
C ILE B 193 -6.14 -5.63 -60.00
N GLU B 194 -6.57 -5.81 -58.74
CA GLU B 194 -6.90 -7.14 -58.24
C GLU B 194 -8.02 -7.77 -59.05
N ALA B 195 -7.82 -9.03 -59.43
CA ALA B 195 -8.83 -9.76 -60.18
C ALA B 195 -9.84 -10.46 -59.28
N ASN B 196 -9.47 -10.72 -58.02
CA ASN B 196 -10.38 -11.39 -57.10
C ASN B 196 -11.36 -10.41 -56.46
N SER B 197 -10.87 -9.24 -56.04
CA SER B 197 -11.71 -8.24 -55.41
C SER B 197 -11.72 -6.92 -56.18
N GLY B 198 -10.55 -6.41 -56.56
CA GLY B 198 -10.48 -5.15 -57.28
C GLY B 198 -9.87 -4.03 -56.47
N ALA B 199 -8.60 -3.72 -56.74
CA ALA B 199 -7.91 -2.64 -56.03
C ALA B 199 -6.71 -2.21 -56.86
N VAL B 200 -6.53 -0.90 -56.99
CA VAL B 200 -5.44 -0.33 -57.78
C VAL B 200 -4.34 0.13 -56.83
N LYS B 201 -3.14 -0.40 -57.03
CA LYS B 201 -1.97 -0.02 -56.25
C LYS B 201 -0.86 0.35 -57.22
N ARG B 202 -0.40 1.59 -57.14
CA ARG B 202 0.59 2.09 -58.09
C ARG B 202 1.92 1.39 -57.86
N GLN B 203 2.49 0.84 -58.94
CA GLN B 203 3.80 0.22 -58.90
C GLN B 203 4.83 0.94 -59.77
N GLY B 204 4.38 1.67 -60.79
CA GLY B 204 5.29 2.40 -61.64
C GLY B 204 4.60 2.75 -62.95
N ARG B 205 5.40 3.23 -63.89
CA ARG B 205 4.93 3.55 -65.23
C ARG B 205 5.32 2.41 -66.17
N CYS B 206 5.07 2.61 -67.47
CA CYS B 206 5.32 1.58 -68.47
C CYS B 206 6.51 1.97 -69.34
N ASP B 207 7.28 0.96 -69.74
CA ASP B 207 8.43 1.17 -70.60
C ASP B 207 8.05 1.31 -72.07
N THR B 208 6.79 1.10 -72.41
CA THR B 208 6.32 1.40 -73.77
C THR B 208 6.45 2.89 -74.08
N TYR B 209 6.32 3.73 -73.05
CA TYR B 209 6.47 5.17 -73.17
C TYR B 209 7.64 5.67 -72.35
N ALA B 210 8.76 4.93 -72.38
CA ALA B 210 9.92 5.26 -71.57
C ALA B 210 10.90 6.11 -72.36
N THR B 211 11.50 7.08 -71.67
CA THR B 211 12.53 7.93 -72.23
C THR B 211 13.91 7.37 -71.86
N GLU B 212 14.95 8.15 -72.12
CA GLU B 212 16.32 7.69 -71.88
C GLU B 212 16.57 7.44 -70.39
N PHE B 213 16.17 8.39 -69.54
CA PHE B 213 16.46 8.27 -68.11
C PHE B 213 15.54 7.29 -67.41
N ASP B 214 14.48 6.81 -68.07
CA ASP B 214 13.60 5.80 -67.50
C ASP B 214 14.03 4.42 -68.01
N LEU B 215 14.38 3.54 -67.09
CA LEU B 215 14.89 2.21 -67.41
C LEU B 215 13.91 1.14 -66.93
N GLU B 216 14.23 -0.11 -67.24
CA GLU B 216 13.40 -1.25 -66.88
C GLU B 216 13.78 -1.78 -65.51
N ALA B 217 12.89 -2.59 -64.94
CA ALA B 217 13.05 -3.16 -63.60
C ALA B 217 13.28 -2.06 -62.57
N GLU B 218 12.59 -0.94 -62.74
CA GLU B 218 12.76 0.26 -61.92
C GLU B 218 11.40 0.95 -61.86
N GLU B 219 11.41 2.25 -61.52
CA GLU B 219 10.18 3.04 -61.50
C GLU B 219 9.42 2.96 -62.81
N TYR B 220 10.07 2.59 -63.91
CA TYR B 220 9.40 2.18 -65.14
C TYR B 220 9.51 0.66 -65.26
N VAL B 221 8.38 0.01 -65.51
CA VAL B 221 8.34 -1.45 -65.62
C VAL B 221 8.00 -1.82 -67.06
N PRO B 222 8.66 -2.81 -67.65
CA PRO B 222 8.31 -3.21 -69.03
C PRO B 222 6.95 -3.89 -69.10
N LEU B 223 6.58 -4.35 -70.29
CA LEU B 223 5.27 -4.97 -70.47
C LEU B 223 5.16 -6.21 -69.59
N PRO B 224 4.10 -6.33 -68.79
CA PRO B 224 3.96 -7.50 -67.90
C PRO B 224 3.91 -8.80 -68.70
N LYS B 225 4.87 -9.67 -68.42
CA LYS B 225 4.98 -10.93 -69.15
C LYS B 225 3.82 -11.85 -68.81
N GLY B 226 3.32 -12.54 -69.84
CA GLY B 226 2.25 -13.50 -69.65
C GLY B 226 0.91 -12.95 -70.16
N ASP B 227 -0.13 -13.09 -69.36
CA ASP B 227 -1.48 -12.68 -69.71
C ASP B 227 -1.88 -11.46 -68.90
N VAL B 228 -3.07 -10.93 -69.20
CA VAL B 228 -3.64 -9.87 -68.38
C VAL B 228 -3.86 -10.38 -66.96
N HIS B 229 -4.27 -11.65 -66.83
CA HIS B 229 -4.28 -12.33 -65.53
C HIS B 229 -2.86 -12.79 -65.18
N LYS B 230 -1.97 -11.82 -65.08
CA LYS B 230 -0.55 -12.12 -64.89
C LYS B 230 -0.32 -12.75 -63.53
N LYS B 231 0.47 -13.82 -63.50
CA LYS B 231 0.83 -14.49 -62.26
C LYS B 231 2.00 -13.75 -61.64
N LYS B 232 1.71 -12.85 -60.70
CA LYS B 232 2.74 -12.08 -60.03
C LYS B 232 2.77 -12.41 -58.56
N GLU B 233 3.97 -12.44 -57.99
CA GLU B 233 4.16 -12.76 -56.57
C GLU B 233 3.93 -11.49 -55.76
N ILE B 234 2.71 -11.32 -55.26
CA ILE B 234 2.38 -10.18 -54.42
C ILE B 234 2.89 -10.45 -53.02
N ILE B 235 3.60 -9.47 -52.45
CA ILE B 235 4.10 -9.52 -51.09
C ILE B 235 3.43 -8.40 -50.30
N GLN B 236 2.77 -8.77 -49.22
CA GLN B 236 2.10 -7.83 -48.33
C GLN B 236 2.74 -7.90 -46.95
N ASP B 237 3.07 -6.74 -46.40
CA ASP B 237 3.69 -6.65 -45.08
C ASP B 237 2.62 -6.35 -44.04
N VAL B 238 2.56 -7.18 -42.99
CA VAL B 238 1.56 -7.02 -41.94
C VAL B 238 2.26 -7.27 -40.60
N THR B 239 1.55 -6.98 -39.52
CA THR B 239 1.97 -7.37 -38.19
C THR B 239 0.80 -8.06 -37.50
N LEU B 240 1.13 -8.92 -36.54
CA LEU B 240 0.09 -9.69 -35.85
C LEU B 240 -0.91 -8.80 -35.14
N HIS B 241 -0.53 -7.57 -34.77
CA HIS B 241 -1.49 -6.67 -34.13
C HIS B 241 -2.62 -6.33 -35.09
N ASP B 242 -2.30 -6.06 -36.35
CA ASP B 242 -3.36 -5.87 -37.34
C ASP B 242 -4.20 -7.13 -37.50
N LEU B 243 -3.59 -8.30 -37.32
CA LEU B 243 -4.35 -9.55 -37.37
C LEU B 243 -5.36 -9.62 -36.23
N ASP B 244 -4.95 -9.24 -35.01
CA ASP B 244 -5.88 -9.27 -33.90
C ASP B 244 -6.98 -8.21 -34.05
N VAL B 245 -6.63 -7.01 -34.52
CA VAL B 245 -7.68 -6.01 -34.77
C VAL B 245 -8.48 -6.32 -36.01
N ALA B 246 -8.04 -7.26 -36.85
CA ALA B 246 -8.82 -7.65 -38.02
C ALA B 246 -10.09 -8.39 -37.63
N ASN B 247 -10.04 -9.15 -36.53
CA ASN B 247 -11.19 -9.93 -36.08
C ASN B 247 -12.13 -9.04 -35.26
N ALA B 248 -12.77 -8.12 -35.98
CA ALA B 248 -13.72 -7.17 -35.40
C ALA B 248 -13.10 -6.38 -34.24
N THR B 272 -9.02 -10.69 -26.04
CA THR B 272 -9.12 -12.01 -25.43
C THR B 272 -7.95 -12.90 -25.86
N ASP B 273 -7.58 -13.83 -24.99
CA ASP B 273 -6.44 -14.70 -25.28
C ASP B 273 -6.79 -15.72 -26.35
N LYS B 274 -8.06 -16.10 -26.47
CA LYS B 274 -8.46 -17.06 -27.49
C LYS B 274 -8.27 -16.50 -28.89
N LEU B 275 -8.58 -15.22 -29.08
CA LEU B 275 -8.35 -14.58 -30.37
C LEU B 275 -6.88 -14.62 -30.75
N ARG B 276 -6.02 -14.25 -29.80
CA ARG B 276 -4.58 -14.30 -30.04
C ARG B 276 -4.12 -15.72 -30.34
N GLY B 277 -4.69 -16.70 -29.63
CA GLY B 277 -4.33 -18.09 -29.90
C GLY B 277 -4.72 -18.56 -31.28
N GLU B 278 -5.90 -18.15 -31.76
CA GLU B 278 -6.32 -18.63 -33.08
C GLU B 278 -5.53 -17.92 -34.19
N ILE B 279 -5.20 -16.64 -33.99
CA ILE B 279 -4.19 -16.01 -34.86
C ILE B 279 -2.88 -16.77 -34.79
N ASN B 280 -2.50 -17.24 -33.60
CA ASN B 280 -1.25 -17.96 -33.42
C ASN B 280 -1.23 -19.19 -34.34
N LYS B 281 -2.30 -20.00 -34.24
CA LYS B 281 -2.36 -21.24 -35.02
C LYS B 281 -2.43 -20.96 -36.51
N VAL B 282 -3.20 -19.96 -36.93
CA VAL B 282 -3.29 -19.72 -38.37
C VAL B 282 -1.96 -19.22 -38.92
N VAL B 283 -1.23 -18.41 -38.14
CA VAL B 283 0.10 -17.97 -38.59
C VAL B 283 1.05 -19.17 -38.67
N ASN B 284 0.96 -20.09 -37.70
CA ASN B 284 1.80 -21.27 -37.75
C ASN B 284 1.49 -22.11 -38.99
N LYS B 285 0.20 -22.27 -39.30
CA LYS B 285 -0.20 -22.98 -40.51
C LYS B 285 0.36 -22.31 -41.75
N TYR B 286 0.29 -20.97 -41.79
CA TYR B 286 0.80 -20.24 -42.95
C TYR B 286 2.30 -20.46 -43.13
N ILE B 287 3.06 -20.40 -42.03
CA ILE B 287 4.51 -20.55 -42.18
C ILE B 287 4.89 -21.97 -42.56
N ASP B 288 4.17 -22.97 -42.04
CA ASP B 288 4.44 -24.33 -42.52
C ASP B 288 4.04 -24.52 -43.97
N GLN B 289 3.01 -23.79 -44.44
CA GLN B 289 2.60 -23.91 -45.83
C GLN B 289 3.70 -23.43 -46.77
N GLY B 290 4.40 -22.37 -46.41
CA GLY B 290 5.47 -21.84 -47.21
C GLY B 290 5.19 -20.53 -47.91
N ILE B 291 4.03 -19.91 -47.66
CA ILE B 291 3.67 -18.64 -48.27
C ILE B 291 3.83 -17.49 -47.28
N ALA B 292 4.45 -17.73 -46.12
CA ALA B 292 4.58 -16.74 -45.08
C ALA B 292 6.03 -16.70 -44.59
N GLU B 293 6.47 -15.51 -44.18
CA GLU B 293 7.82 -15.35 -43.65
C GLU B 293 7.77 -14.42 -42.45
N LEU B 294 8.32 -14.88 -41.33
CA LEU B 294 8.30 -14.12 -40.09
C LEU B 294 9.59 -13.30 -40.00
N VAL B 295 9.45 -11.98 -39.85
CA VAL B 295 10.60 -11.09 -39.77
C VAL B 295 10.63 -10.43 -38.40
N PRO B 296 11.77 -10.39 -37.72
CA PRO B 296 11.86 -9.68 -36.44
C PRO B 296 12.01 -8.19 -36.65
N GLY B 297 11.14 -7.43 -35.98
CA GLY B 297 11.13 -5.99 -36.06
C GLY B 297 12.01 -5.35 -35.00
N VAL B 298 11.77 -4.07 -34.76
CA VAL B 298 12.47 -3.30 -33.74
C VAL B 298 11.45 -2.73 -32.77
N LEU B 299 11.68 -2.95 -31.48
CA LEU B 299 10.80 -2.47 -30.42
C LEU B 299 11.57 -1.42 -29.62
N PHE B 300 11.20 -0.15 -29.81
CA PHE B 300 11.84 0.94 -29.10
C PHE B 300 11.15 1.20 -27.78
N VAL B 301 11.93 1.36 -26.71
CA VAL B 301 11.41 1.56 -25.36
C VAL B 301 12.07 2.82 -24.82
N ASP B 302 11.37 3.94 -24.88
CA ASP B 302 11.86 5.20 -24.34
C ASP B 302 11.45 5.32 -22.88
N GLU B 303 12.25 6.07 -22.13
CA GLU B 303 12.05 6.22 -20.68
C GLU B 303 12.05 4.85 -20.00
N VAL B 304 13.19 4.16 -20.13
CA VAL B 304 13.30 2.80 -19.62
C VAL B 304 13.17 2.76 -18.10
N HIS B 305 13.59 3.84 -17.44
CA HIS B 305 13.60 3.87 -15.98
C HIS B 305 12.21 3.81 -15.37
N MET B 306 11.16 4.02 -16.15
CA MET B 306 9.79 4.01 -15.64
C MET B 306 9.09 2.67 -15.83
N LEU B 307 9.85 1.60 -16.03
CA LEU B 307 9.30 0.25 -16.10
C LEU B 307 9.51 -0.46 -14.78
N ASP B 308 8.46 -1.13 -14.30
CA ASP B 308 8.54 -1.89 -13.06
C ASP B 308 9.53 -3.04 -13.22
N ILE B 309 10.11 -3.48 -12.09
CA ILE B 309 11.05 -4.59 -12.13
C ILE B 309 10.39 -5.87 -12.62
N GLU B 310 9.06 -5.95 -12.54
CA GLU B 310 8.36 -7.08 -13.11
C GLU B 310 8.30 -6.98 -14.64
N CYS B 311 8.14 -5.77 -15.15
CA CYS B 311 8.16 -5.56 -16.60
C CYS B 311 9.52 -5.92 -17.19
N PHE B 312 10.60 -5.63 -16.47
CA PHE B 312 11.92 -6.04 -16.94
C PHE B 312 12.05 -7.56 -17.01
N THR B 313 11.49 -8.27 -16.02
CA THR B 313 11.48 -9.73 -16.08
C THR B 313 10.70 -10.23 -17.29
N TYR B 314 9.55 -9.61 -17.56
CA TYR B 314 8.77 -10.00 -18.73
C TYR B 314 9.56 -9.75 -20.01
N LEU B 315 10.26 -8.61 -20.09
CA LEU B 315 11.08 -8.30 -21.25
C LEU B 315 12.20 -9.32 -21.41
N HIS B 316 12.82 -9.72 -20.30
CA HIS B 316 13.88 -10.72 -20.36
C HIS B 316 13.34 -12.06 -20.85
N ARG B 317 12.16 -12.45 -20.38
CA ARG B 317 11.55 -13.69 -20.85
C ARG B 317 11.18 -13.63 -22.33
N ALA B 318 10.72 -12.48 -22.81
CA ALA B 318 10.41 -12.33 -24.22
C ALA B 318 11.64 -12.26 -25.11
N LEU B 319 12.77 -11.77 -24.57
CA LEU B 319 14.02 -11.73 -25.30
C LEU B 319 14.70 -13.09 -25.41
N GLU B 320 14.03 -14.16 -24.97
CA GLU B 320 14.63 -15.49 -24.91
C GLU B 320 14.15 -16.39 -26.04
N SER B 321 13.34 -15.88 -26.97
CA SER B 321 12.74 -16.68 -28.02
C SER B 321 13.55 -16.56 -29.31
N SER B 322 13.41 -17.57 -30.16
CA SER B 322 14.10 -17.56 -31.45
C SER B 322 13.63 -16.39 -32.29
N ILE B 323 12.33 -16.15 -32.34
CA ILE B 323 11.76 -14.99 -33.00
C ILE B 323 11.40 -13.96 -31.94
N ALA B 324 11.93 -12.75 -32.09
CA ALA B 324 11.75 -11.66 -31.14
C ALA B 324 12.30 -10.37 -31.73
N PRO B 325 11.70 -9.23 -31.44
CA PRO B 325 12.23 -7.98 -31.97
C PRO B 325 13.51 -7.57 -31.27
N ILE B 326 14.33 -6.82 -31.97
CA ILE B 326 15.54 -6.27 -31.36
C ILE B 326 15.14 -5.14 -30.43
N VAL B 327 15.09 -5.43 -29.13
CA VAL B 327 14.58 -4.49 -28.13
C VAL B 327 15.63 -3.43 -27.90
N ILE B 328 15.30 -2.18 -28.25
CA ILE B 328 16.19 -1.04 -28.07
C ILE B 328 15.64 -0.18 -26.95
N PHE B 329 16.43 0.00 -25.90
CA PHE B 329 16.07 0.85 -24.78
C PHE B 329 16.63 2.25 -25.00
N ALA B 330 16.01 3.23 -24.35
CA ALA B 330 16.49 4.61 -24.40
C ALA B 330 16.48 5.16 -22.98
N SER B 331 17.58 5.79 -22.58
CA SER B 331 17.72 6.23 -21.21
C SER B 331 18.30 7.63 -21.16
N ASN B 332 17.80 8.43 -20.22
CA ASN B 332 18.37 9.75 -19.93
C ASN B 332 18.42 10.02 -18.43
N ARG B 333 18.24 9.01 -17.60
CA ARG B 333 18.40 9.11 -16.15
C ARG B 333 19.47 8.13 -15.69
N GLY B 334 20.38 8.60 -14.84
CA GLY B 334 21.55 7.84 -14.48
C GLY B 334 21.30 6.73 -13.47
N ASN B 335 22.17 6.62 -12.47
CA ASN B 335 21.95 5.65 -11.40
C ASN B 335 20.61 5.90 -10.75
N CYS B 336 19.64 5.02 -10.99
CA CYS B 336 18.26 5.27 -10.61
C CYS B 336 17.72 4.10 -9.79
N VAL B 337 16.68 4.40 -9.03
CA VAL B 337 15.99 3.39 -8.24
C VAL B 337 15.07 2.60 -9.16
N ILE B 338 15.16 1.27 -9.08
CA ILE B 338 14.26 0.42 -9.84
C ILE B 338 12.87 0.54 -9.26
N ARG B 339 11.88 0.80 -10.11
CA ARG B 339 10.51 0.83 -9.64
C ARG B 339 10.10 -0.58 -9.22
N GLY B 340 9.31 -0.65 -8.14
CA GLY B 340 8.94 -1.90 -7.53
C GLY B 340 9.82 -2.32 -6.37
N THR B 341 11.02 -1.75 -6.28
CA THR B 341 11.93 -1.95 -5.16
C THR B 341 12.29 -0.60 -4.57
N GLU B 342 12.81 -0.62 -3.35
CA GLU B 342 13.20 0.59 -2.66
C GLU B 342 14.66 0.48 -2.23
N ASP B 343 15.36 1.62 -2.27
CA ASP B 343 16.74 1.73 -1.78
C ASP B 343 17.69 0.82 -2.54
N ILE B 344 17.40 0.55 -3.82
CA ILE B 344 18.32 -0.13 -4.71
C ILE B 344 18.59 0.79 -5.89
N THR B 345 19.83 0.86 -6.33
CA THR B 345 20.25 1.78 -7.37
C THR B 345 20.99 1.00 -8.46
N SER B 346 20.56 1.20 -9.70
CA SER B 346 21.15 0.52 -10.84
C SER B 346 21.39 1.51 -11.97
N PRO B 347 22.34 1.22 -12.84
CA PRO B 347 22.57 2.12 -13.99
C PRO B 347 21.36 2.16 -14.91
N HIS B 348 20.93 3.37 -15.25
CA HIS B 348 19.82 3.62 -16.16
C HIS B 348 18.51 3.00 -15.68
N GLY B 349 18.42 2.67 -14.40
CA GLY B 349 17.19 2.10 -13.87
C GLY B 349 16.86 0.72 -14.39
N ILE B 350 17.87 -0.03 -14.83
CA ILE B 350 17.69 -1.37 -15.39
C ILE B 350 18.31 -2.37 -14.42
N PRO B 351 17.61 -3.44 -14.06
CA PRO B 351 18.19 -4.42 -13.14
C PRO B 351 19.42 -5.08 -13.74
N LEU B 352 20.37 -5.42 -12.87
CA LEU B 352 21.63 -5.99 -13.34
C LEU B 352 21.47 -7.36 -13.98
N ASP B 353 20.31 -8.01 -13.80
CA ASP B 353 20.05 -9.26 -14.49
C ASP B 353 20.02 -9.05 -16.00
N LEU B 354 19.07 -8.22 -16.47
CA LEU B 354 18.93 -7.99 -17.90
C LEU B 354 20.03 -7.08 -18.44
N LEU B 355 20.48 -6.12 -17.65
CA LEU B 355 21.35 -5.07 -18.17
C LEU B 355 22.71 -5.63 -18.62
N ASP B 356 23.12 -6.77 -18.09
CA ASP B 356 24.39 -7.37 -18.50
C ASP B 356 24.32 -7.99 -19.89
N ARG B 357 23.11 -8.23 -20.42
CA ARG B 357 22.92 -8.67 -21.79
C ARG B 357 22.64 -7.52 -22.74
N VAL B 358 23.20 -6.34 -22.46
CA VAL B 358 22.84 -5.12 -23.17
C VAL B 358 24.12 -4.38 -23.55
N MET B 359 24.16 -3.88 -24.79
CA MET B 359 25.25 -3.02 -25.25
C MET B 359 24.79 -1.56 -25.17
N ILE B 360 25.73 -0.67 -24.87
CA ILE B 360 25.42 0.73 -24.61
C ILE B 360 26.04 1.58 -25.72
N ILE B 361 25.21 2.36 -26.40
CA ILE B 361 25.65 3.33 -27.40
C ILE B 361 25.25 4.72 -26.91
N ARG B 362 26.22 5.62 -26.81
CA ARG B 362 25.94 6.98 -26.38
C ARG B 362 25.69 7.88 -27.58
N THR B 363 24.82 8.86 -27.40
CA THR B 363 24.49 9.85 -28.42
C THR B 363 24.93 11.21 -27.92
N MET B 364 25.84 11.85 -28.63
CA MET B 364 26.37 13.13 -28.23
C MET B 364 25.38 14.25 -28.57
N LEU B 365 25.63 15.43 -28.01
CA LEU B 365 24.79 16.58 -28.26
C LEU B 365 25.11 17.21 -29.61
N TYR B 366 24.07 17.63 -30.32
CA TYR B 366 24.26 18.25 -31.63
C TYR B 366 24.98 19.59 -31.48
N THR B 367 25.81 19.90 -32.48
CA THR B 367 26.43 21.21 -32.60
C THR B 367 25.48 22.16 -33.32
N PRO B 368 25.65 23.48 -33.15
CA PRO B 368 24.77 24.41 -33.87
C PRO B 368 24.79 24.26 -35.39
N GLN B 369 25.97 23.98 -35.95
CA GLN B 369 26.07 23.81 -37.41
C GLN B 369 25.25 22.61 -37.86
N GLU B 370 25.31 21.50 -37.12
CA GLU B 370 24.45 20.37 -37.43
C GLU B 370 22.99 20.69 -37.12
N MET B 371 22.75 21.30 -35.95
CA MET B 371 21.45 21.81 -35.53
C MET B 371 20.67 22.40 -36.71
N LYS B 372 21.34 23.33 -37.41
CA LYS B 372 20.71 23.98 -38.56
C LYS B 372 20.35 22.97 -39.64
N GLN B 373 21.23 21.99 -39.89
CA GLN B 373 20.97 21.03 -40.95
C GLN B 373 19.79 20.12 -40.63
N ILE B 374 19.71 19.61 -39.39
CA ILE B 374 18.53 18.81 -39.02
C ILE B 374 17.26 19.63 -39.12
N ILE B 375 17.29 20.87 -38.61
CA ILE B 375 16.06 21.67 -38.65
C ILE B 375 15.68 22.02 -40.09
N LYS B 376 16.68 22.25 -40.95
CA LYS B 376 16.42 22.49 -42.37
C LYS B 376 15.80 21.28 -43.03
N ILE B 377 16.32 20.09 -42.73
CA ILE B 377 15.75 18.87 -43.32
C ILE B 377 14.30 18.71 -42.88
N ARG B 378 14.02 18.93 -41.59
CA ARG B 378 12.65 18.82 -41.11
C ARG B 378 11.73 19.83 -41.79
N ALA B 379 12.18 21.07 -41.92
CA ALA B 379 11.37 22.09 -42.58
C ALA B 379 11.11 21.73 -44.04
N GLN B 380 12.15 21.26 -44.74
CA GLN B 380 12.00 20.92 -46.16
C GLN B 380 11.04 19.76 -46.33
N THR B 381 11.13 18.74 -45.47
CA THR B 381 10.20 17.62 -45.56
C THR B 381 8.78 18.05 -45.23
N GLU B 382 8.61 19.02 -44.34
CA GLU B 382 7.27 19.52 -44.02
C GLU B 382 6.77 20.56 -45.02
N GLY B 383 7.58 20.94 -46.00
CA GLY B 383 7.17 21.95 -46.96
C GLY B 383 7.00 23.33 -46.35
N ILE B 384 7.89 23.72 -45.44
CA ILE B 384 7.80 24.97 -44.73
C ILE B 384 9.05 25.77 -45.08
N ASN B 385 8.94 26.66 -46.06
CA ASN B 385 10.08 27.45 -46.49
C ASN B 385 10.50 28.40 -45.38
N ILE B 386 11.81 28.50 -45.15
CA ILE B 386 12.35 29.30 -44.06
C ILE B 386 13.66 29.94 -44.51
N SER B 387 13.91 31.16 -44.03
CA SER B 387 15.07 31.93 -44.43
C SER B 387 16.31 31.45 -43.66
N GLU B 388 17.47 31.98 -44.06
CA GLU B 388 18.74 31.56 -43.45
C GLU B 388 18.92 32.13 -42.05
N GLU B 389 18.61 33.41 -41.85
CA GLU B 389 18.79 34.01 -40.53
C GLU B 389 17.77 33.46 -39.54
N ALA B 390 16.55 33.19 -40.01
CA ALA B 390 15.58 32.52 -39.16
C ALA B 390 16.07 31.13 -38.78
N LEU B 391 16.72 30.44 -39.72
CA LEU B 391 17.32 29.15 -39.42
C LEU B 391 18.41 29.28 -38.37
N ASN B 392 19.23 30.33 -38.47
CA ASN B 392 20.27 30.58 -37.48
C ASN B 392 19.67 30.76 -36.10
N HIS B 393 18.64 31.60 -35.99
CA HIS B 393 18.05 31.86 -34.69
C HIS B 393 17.35 30.63 -34.14
N LEU B 394 16.71 29.84 -35.00
CA LEU B 394 16.11 28.59 -34.55
C LEU B 394 17.18 27.61 -34.08
N GLY B 395 18.35 27.61 -34.71
CA GLY B 395 19.44 26.79 -34.22
C GLY B 395 19.95 27.24 -32.87
N GLU B 396 20.01 28.56 -32.65
CA GLU B 396 20.37 29.07 -31.33
C GLU B 396 19.35 28.62 -30.29
N ILE B 397 18.07 28.73 -30.61
CA ILE B 397 17.03 28.25 -29.70
C ILE B 397 17.20 26.76 -29.43
N GLY B 398 17.54 25.99 -30.47
CA GLY B 398 17.71 24.56 -30.29
C GLY B 398 18.86 24.21 -29.38
N THR B 399 20.01 24.83 -29.59
CA THR B 399 21.14 24.55 -28.71
C THR B 399 20.91 25.14 -27.31
N LYS B 400 19.98 26.07 -27.17
CA LYS B 400 19.64 26.57 -25.84
C LYS B 400 18.93 25.52 -25.01
N THR B 401 17.82 24.97 -25.51
CA THR B 401 17.02 24.06 -24.69
C THR B 401 16.98 22.63 -25.23
N THR B 402 16.43 22.38 -26.42
CA THR B 402 16.29 21.03 -26.96
C THR B 402 16.18 21.13 -28.48
N LEU B 403 16.03 19.98 -29.12
CA LEU B 403 15.73 19.92 -30.56
C LEU B 403 14.28 19.64 -30.86
N ARG B 404 13.59 18.83 -30.05
CA ARG B 404 12.17 18.61 -30.28
C ARG B 404 11.39 19.91 -30.14
N TYR B 405 11.82 20.78 -29.23
CA TYR B 405 11.17 22.08 -29.07
C TYR B 405 11.30 22.92 -30.35
N SER B 406 12.51 22.97 -30.92
CA SER B 406 12.69 23.70 -32.16
C SER B 406 11.87 23.08 -33.28
N VAL B 407 11.76 21.75 -33.31
CA VAL B 407 10.99 21.10 -34.35
C VAL B 407 9.52 21.46 -34.23
N GLN B 408 8.96 21.45 -33.01
CA GLN B 408 7.56 21.84 -32.88
C GLN B 408 7.37 23.32 -33.15
N LEU B 409 8.42 24.13 -32.97
CA LEU B 409 8.34 25.55 -33.31
C LEU B 409 8.58 25.80 -34.80
N LEU B 410 7.95 25.02 -35.66
CA LEU B 410 7.97 25.27 -37.10
C LEU B 410 6.58 25.52 -37.66
N THR B 411 5.60 24.69 -37.31
CA THR B 411 4.22 24.95 -37.70
C THR B 411 3.69 26.27 -37.16
N PRO B 412 3.85 26.62 -35.87
CA PRO B 412 3.33 27.92 -35.42
C PRO B 412 3.96 29.09 -36.16
N ALA B 413 5.26 29.02 -36.46
CA ALA B 413 5.89 30.09 -37.21
C ALA B 413 5.33 30.18 -38.62
N ASN B 414 5.10 29.03 -39.26
CA ASN B 414 4.50 29.02 -40.59
C ASN B 414 3.11 29.64 -40.58
N LEU B 415 2.30 29.32 -39.58
CA LEU B 415 0.95 29.88 -39.51
C LEU B 415 0.98 31.37 -39.22
N LEU B 416 1.88 31.80 -38.35
CA LEU B 416 2.01 33.23 -38.08
C LEU B 416 2.50 33.98 -39.32
N ALA B 417 3.30 33.31 -40.16
CA ALA B 417 3.72 33.92 -41.41
C ALA B 417 2.56 34.00 -42.41
N LYS B 418 1.75 32.93 -42.48
CA LYS B 418 0.61 32.95 -43.39
C LYS B 418 -0.42 33.99 -42.98
N ILE B 419 -0.65 34.14 -41.68
CA ILE B 419 -1.62 35.12 -41.19
C ILE B 419 -1.17 36.53 -41.57
N ASN B 420 0.12 36.83 -41.37
CA ASN B 420 0.63 38.15 -41.68
C ASN B 420 0.57 38.48 -43.17
N GLY B 421 0.42 37.46 -44.02
CA GLY B 421 0.34 37.70 -45.45
C GLY B 421 1.66 37.49 -46.16
N LYS B 422 2.38 36.44 -45.79
CA LYS B 422 3.65 36.10 -46.40
C LYS B 422 3.64 34.62 -46.76
N ASP B 423 4.78 34.15 -47.27
CA ASP B 423 4.96 32.74 -47.63
C ASP B 423 6.14 32.08 -46.95
N SER B 424 7.16 32.86 -46.59
CA SER B 424 8.36 32.33 -45.95
C SER B 424 8.52 32.93 -44.56
N ILE B 425 8.94 32.10 -43.62
CA ILE B 425 9.16 32.53 -42.25
C ILE B 425 10.41 33.40 -42.17
N GLU B 426 10.34 34.45 -41.36
CA GLU B 426 11.46 35.37 -41.18
C GLU B 426 11.90 35.37 -39.72
N LYS B 427 13.01 36.06 -39.47
CA LYS B 427 13.59 36.11 -38.13
C LYS B 427 12.61 36.71 -37.13
N GLU B 428 11.93 37.79 -37.51
CA GLU B 428 10.99 38.43 -36.61
C GLU B 428 9.86 37.47 -36.24
N HIS B 429 9.39 36.70 -37.20
CA HIS B 429 8.31 35.76 -36.94
C HIS B 429 8.75 34.68 -35.96
N VAL B 430 9.97 34.18 -36.11
CA VAL B 430 10.49 33.16 -35.21
C VAL B 430 10.66 33.74 -33.81
N GLU B 431 11.17 34.97 -33.70
CA GLU B 431 11.30 35.59 -32.39
C GLU B 431 9.95 35.77 -31.72
N GLU B 432 8.95 36.22 -32.48
CA GLU B 432 7.61 36.41 -31.93
C GLU B 432 7.03 35.08 -31.45
N ILE B 433 7.16 34.03 -32.26
CA ILE B 433 6.59 32.74 -31.88
C ILE B 433 7.38 32.08 -30.75
N SER B 434 8.66 32.43 -30.59
CA SER B 434 9.44 31.91 -29.47
C SER B 434 9.14 32.67 -28.19
N GLU B 435 8.72 33.93 -28.30
CA GLU B 435 8.27 34.66 -27.12
C GLU B 435 6.88 34.23 -26.69
N LEU B 436 6.01 33.91 -27.66
CA LEU B 436 4.64 33.52 -27.33
C LEU B 436 4.60 32.18 -26.60
N PHE B 437 5.34 31.19 -27.10
CA PHE B 437 5.35 29.86 -26.51
C PHE B 437 6.67 29.58 -25.82
N TYR B 438 6.61 28.77 -24.78
CA TYR B 438 7.79 28.41 -23.99
C TYR B 438 7.88 26.89 -23.85
N ASP B 439 9.06 26.44 -23.45
CA ASP B 439 9.30 25.04 -23.15
C ASP B 439 9.03 24.77 -21.67
N ALA B 440 9.12 23.50 -21.28
CA ALA B 440 8.81 23.12 -19.91
C ALA B 440 9.80 23.72 -18.92
N LYS B 441 11.10 23.69 -19.25
CA LYS B 441 12.11 24.14 -18.30
C LYS B 441 11.93 25.62 -17.95
N SER B 442 11.85 26.48 -18.97
CA SER B 442 11.71 27.91 -18.71
C SER B 442 10.36 28.25 -18.10
N SER B 443 9.30 27.55 -18.50
CA SER B 443 7.99 27.79 -17.90
C SER B 443 8.00 27.46 -16.42
N ALA B 444 8.61 26.33 -16.04
CA ALA B 444 8.72 25.97 -14.64
C ALA B 444 9.59 26.97 -13.89
N LYS B 445 10.68 27.43 -14.51
CA LYS B 445 11.53 28.42 -13.86
C LYS B 445 10.78 29.71 -13.61
N ILE B 446 9.98 30.15 -14.58
CA ILE B 446 9.20 31.38 -14.42
C ILE B 446 8.16 31.19 -13.32
N LEU B 447 7.47 30.05 -13.33
CA LEU B 447 6.45 29.80 -12.32
C LEU B 447 7.04 29.64 -10.92
N ALA B 448 8.31 29.27 -10.82
CA ALA B 448 8.93 29.14 -9.50
C ALA B 448 9.08 30.50 -8.82
N ASP B 449 9.25 31.57 -9.59
CA ASP B 449 9.44 32.90 -9.04
C ASP B 449 8.09 33.62 -8.89
N GLU C 5 -0.14 -47.63 13.16
CA GLU C 5 0.38 -46.40 13.75
C GLU C 5 0.97 -45.49 12.69
N VAL C 6 0.74 -44.19 12.85
CA VAL C 6 1.22 -43.20 11.90
C VAL C 6 2.73 -42.98 12.11
N LYS C 7 3.37 -42.42 11.10
CA LYS C 7 4.79 -42.12 11.16
C LYS C 7 5.00 -40.78 11.86
N SER C 8 6.24 -40.30 11.88
CA SER C 8 6.59 -39.03 12.51
C SER C 8 7.04 -38.04 11.46
N THR C 9 6.66 -36.77 11.65
CA THR C 9 7.01 -35.69 10.73
C THR C 9 7.89 -34.64 11.40
N THR C 10 8.62 -35.04 12.45
CA THR C 10 9.50 -34.10 13.13
C THR C 10 10.64 -33.67 12.21
N LYS C 11 10.93 -32.38 12.20
CA LYS C 11 12.02 -31.83 11.38
C LYS C 11 13.33 -32.13 12.09
N THR C 12 13.92 -33.29 11.76
CA THR C 12 15.05 -33.81 12.51
C THR C 12 16.30 -32.96 12.35
N GLN C 13 16.40 -32.18 11.26
CA GLN C 13 17.58 -31.36 11.06
C GLN C 13 17.68 -30.22 12.06
N ARG C 14 16.55 -29.67 12.51
CA ARG C 14 16.59 -28.56 13.46
C ARG C 14 16.99 -29.02 14.86
N ILE C 15 16.76 -30.29 15.19
CA ILE C 15 17.17 -30.84 16.47
C ILE C 15 18.37 -31.75 16.33
N ALA C 16 18.94 -31.89 15.13
CA ALA C 16 20.12 -32.73 14.96
C ALA C 16 21.32 -32.15 15.69
N SER C 17 21.48 -30.83 15.67
CA SER C 17 22.58 -30.20 16.38
C SER C 17 22.43 -30.33 17.89
N HIS C 18 21.22 -30.55 18.39
CA HIS C 18 20.97 -30.76 19.82
C HIS C 18 20.52 -32.21 20.00
N SER C 19 21.49 -33.12 20.10
CA SER C 19 21.21 -34.52 20.34
C SER C 19 21.89 -35.08 21.57
N HIS C 20 22.94 -34.43 22.06
CA HIS C 20 23.62 -34.87 23.27
C HIS C 20 22.86 -34.50 24.54
N VAL C 21 21.94 -33.54 24.45
CA VAL C 21 21.21 -33.10 25.64
C VAL C 21 20.23 -34.17 26.07
N LYS C 22 20.27 -34.50 27.37
CA LYS C 22 19.38 -35.48 27.96
C LYS C 22 18.37 -34.88 28.91
N GLY C 23 18.77 -33.87 29.68
CA GLY C 23 17.87 -33.19 30.59
C GLY C 23 18.46 -31.84 30.91
N LEU C 24 18.12 -31.31 32.08
CA LEU C 24 18.68 -30.05 32.53
C LEU C 24 20.00 -30.23 33.27
N GLY C 25 20.35 -31.45 33.66
CA GLY C 25 21.54 -31.66 34.46
C GLY C 25 21.46 -31.06 35.84
N LEU C 26 20.32 -31.20 36.52
CA LEU C 26 20.08 -30.60 37.82
C LEU C 26 20.06 -31.67 38.90
N ASP C 27 20.70 -31.38 40.03
CA ASP C 27 20.75 -32.31 41.14
C ASP C 27 19.43 -32.23 41.93
N GLU C 28 19.41 -32.86 43.11
CA GLU C 28 18.16 -32.99 43.86
C GLU C 28 17.72 -31.66 44.46
N SER C 29 18.66 -30.79 44.83
CA SER C 29 18.30 -29.53 45.47
C SER C 29 18.01 -28.41 44.48
N GLY C 30 18.11 -28.68 43.18
CA GLY C 30 17.88 -27.68 42.16
C GLY C 30 19.11 -26.98 41.65
N LEU C 31 20.26 -27.19 42.29
CA LEU C 31 21.50 -26.59 41.81
C LEU C 31 21.95 -27.26 40.52
N ALA C 32 22.87 -26.60 39.82
CA ALA C 32 23.35 -27.06 38.52
C ALA C 32 24.80 -27.51 38.64
N LYS C 33 25.06 -28.74 38.21
CA LYS C 33 26.42 -29.24 38.12
C LYS C 33 27.07 -28.73 36.84
N GLN C 34 28.41 -28.69 36.85
CA GLN C 34 29.14 -28.04 35.76
C GLN C 34 28.88 -28.72 34.42
N ALA C 35 28.86 -30.05 34.40
CA ALA C 35 28.65 -30.81 33.18
C ALA C 35 27.86 -32.08 33.52
N ALA C 36 26.63 -32.16 33.01
CA ALA C 36 25.80 -33.34 33.22
C ALA C 36 24.68 -33.34 32.19
N SER C 37 24.20 -34.55 31.87
CA SER C 37 23.09 -34.73 30.93
C SER C 37 23.36 -34.05 29.60
N GLY C 38 24.62 -34.08 29.17
CA GLY C 38 25.01 -33.46 27.91
C GLY C 38 24.77 -31.97 27.88
N LEU C 39 25.14 -31.27 28.95
CA LEU C 39 24.96 -29.84 29.03
C LEU C 39 26.12 -29.26 29.82
N VAL C 40 26.76 -28.23 29.27
CA VAL C 40 27.97 -27.64 29.86
C VAL C 40 27.73 -26.16 30.09
N GLY C 41 27.99 -25.71 31.31
CA GLY C 41 27.92 -24.29 31.62
C GLY C 41 26.49 -23.77 31.72
N GLN C 42 26.40 -22.45 31.79
CA GLN C 42 25.12 -21.75 31.92
C GLN C 42 24.33 -22.27 33.12
N GLU C 43 25.00 -22.32 34.27
CA GLU C 43 24.36 -22.85 35.48
C GLU C 43 23.18 -21.99 35.90
N ASN C 44 23.32 -20.66 35.81
CA ASN C 44 22.24 -19.77 36.24
C ASN C 44 20.99 -19.99 35.41
N ALA C 45 21.13 -19.96 34.08
CA ALA C 45 19.97 -20.17 33.22
C ALA C 45 19.39 -21.57 33.38
N ARG C 46 20.25 -22.56 33.65
CA ARG C 46 19.75 -23.91 33.82
C ARG C 46 18.96 -24.06 35.11
N GLU C 47 19.41 -23.40 36.19
CA GLU C 47 18.62 -23.39 37.41
C GLU C 47 17.28 -22.70 37.21
N ALA C 48 17.28 -21.59 36.46
CA ALA C 48 16.03 -20.91 36.15
C ALA C 48 15.09 -21.82 35.35
N CYS C 49 15.66 -22.54 34.37
CA CYS C 49 14.85 -23.49 33.61
C CYS C 49 14.28 -24.58 34.49
N GLY C 50 15.07 -25.07 35.45
CA GLY C 50 14.56 -26.08 36.37
C GLY C 50 13.41 -25.56 37.22
N VAL C 51 13.54 -24.32 37.70
CA VAL C 51 12.43 -23.70 38.42
C VAL C 51 11.20 -23.61 37.53
N ILE C 52 11.40 -23.32 36.25
CA ILE C 52 10.28 -23.20 35.33
C ILE C 52 9.62 -24.57 35.11
N VAL C 53 10.42 -25.63 35.02
CA VAL C 53 9.86 -26.98 34.95
C VAL C 53 9.05 -27.29 36.19
N GLU C 54 9.54 -26.88 37.36
CA GLU C 54 8.77 -27.08 38.59
C GLU C 54 7.43 -26.35 38.52
N LEU C 55 7.44 -25.11 38.03
CA LEU C 55 6.19 -24.37 37.89
C LEU C 55 5.24 -25.05 36.91
N ILE C 56 5.77 -25.55 35.79
CA ILE C 56 4.93 -26.21 34.80
C ILE C 56 4.31 -27.48 35.38
N LYS C 57 5.10 -28.27 36.11
CA LYS C 57 4.58 -29.48 36.72
C LYS C 57 3.56 -29.17 37.80
N SER C 58 3.71 -28.04 38.50
CA SER C 58 2.78 -27.65 39.54
C SER C 58 1.58 -26.88 38.99
N LYS C 59 1.38 -26.88 37.68
CA LYS C 59 0.25 -26.19 37.04
C LYS C 59 0.23 -24.70 37.38
N LYS C 60 1.41 -24.11 37.63
CA LYS C 60 1.50 -22.69 37.91
C LYS C 60 1.70 -21.85 36.67
N MET C 61 1.92 -22.47 35.51
CA MET C 61 1.99 -21.76 34.23
C MET C 61 0.61 -21.74 33.56
N ALA C 62 -0.35 -21.17 34.26
CA ALA C 62 -1.73 -21.09 33.78
C ALA C 62 -1.90 -19.85 32.91
N GLY C 63 -1.18 -19.85 31.79
CA GLY C 63 -1.24 -18.75 30.84
C GLY C 63 -0.01 -17.87 30.78
N ARG C 64 1.14 -18.33 31.25
CA ARG C 64 2.36 -17.55 31.20
C ARG C 64 3.27 -18.08 30.10
N ALA C 65 4.43 -17.45 29.95
CA ALA C 65 5.35 -17.79 28.88
C ALA C 65 6.77 -17.46 29.32
N VAL C 66 7.73 -17.99 28.56
CA VAL C 66 9.15 -17.81 28.82
C VAL C 66 9.77 -17.05 27.67
N LEU C 67 10.88 -16.36 27.97
CA LEU C 67 11.66 -15.68 26.95
C LEU C 67 13.13 -15.87 27.27
N LEU C 68 13.88 -16.43 26.34
CA LEU C 68 15.33 -16.57 26.48
C LEU C 68 16.00 -15.39 25.79
N ALA C 69 16.65 -14.55 26.57
CA ALA C 69 17.26 -13.31 26.09
C ALA C 69 18.77 -13.47 26.14
N GLY C 70 19.38 -13.72 24.99
CA GLY C 70 20.81 -13.91 24.93
C GLY C 70 21.36 -13.79 23.52
N PRO C 71 22.65 -13.51 23.42
CA PRO C 71 23.30 -13.38 22.11
C PRO C 71 23.27 -14.70 21.36
N PRO C 72 23.43 -14.68 20.04
CA PRO C 72 23.35 -15.92 19.27
C PRO C 72 24.44 -16.90 19.66
N GLY C 73 24.10 -18.19 19.55
CA GLY C 73 25.02 -19.26 19.94
C GLY C 73 25.32 -19.33 21.42
N THR C 74 24.30 -19.20 22.28
CA THR C 74 24.48 -19.32 23.72
C THR C 74 23.50 -20.31 24.32
N GLY C 75 23.14 -21.35 23.57
CA GLY C 75 22.39 -22.45 24.13
C GLY C 75 20.92 -22.21 24.37
N LYS C 76 20.32 -21.20 23.74
CA LYS C 76 18.89 -20.96 23.95
C LYS C 76 18.05 -22.13 23.45
N THR C 77 18.30 -22.58 22.23
CA THR C 77 17.60 -23.74 21.71
C THR C 77 17.94 -24.98 22.52
N ALA C 78 19.20 -25.09 22.96
CA ALA C 78 19.60 -26.23 23.77
C ALA C 78 18.83 -26.26 25.09
N LEU C 79 18.67 -25.11 25.73
CA LEU C 79 17.93 -25.07 26.99
C LEU C 79 16.45 -25.32 26.79
N ALA C 80 15.89 -24.84 25.67
CA ALA C 80 14.50 -25.15 25.37
C ALA C 80 14.30 -26.64 25.18
N LEU C 81 15.20 -27.30 24.45
CA LEU C 81 15.10 -28.75 24.27
C LEU C 81 15.33 -29.47 25.59
N ALA C 82 16.21 -28.96 26.44
CA ALA C 82 16.42 -29.56 27.76
C ALA C 82 15.15 -29.48 28.60
N ILE C 83 14.46 -28.34 28.56
CA ILE C 83 13.19 -28.22 29.27
C ILE C 83 12.19 -29.21 28.71
N ALA C 84 12.13 -29.32 27.39
CA ALA C 84 11.19 -30.26 26.76
C ALA C 84 11.47 -31.70 27.18
N GLN C 85 12.75 -32.07 27.27
CA GLN C 85 13.10 -33.43 27.68
C GLN C 85 12.90 -33.64 29.17
N GLU C 86 13.04 -32.59 29.97
CA GLU C 86 12.81 -32.71 31.40
C GLU C 86 11.32 -32.78 31.73
N LEU C 87 10.46 -32.24 30.86
CA LEU C 87 9.03 -32.34 31.07
C LEU C 87 8.53 -33.77 31.06
N GLY C 88 9.27 -34.70 30.44
CA GLY C 88 8.84 -36.07 30.36
C GLY C 88 9.65 -36.82 29.33
N SER C 89 9.30 -38.10 29.18
CA SER C 89 10.09 -38.98 28.32
C SER C 89 10.02 -38.55 26.86
N LYS C 90 8.81 -38.26 26.36
CA LYS C 90 8.59 -37.99 24.95
C LYS C 90 7.71 -36.76 24.76
N VAL C 91 8.03 -35.69 25.48
CA VAL C 91 7.30 -34.44 25.32
C VAL C 91 7.69 -33.79 24.00
N PRO C 92 6.73 -33.37 23.17
CA PRO C 92 7.08 -32.80 21.87
C PRO C 92 7.86 -31.51 21.98
N PHE C 93 8.75 -31.29 21.01
CA PHE C 93 9.48 -30.04 20.89
C PHE C 93 9.33 -29.57 19.45
N CYS C 94 8.86 -28.33 19.28
CA CYS C 94 8.58 -27.77 17.95
C CYS C 94 9.35 -26.47 17.79
N PRO C 95 10.58 -26.51 17.28
CA PRO C 95 11.32 -25.27 17.05
C PRO C 95 10.72 -24.48 15.90
N MET C 96 10.92 -23.17 15.96
CA MET C 96 10.38 -22.28 14.95
C MET C 96 11.21 -21.01 14.92
N VAL C 97 11.34 -20.45 13.72
CA VAL C 97 11.78 -19.07 13.52
C VAL C 97 10.59 -18.28 13.00
N GLY C 98 10.41 -17.07 13.53
CA GLY C 98 9.24 -16.29 13.16
C GLY C 98 9.10 -16.05 11.68
N SER C 99 10.23 -16.07 10.96
CA SER C 99 10.19 -15.77 9.52
C SER C 99 9.26 -16.70 8.76
N GLU C 100 9.08 -17.93 9.23
CA GLU C 100 8.22 -18.85 8.49
C GLU C 100 6.75 -18.50 8.57
N VAL C 101 6.34 -17.55 9.42
CA VAL C 101 4.97 -17.08 9.34
C VAL C 101 4.71 -16.30 8.08
N TYR C 102 5.75 -15.99 7.31
CA TYR C 102 5.65 -15.24 6.06
C TYR C 102 5.74 -16.24 4.90
N SER C 103 4.59 -16.84 4.58
CA SER C 103 4.50 -17.81 3.50
C SER C 103 3.56 -17.29 2.42
N THR C 104 3.72 -17.84 1.21
CA THR C 104 2.90 -17.41 0.09
C THR C 104 1.63 -18.25 -0.07
N GLU C 105 1.76 -19.57 0.06
CA GLU C 105 0.63 -20.46 -0.16
C GLU C 105 -0.30 -20.51 1.05
N ILE C 106 0.25 -20.89 2.20
CA ILE C 106 -0.52 -20.99 3.43
C ILE C 106 -0.45 -19.67 4.17
N LYS C 107 -1.55 -19.30 4.81
CA LYS C 107 -1.61 -18.03 5.53
C LYS C 107 -0.84 -18.11 6.84
N LYS C 108 -0.76 -16.97 7.52
CA LYS C 108 -0.10 -16.91 8.82
C LYS C 108 -0.81 -17.78 9.83
N THR C 109 -2.15 -17.79 9.78
CA THR C 109 -2.93 -18.64 10.67
C THR C 109 -2.57 -20.10 10.48
N GLU C 110 -2.44 -20.54 9.22
CA GLU C 110 -2.11 -21.93 8.95
C GLU C 110 -0.75 -22.30 9.52
N VAL C 111 0.25 -21.43 9.33
CA VAL C 111 1.59 -21.73 9.82
C VAL C 111 1.60 -21.80 11.34
N LEU C 112 0.99 -20.82 12.00
CA LEU C 112 1.01 -20.80 13.46
C LEU C 112 0.23 -21.97 14.04
N MET C 113 -0.92 -22.31 13.45
CA MET C 113 -1.67 -23.46 13.93
C MET C 113 -0.92 -24.76 13.69
N GLU C 114 -0.26 -24.89 12.55
CA GLU C 114 0.51 -26.09 12.28
C GLU C 114 1.63 -26.26 13.30
N ASN C 115 2.29 -25.16 13.65
CA ASN C 115 3.37 -25.27 14.63
C ASN C 115 2.84 -25.45 16.05
N PHE C 116 1.64 -24.98 16.35
CA PHE C 116 1.03 -25.27 17.64
C PHE C 116 0.65 -26.74 17.74
N ARG C 117 0.09 -27.31 16.68
CA ARG C 117 -0.32 -28.70 16.69
C ARG C 117 0.87 -29.66 16.66
N ARG C 118 2.08 -29.16 16.42
CA ARG C 118 3.28 -29.98 16.52
C ARG C 118 3.81 -30.09 17.94
N ALA C 119 3.22 -29.38 18.90
CA ALA C 119 3.66 -29.41 20.28
C ALA C 119 2.67 -30.06 21.24
N ILE C 120 1.39 -30.15 20.86
CA ILE C 120 0.38 -30.76 21.72
C ILE C 120 0.46 -32.27 21.46
N GLY C 121 1.26 -32.96 22.26
CA GLY C 121 1.46 -34.37 22.05
C GLY C 121 0.35 -35.21 22.64
N LEU C 122 0.39 -36.51 22.34
CA LEU C 122 -0.63 -37.43 22.81
C LEU C 122 0.03 -38.76 23.10
N ARG C 123 -0.05 -39.20 24.35
CA ARG C 123 0.38 -40.54 24.75
C ARG C 123 -0.82 -41.45 24.65
N ILE C 124 -0.80 -42.36 23.68
CA ILE C 124 -1.83 -43.37 23.51
C ILE C 124 -1.43 -44.58 24.35
N LYS C 125 -2.41 -45.18 25.01
CA LYS C 125 -2.22 -46.42 25.77
C LYS C 125 -3.28 -47.39 25.27
N GLU C 126 -2.88 -48.29 24.38
CA GLU C 126 -3.79 -49.17 23.68
C GLU C 126 -3.63 -50.60 24.20
N THR C 127 -4.75 -51.24 24.53
CA THR C 127 -4.73 -52.63 24.95
C THR C 127 -4.70 -53.53 23.73
N LYS C 128 -3.61 -54.27 23.55
CA LYS C 128 -3.44 -55.10 22.37
C LYS C 128 -2.91 -56.49 22.75
N GLU C 129 -3.21 -57.45 21.88
CA GLU C 129 -2.64 -58.78 22.03
C GLU C 129 -1.19 -58.77 21.60
N VAL C 130 -0.32 -59.30 22.45
CA VAL C 130 1.13 -59.17 22.29
C VAL C 130 1.78 -60.54 22.47
N TYR C 131 3.02 -60.62 21.99
CA TYR C 131 3.84 -61.83 21.96
C TYR C 131 5.19 -61.52 22.62
N GLU C 132 5.14 -61.03 23.84
CA GLU C 132 6.36 -60.82 24.64
C GLU C 132 6.86 -62.18 25.11
N GLY C 133 8.03 -62.59 24.62
CA GLY C 133 8.58 -63.88 24.98
C GLY C 133 10.01 -63.99 24.48
N GLU C 134 10.67 -65.07 24.85
CA GLU C 134 12.05 -65.32 24.45
C GLU C 134 12.06 -66.05 23.12
N VAL C 135 12.76 -65.49 22.14
CA VAL C 135 12.92 -66.16 20.84
C VAL C 135 13.86 -67.34 21.04
N THR C 136 13.31 -68.56 21.05
CA THR C 136 14.13 -69.73 21.33
C THR C 136 14.82 -70.23 20.08
N GLU C 137 14.06 -70.41 18.99
CA GLU C 137 14.62 -70.90 17.74
C GLU C 137 13.94 -70.17 16.58
N LEU C 138 14.62 -70.20 15.42
CA LEU C 138 14.11 -69.60 14.20
C LEU C 138 14.40 -70.58 13.06
N THR C 139 13.45 -71.47 12.79
CA THR C 139 13.61 -72.48 11.76
C THR C 139 12.81 -72.08 10.53
N PRO C 140 13.46 -71.76 9.40
CA PRO C 140 12.73 -71.38 8.19
C PRO C 140 12.14 -72.60 7.51
N CYS C 141 10.82 -72.59 7.31
CA CYS C 141 10.15 -73.69 6.64
C CYS C 141 9.07 -73.17 5.68
N HIS C 156 7.74 -69.22 5.76
CA HIS C 156 6.86 -68.68 6.79
C HIS C 156 7.56 -68.62 8.14
N VAL C 157 8.84 -68.99 8.15
CA VAL C 157 9.72 -69.01 9.31
C VAL C 157 8.98 -69.22 10.63
N ILE C 158 8.62 -70.47 10.91
CA ILE C 158 7.95 -70.80 12.17
C ILE C 158 8.92 -70.51 13.31
N ILE C 159 8.44 -69.79 14.32
CA ILE C 159 9.26 -69.30 15.41
C ILE C 159 8.76 -69.89 16.72
N GLY C 160 9.70 -70.35 17.56
CA GLY C 160 9.37 -70.79 18.89
C GLY C 160 9.59 -69.67 19.90
N LEU C 161 8.56 -69.41 20.70
CA LEU C 161 8.60 -68.38 21.73
C LEU C 161 8.42 -69.04 23.09
N LYS C 162 9.31 -68.74 24.01
CA LYS C 162 9.33 -69.34 25.33
C LYS C 162 8.85 -68.33 26.37
N THR C 163 7.97 -68.78 27.26
CA THR C 163 7.53 -68.02 28.41
C THR C 163 7.46 -68.98 29.59
N ALA C 164 6.77 -68.56 30.67
CA ALA C 164 6.63 -69.43 31.83
C ALA C 164 5.88 -70.71 31.49
N LYS C 165 4.89 -70.64 30.60
CA LYS C 165 4.15 -71.84 30.21
C LYS C 165 5.04 -72.82 29.45
N GLY C 166 5.78 -72.32 28.48
CA GLY C 166 6.63 -73.18 27.68
C GLY C 166 6.88 -72.56 26.32
N THR C 167 7.33 -73.42 25.39
CA THR C 167 7.66 -72.99 24.04
C THR C 167 6.48 -73.23 23.11
N LYS C 168 5.98 -72.16 22.51
CA LYS C 168 4.89 -72.23 21.52
C LYS C 168 5.47 -71.90 20.14
N GLN C 169 5.12 -72.73 19.15
CA GLN C 169 5.60 -72.56 17.79
C GLN C 169 4.50 -71.92 16.97
N LEU C 170 4.79 -70.77 16.36
CA LEU C 170 3.81 -70.02 15.60
C LEU C 170 4.39 -69.57 14.27
N LYS C 171 3.53 -69.48 13.26
CA LYS C 171 3.93 -68.98 11.95
C LYS C 171 4.15 -67.47 12.02
N LEU C 172 5.22 -67.00 11.39
CA LEU C 172 5.61 -65.61 11.44
C LEU C 172 5.60 -64.99 10.04
N ASP C 173 5.11 -63.75 9.95
CA ASP C 173 5.10 -63.06 8.67
C ASP C 173 6.52 -62.68 8.25
N PRO C 174 6.78 -62.65 6.94
CA PRO C 174 8.12 -62.24 6.49
C PRO C 174 8.51 -60.84 6.92
N SER C 175 7.55 -59.90 6.96
CA SER C 175 7.86 -58.54 7.38
C SER C 175 8.29 -58.50 8.84
N ILE C 176 7.64 -59.28 9.70
CA ILE C 176 8.02 -59.33 11.10
C ILE C 176 9.41 -59.94 11.26
N PHE C 177 9.74 -60.94 10.43
CA PHE C 177 11.08 -61.52 10.47
C PHE C 177 12.12 -60.49 10.03
N GLU C 178 11.82 -59.70 9.00
CA GLU C 178 12.74 -58.65 8.58
C GLU C 178 12.93 -57.61 9.68
N SER C 179 11.83 -57.23 10.35
CA SER C 179 11.94 -56.26 11.44
C SER C 179 12.75 -56.83 12.59
N LEU C 180 12.59 -58.13 12.88
CA LEU C 180 13.39 -58.77 13.91
C LEU C 180 14.86 -58.78 13.54
N GLN C 181 15.18 -59.04 12.27
CA GLN C 181 16.57 -58.98 11.82
C GLN C 181 17.13 -57.58 11.95
N LYS C 182 16.32 -56.56 11.64
CA LYS C 182 16.76 -55.19 11.84
C LYS C 182 17.02 -54.91 13.31
N GLU C 183 16.16 -55.40 14.20
CA GLU C 183 16.37 -55.26 15.63
C GLU C 183 17.52 -56.10 16.16
N ARG C 184 18.05 -57.02 15.34
CA ARG C 184 19.20 -57.85 15.73
C ARG C 184 18.86 -58.71 16.94
N VAL C 185 17.86 -59.57 16.80
CA VAL C 185 17.42 -60.46 17.87
C VAL C 185 17.84 -61.88 17.51
N GLU C 186 18.52 -62.55 18.44
CA GLU C 186 18.96 -63.92 18.28
C GLU C 186 18.36 -64.80 19.37
N ALA C 187 18.68 -66.08 19.34
CA ALA C 187 18.19 -67.01 20.35
C ALA C 187 18.67 -66.60 21.74
N GLY C 188 17.77 -66.71 22.72
CA GLY C 188 18.08 -66.31 24.08
C GLY C 188 17.84 -64.85 24.34
N ASP C 189 16.79 -64.30 23.72
CA ASP C 189 16.44 -62.89 23.85
C ASP C 189 14.95 -62.78 24.10
N VAL C 190 14.58 -62.20 25.25
CA VAL C 190 13.18 -61.96 25.58
C VAL C 190 12.79 -60.63 24.93
N ILE C 191 12.08 -60.70 23.81
CA ILE C 191 11.68 -59.51 23.06
C ILE C 191 10.18 -59.53 22.86
N TYR C 192 9.65 -58.43 22.36
CA TYR C 192 8.22 -58.25 22.20
C TYR C 192 7.83 -58.32 20.73
N ILE C 193 6.77 -59.09 20.43
CA ILE C 193 6.19 -59.13 19.10
C ILE C 193 4.74 -58.68 19.19
N GLU C 194 4.16 -58.35 18.05
CA GLU C 194 2.76 -57.96 17.97
C GLU C 194 1.93 -59.09 17.36
N ALA C 195 0.74 -59.30 17.91
CA ALA C 195 -0.15 -60.36 17.48
C ALA C 195 -1.20 -59.88 16.48
N ASN C 196 -1.92 -58.80 16.80
CA ASN C 196 -2.98 -58.33 15.92
C ASN C 196 -2.42 -57.74 14.63
N SER C 197 -1.34 -56.96 14.73
CA SER C 197 -0.74 -56.31 13.57
C SER C 197 0.56 -56.98 13.14
N GLY C 198 1.53 -57.08 14.04
CA GLY C 198 2.79 -57.74 13.73
C GLY C 198 3.96 -56.79 13.61
N ALA C 199 4.77 -56.70 14.66
CA ALA C 199 5.99 -55.91 14.67
C ALA C 199 6.86 -56.35 15.83
N VAL C 200 8.15 -56.11 15.72
CA VAL C 200 9.12 -56.55 16.71
C VAL C 200 9.82 -55.34 17.29
N LYS C 201 9.85 -55.26 18.63
CA LYS C 201 10.63 -54.26 19.35
C LYS C 201 11.57 -54.98 20.30
N ARG C 202 12.84 -54.60 20.27
CA ARG C 202 13.87 -55.28 21.07
C ARG C 202 13.78 -54.79 22.50
N GLN C 203 13.37 -55.67 23.41
CA GLN C 203 13.31 -55.33 24.83
C GLN C 203 14.58 -55.73 25.56
N GLY C 204 15.20 -56.84 25.19
CA GLY C 204 16.45 -57.25 25.80
C GLY C 204 16.63 -58.76 25.72
N ARG C 205 17.59 -59.23 26.50
CA ARG C 205 17.94 -60.64 26.57
C ARG C 205 17.34 -61.27 27.82
N CYS C 206 17.21 -62.59 27.79
CA CYS C 206 16.66 -63.32 28.92
C CYS C 206 17.58 -63.23 30.12
N ASP C 207 16.98 -63.31 31.31
CA ASP C 207 17.74 -63.32 32.56
C ASP C 207 18.41 -64.66 32.85
N THR C 208 18.45 -65.56 31.87
CA THR C 208 19.24 -66.78 32.02
C THR C 208 20.73 -66.48 32.16
N TYR C 209 21.16 -65.29 31.75
CA TYR C 209 22.54 -64.83 31.89
C TYR C 209 22.58 -63.55 32.71
N ALA C 210 21.75 -63.49 33.76
CA ALA C 210 21.60 -62.27 34.56
C ALA C 210 22.77 -62.13 35.51
N THR C 211 23.62 -61.13 35.27
CA THR C 211 24.72 -60.80 36.15
C THR C 211 24.26 -59.74 37.16
N GLU C 212 25.23 -59.15 37.88
CA GLU C 212 24.88 -58.14 38.87
C GLU C 212 24.34 -56.87 38.23
N PHE C 213 24.80 -56.54 37.02
CA PHE C 213 24.35 -55.32 36.35
C PHE C 213 23.15 -55.55 35.44
N ASP C 214 22.86 -56.79 35.08
CA ASP C 214 21.68 -57.11 34.28
C ASP C 214 20.53 -57.44 35.23
N LEU C 215 19.62 -56.48 35.40
CA LEU C 215 18.47 -56.65 36.27
C LEU C 215 17.24 -57.02 35.43
N GLU C 216 16.09 -57.10 36.08
CA GLU C 216 14.84 -57.45 35.43
C GLU C 216 14.07 -56.19 35.06
N ALA C 217 13.16 -56.34 34.08
CA ALA C 217 12.34 -55.24 33.57
C ALA C 217 13.21 -54.08 33.09
N GLU C 218 14.31 -54.42 32.43
CA GLU C 218 15.32 -53.45 31.99
C GLU C 218 15.92 -53.99 30.71
N GLU C 219 17.12 -53.50 30.35
CA GLU C 219 17.84 -53.99 29.18
C GLU C 219 17.96 -55.51 29.15
N TYR C 220 17.80 -56.18 30.30
CA TYR C 220 17.57 -57.62 30.36
C TYR C 220 16.18 -57.84 30.93
N VAL C 221 15.41 -58.70 30.27
CA VAL C 221 14.02 -58.97 30.63
C VAL C 221 13.91 -60.46 30.98
N PRO C 222 13.31 -60.81 32.12
CA PRO C 222 13.20 -62.24 32.47
C PRO C 222 12.20 -62.98 31.59
N LEU C 223 12.00 -64.26 31.88
CA LEU C 223 11.02 -65.04 31.14
C LEU C 223 9.61 -64.54 31.43
N PRO C 224 8.83 -64.18 30.41
CA PRO C 224 7.50 -63.60 30.67
C PRO C 224 6.56 -64.54 31.40
N LYS C 225 6.13 -64.13 32.59
CA LYS C 225 5.15 -64.90 33.34
C LYS C 225 3.79 -64.86 32.64
N GLY C 226 3.09 -65.99 32.66
CA GLY C 226 1.83 -66.09 31.95
C GLY C 226 1.93 -66.94 30.70
N ASP C 227 1.94 -66.30 29.54
CA ASP C 227 2.02 -67.01 28.27
C ASP C 227 2.61 -66.07 27.23
N VAL C 228 2.88 -66.63 26.04
CA VAL C 228 3.36 -65.80 24.93
C VAL C 228 2.28 -64.79 24.54
N HIS C 229 1.04 -65.26 24.41
CA HIS C 229 -0.09 -64.41 24.05
C HIS C 229 -0.57 -63.69 25.29
N LYS C 230 -0.36 -62.38 25.35
CA LYS C 230 -0.75 -61.56 26.48
C LYS C 230 -1.58 -60.38 26.01
N LYS C 231 -2.17 -59.66 26.97
CA LYS C 231 -2.89 -58.43 26.71
C LYS C 231 -2.12 -57.30 27.40
N LYS C 232 -1.51 -56.43 26.60
CA LYS C 232 -0.61 -55.40 27.13
C LYS C 232 -1.11 -54.01 26.78
N GLU C 233 -0.87 -53.08 27.69
CA GLU C 233 -1.09 -51.66 27.46
C GLU C 233 0.15 -51.08 26.80
N ILE C 234 0.07 -50.78 25.51
CA ILE C 234 1.18 -50.24 24.75
C ILE C 234 1.10 -48.72 24.82
N ILE C 235 2.19 -48.09 25.26
CA ILE C 235 2.28 -46.65 25.34
C ILE C 235 3.04 -46.14 24.13
N GLN C 236 2.44 -45.20 23.41
CA GLN C 236 3.01 -44.71 22.15
C GLN C 236 2.84 -43.21 22.08
N ASP C 237 3.87 -42.52 21.58
CA ASP C 237 3.85 -41.07 21.46
C ASP C 237 3.42 -40.67 20.05
N VAL C 238 2.48 -39.73 19.96
CA VAL C 238 2.04 -39.18 18.69
C VAL C 238 1.85 -37.69 18.88
N THR C 239 1.68 -36.98 17.76
CA THR C 239 1.41 -35.55 17.77
C THR C 239 0.16 -35.29 16.94
N LEU C 240 -0.58 -34.24 17.30
CA LEU C 240 -1.81 -33.94 16.58
C LEU C 240 -1.54 -33.74 15.09
N HIS C 241 -0.52 -32.96 14.76
CA HIS C 241 -0.17 -32.75 13.36
C HIS C 241 0.18 -34.05 12.67
N ASP C 242 0.65 -35.05 13.42
CA ASP C 242 0.88 -36.37 12.83
C ASP C 242 -0.43 -37.01 12.38
N LEU C 243 -1.51 -36.83 13.16
CA LEU C 243 -2.82 -37.24 12.67
C LEU C 243 -3.28 -36.39 11.50
N ASP C 244 -2.91 -35.11 11.46
CA ASP C 244 -3.25 -34.29 10.30
C ASP C 244 -2.61 -34.83 9.02
N VAL C 245 -1.33 -35.22 9.10
CA VAL C 245 -0.68 -35.81 7.93
C VAL C 245 -1.08 -37.25 7.68
N ALA C 246 -1.92 -37.82 8.54
CA ALA C 246 -2.39 -39.19 8.38
C ALA C 246 -3.80 -39.26 7.81
N ASN C 247 -4.32 -38.14 7.31
CA ASN C 247 -5.64 -38.12 6.67
C ASN C 247 -5.57 -37.93 5.17
N ALA C 248 -4.38 -37.86 4.59
CA ALA C 248 -4.23 -37.70 3.15
C ALA C 248 -3.54 -38.91 2.53
N THR C 272 -7.17 -29.14 5.18
CA THR C 272 -8.36 -28.33 5.46
C THR C 272 -8.77 -28.45 6.92
N ASP C 273 -9.74 -27.62 7.32
CA ASP C 273 -10.22 -27.65 8.70
C ASP C 273 -11.23 -28.77 8.95
N LYS C 274 -11.79 -29.36 7.89
CA LYS C 274 -12.72 -30.47 8.08
C LYS C 274 -12.01 -31.70 8.64
N LEU C 275 -10.88 -32.08 8.02
CA LEU C 275 -10.11 -33.20 8.53
C LEU C 275 -9.63 -32.91 9.95
N ARG C 276 -9.22 -31.68 10.22
CA ARG C 276 -8.82 -31.31 11.57
C ARG C 276 -9.97 -31.49 12.54
N GLY C 277 -11.19 -31.12 12.14
CA GLY C 277 -12.35 -31.33 13.00
C GLY C 277 -12.61 -32.79 13.30
N GLU C 278 -12.51 -33.64 12.28
CA GLU C 278 -12.61 -35.09 12.55
C GLU C 278 -11.54 -35.53 13.52
N ILE C 279 -10.34 -34.96 13.40
CA ILE C 279 -9.25 -35.33 14.32
C ILE C 279 -9.58 -34.92 15.74
N ASN C 280 -10.11 -33.72 15.96
CA ASN C 280 -10.42 -33.33 17.33
C ASN C 280 -11.56 -34.18 17.88
N LYS C 281 -12.53 -34.54 17.04
CA LYS C 281 -13.60 -35.42 17.51
C LYS C 281 -13.04 -36.78 17.92
N VAL C 282 -12.14 -37.33 17.12
CA VAL C 282 -11.52 -38.62 17.45
C VAL C 282 -10.72 -38.51 18.75
N VAL C 283 -9.97 -37.42 18.91
CA VAL C 283 -9.17 -37.23 20.11
C VAL C 283 -10.08 -37.11 21.33
N ASN C 284 -11.20 -36.40 21.19
CA ASN C 284 -12.15 -36.29 22.28
C ASN C 284 -12.71 -37.65 22.67
N LYS C 285 -13.06 -38.47 21.67
CA LYS C 285 -13.55 -39.81 21.96
C LYS C 285 -12.49 -40.62 22.70
N TYR C 286 -11.24 -40.56 22.24
CA TYR C 286 -10.18 -41.33 22.88
C TYR C 286 -9.94 -40.88 24.32
N ILE C 287 -9.91 -39.56 24.57
CA ILE C 287 -9.61 -39.09 25.91
C ILE C 287 -10.78 -39.38 26.85
N ASP C 288 -12.01 -39.23 26.36
CA ASP C 288 -13.16 -39.57 27.19
C ASP C 288 -13.28 -41.07 27.44
N GLN C 289 -12.71 -41.89 26.56
CA GLN C 289 -12.65 -43.32 26.84
C GLN C 289 -11.68 -43.62 27.99
N GLY C 290 -10.70 -42.75 28.20
CA GLY C 290 -9.75 -42.93 29.28
C GLY C 290 -8.54 -43.78 28.96
N ILE C 291 -8.24 -44.01 27.69
CA ILE C 291 -7.12 -44.86 27.29
C ILE C 291 -5.93 -44.05 26.82
N ALA C 292 -5.96 -42.72 26.95
CA ALA C 292 -4.88 -41.88 26.44
C ALA C 292 -4.86 -40.57 27.19
N GLU C 293 -3.74 -39.85 27.06
CA GLU C 293 -3.62 -38.54 27.68
C GLU C 293 -2.94 -37.57 26.72
N LEU C 294 -3.47 -36.35 26.65
CA LEU C 294 -2.90 -35.32 25.80
C LEU C 294 -1.92 -34.50 26.65
N VAL C 295 -0.68 -34.45 26.22
CA VAL C 295 0.39 -33.83 26.99
C VAL C 295 0.78 -32.48 26.35
N PRO C 296 0.91 -31.42 27.14
CA PRO C 296 1.42 -30.16 26.60
C PRO C 296 2.92 -30.24 26.38
N GLY C 297 3.37 -29.69 25.24
CA GLY C 297 4.75 -29.72 24.87
C GLY C 297 5.41 -28.37 24.99
N VAL C 298 6.56 -28.23 24.33
CA VAL C 298 7.34 -26.99 24.32
C VAL C 298 7.43 -26.50 22.89
N LEU C 299 7.06 -25.24 22.67
CA LEU C 299 7.03 -24.63 21.35
C LEU C 299 8.01 -23.47 21.36
N PHE C 300 9.14 -23.65 20.68
CA PHE C 300 10.20 -22.66 20.66
C PHE C 300 10.01 -21.69 19.52
N VAL C 301 10.24 -20.40 19.79
CA VAL C 301 10.10 -19.34 18.80
C VAL C 301 11.38 -18.52 18.83
N ASP C 302 12.30 -18.79 17.92
CA ASP C 302 13.50 -18.01 17.76
C ASP C 302 13.23 -16.80 16.88
N GLU C 303 13.98 -15.72 17.10
CA GLU C 303 13.80 -14.47 16.39
C GLU C 303 12.37 -13.96 16.52
N VAL C 304 11.97 -13.74 17.78
CA VAL C 304 10.59 -13.38 18.08
C VAL C 304 10.24 -12.00 17.53
N HIS C 305 11.24 -11.17 17.22
CA HIS C 305 10.96 -9.83 16.71
C HIS C 305 10.41 -9.85 15.29
N MET C 306 10.54 -10.97 14.58
CA MET C 306 10.05 -11.04 13.21
C MET C 306 8.56 -11.33 13.11
N LEU C 307 7.92 -11.73 14.20
CA LEU C 307 6.48 -11.93 14.18
C LEU C 307 5.76 -10.60 14.15
N ASP C 308 4.69 -10.53 13.38
CA ASP C 308 3.86 -9.34 13.36
C ASP C 308 3.10 -9.20 14.67
N ILE C 309 2.64 -7.98 14.94
CA ILE C 309 1.69 -7.78 16.02
C ILE C 309 0.43 -8.58 15.75
N GLU C 310 0.17 -8.89 14.48
CA GLU C 310 -0.93 -9.77 14.13
C GLU C 310 -0.75 -11.15 14.74
N CYS C 311 0.46 -11.71 14.65
CA CYS C 311 0.71 -13.05 15.18
C CYS C 311 0.68 -13.07 16.70
N PHE C 312 1.12 -11.99 17.34
CA PHE C 312 1.20 -11.96 18.79
C PHE C 312 -0.18 -12.09 19.42
N THR C 313 -1.21 -11.56 18.78
CA THR C 313 -2.56 -11.73 19.31
C THR C 313 -2.97 -13.20 19.31
N TYR C 314 -2.69 -13.90 18.22
CA TYR C 314 -2.98 -15.33 18.17
C TYR C 314 -2.19 -16.09 19.22
N LEU C 315 -0.91 -15.75 19.38
CA LEU C 315 -0.08 -16.39 20.39
C LEU C 315 -0.64 -16.17 21.79
N HIS C 316 -1.04 -14.93 22.09
CA HIS C 316 -1.57 -14.60 23.40
C HIS C 316 -2.89 -15.32 23.68
N ARG C 317 -3.78 -15.36 22.69
CA ARG C 317 -5.06 -16.03 22.89
C ARG C 317 -4.90 -17.55 22.89
N ALA C 318 -3.79 -18.07 22.38
CA ALA C 318 -3.57 -19.50 22.37
C ALA C 318 -3.00 -20.01 23.70
N LEU C 319 -1.94 -19.37 24.19
CA LEU C 319 -1.30 -19.84 25.42
C LEU C 319 -2.17 -19.66 26.65
N GLU C 320 -3.23 -18.87 26.56
CA GLU C 320 -4.15 -18.72 27.69
C GLU C 320 -5.06 -19.92 27.88
N SER C 321 -5.13 -20.81 26.89
CA SER C 321 -6.03 -21.96 26.98
C SER C 321 -5.53 -22.94 28.04
N SER C 322 -6.46 -23.77 28.52
CA SER C 322 -6.13 -24.76 29.54
C SER C 322 -5.13 -25.78 29.01
N ILE C 323 -5.35 -26.27 27.79
CA ILE C 323 -4.44 -27.21 27.16
C ILE C 323 -3.64 -26.43 26.11
N ALA C 324 -2.46 -25.98 26.52
CA ALA C 324 -1.61 -25.21 25.63
C ALA C 324 -0.15 -25.56 25.89
N PRO C 325 0.70 -25.54 24.87
CA PRO C 325 2.12 -25.74 25.09
C PRO C 325 2.74 -24.55 25.80
N ILE C 326 3.80 -24.81 26.55
CA ILE C 326 4.55 -23.73 27.18
C ILE C 326 5.35 -23.03 26.10
N VAL C 327 4.87 -21.86 25.66
CA VAL C 327 5.44 -21.14 24.53
C VAL C 327 6.66 -20.40 25.05
N ILE C 328 7.83 -20.75 24.53
CA ILE C 328 9.09 -20.13 24.91
C ILE C 328 9.64 -19.35 23.73
N PHE C 329 9.89 -18.07 23.94
CA PHE C 329 10.44 -17.18 22.93
C PHE C 329 11.96 -17.11 23.07
N ALA C 330 12.60 -16.55 22.05
CA ALA C 330 14.02 -16.25 22.11
C ALA C 330 14.27 -14.93 21.41
N SER C 331 15.27 -14.20 21.88
CA SER C 331 15.55 -12.90 21.28
C SER C 331 16.99 -12.53 21.53
N ASN C 332 17.57 -11.76 20.60
CA ASN C 332 18.93 -11.25 20.72
C ASN C 332 19.02 -9.79 20.31
N ARG C 333 17.90 -9.07 20.27
CA ARG C 333 17.88 -7.63 20.08
C ARG C 333 16.99 -7.00 21.14
N GLY C 334 17.35 -5.78 21.55
CA GLY C 334 16.67 -5.14 22.66
C GLY C 334 15.43 -4.40 22.22
N ASN C 335 15.32 -3.13 22.54
CA ASN C 335 14.16 -2.34 22.14
C ASN C 335 14.05 -2.33 20.62
N CYS C 336 12.99 -2.93 20.10
CA CYS C 336 12.81 -3.07 18.66
C CYS C 336 11.40 -2.65 18.29
N VAL C 337 11.24 -2.23 17.04
CA VAL C 337 9.93 -1.84 16.55
C VAL C 337 9.06 -3.07 16.35
N ILE C 338 7.82 -3.01 16.82
CA ILE C 338 6.88 -4.08 16.54
C ILE C 338 6.55 -4.06 15.05
N ARG C 339 6.68 -5.21 14.40
CA ARG C 339 6.35 -5.30 13.00
C ARG C 339 4.84 -5.31 12.84
N GLY C 340 4.35 -4.49 11.91
CA GLY C 340 2.92 -4.28 11.76
C GLY C 340 2.55 -2.84 12.06
N THR C 341 3.15 -2.28 13.10
CA THR C 341 3.08 -0.85 13.36
C THR C 341 4.26 -0.17 12.65
N GLU C 342 4.44 1.13 12.87
CA GLU C 342 5.53 1.83 12.21
C GLU C 342 6.45 2.58 13.17
N ASP C 343 6.02 2.93 14.37
CA ASP C 343 6.88 3.70 15.27
C ASP C 343 6.80 3.24 16.71
N ILE C 344 5.99 2.24 17.06
CA ILE C 344 5.82 1.81 18.44
C ILE C 344 6.90 0.80 18.76
N THR C 345 7.96 1.25 19.42
CA THR C 345 9.06 0.39 19.81
C THR C 345 8.79 -0.21 21.19
N SER C 346 9.10 -1.48 21.34
CA SER C 346 8.82 -2.22 22.56
C SER C 346 9.98 -3.18 22.84
N PRO C 347 10.09 -3.66 24.07
CA PRO C 347 11.13 -4.65 24.38
C PRO C 347 11.02 -5.89 23.49
N HIS C 348 12.14 -6.25 22.86
CA HIS C 348 12.27 -7.46 22.06
C HIS C 348 11.24 -7.55 20.94
N GLY C 349 10.69 -6.41 20.51
CA GLY C 349 9.66 -6.44 19.49
C GLY C 349 8.39 -7.13 19.90
N ILE C 350 8.11 -7.18 21.20
CA ILE C 350 6.92 -7.86 21.72
C ILE C 350 5.97 -6.81 22.29
N PRO C 351 4.67 -6.88 21.99
CA PRO C 351 3.74 -5.89 22.53
C PRO C 351 3.71 -5.95 24.05
N LEU C 352 3.42 -4.80 24.66
CA LEU C 352 3.44 -4.68 26.11
C LEU C 352 2.32 -5.45 26.79
N ASP C 353 1.38 -6.00 26.04
CA ASP C 353 0.28 -6.77 26.61
C ASP C 353 0.74 -8.19 26.95
N LEU C 354 1.21 -8.93 25.95
CA LEU C 354 1.62 -10.32 26.19
C LEU C 354 2.93 -10.38 26.96
N LEU C 355 3.78 -9.36 26.79
CA LEU C 355 5.07 -9.35 27.46
C LEU C 355 4.91 -9.25 28.97
N ASP C 356 3.74 -8.81 29.44
CA ASP C 356 3.46 -8.74 30.87
C ASP C 356 3.61 -10.10 31.53
N ARG C 357 3.07 -11.14 30.89
CA ARG C 357 3.05 -12.49 31.45
C ARG C 357 4.21 -13.34 30.98
N VAL C 358 5.37 -12.72 30.76
CA VAL C 358 6.57 -13.40 30.28
C VAL C 358 7.66 -13.27 31.33
N MET C 359 8.25 -14.41 31.71
CA MET C 359 9.47 -14.41 32.51
C MET C 359 10.67 -14.44 31.58
N ILE C 360 11.72 -13.74 31.97
CA ILE C 360 12.89 -13.52 31.13
C ILE C 360 14.09 -14.18 31.78
N ILE C 361 14.79 -15.01 31.01
CA ILE C 361 16.01 -15.69 31.47
C ILE C 361 17.15 -15.24 30.58
N ARG C 362 18.24 -14.79 31.19
CA ARG C 362 19.41 -14.36 30.45
C ARG C 362 20.37 -15.52 30.25
N THR C 363 20.83 -15.70 29.02
CA THR C 363 21.84 -16.69 28.69
C THR C 363 23.14 -15.96 28.37
N MET C 364 24.24 -16.41 28.98
CA MET C 364 25.51 -15.71 28.93
C MET C 364 26.40 -16.29 27.84
N LEU C 365 27.54 -15.62 27.64
CA LEU C 365 28.54 -16.10 26.70
C LEU C 365 29.34 -17.26 27.31
N TYR C 366 30.10 -17.93 26.45
CA TYR C 366 30.87 -19.09 26.87
C TYR C 366 32.35 -18.76 26.97
N THR C 367 32.98 -19.24 28.05
CA THR C 367 34.42 -19.12 28.22
C THR C 367 35.13 -20.13 27.30
N PRO C 368 36.40 -19.88 26.99
CA PRO C 368 37.09 -20.78 26.04
C PRO C 368 37.08 -22.25 26.44
N GLN C 369 37.25 -22.56 27.72
CA GLN C 369 37.22 -23.97 28.13
C GLN C 369 35.81 -24.55 28.01
N GLU C 370 34.79 -23.75 28.31
CA GLU C 370 33.43 -24.19 28.09
C GLU C 370 33.19 -24.51 26.63
N MET C 371 33.68 -23.65 25.73
CA MET C 371 33.51 -23.87 24.30
C MET C 371 34.25 -25.12 23.84
N LYS C 372 35.46 -25.34 24.39
CA LYS C 372 36.20 -26.56 24.08
C LYS C 372 35.40 -27.79 24.48
N GLN C 373 34.83 -27.78 25.69
CA GLN C 373 34.03 -28.91 26.13
C GLN C 373 32.81 -29.12 25.22
N ILE C 374 32.16 -28.03 24.83
CA ILE C 374 30.98 -28.13 23.98
C ILE C 374 31.35 -28.77 22.64
N ILE C 375 32.43 -28.30 22.04
CA ILE C 375 32.84 -28.82 20.73
C ILE C 375 33.28 -30.27 20.85
N LYS C 376 33.95 -30.63 21.95
CA LYS C 376 34.33 -32.02 22.15
C LYS C 376 33.10 -32.92 22.27
N ILE C 377 32.08 -32.46 22.98
CA ILE C 377 30.85 -33.24 23.09
C ILE C 377 30.20 -33.41 21.72
N ARG C 378 30.17 -32.33 20.93
CA ARG C 378 29.61 -32.43 19.58
C ARG C 378 30.38 -33.42 18.73
N ALA C 379 31.72 -33.38 18.80
CA ALA C 379 32.54 -34.29 18.02
C ALA C 379 32.30 -35.74 18.45
N GLN C 380 32.22 -35.99 19.76
CA GLN C 380 31.98 -37.35 20.22
C GLN C 380 30.61 -37.85 19.77
N THR C 381 29.59 -36.99 19.82
CA THR C 381 28.27 -37.42 19.37
C THR C 381 28.23 -37.61 17.85
N GLU C 382 29.11 -36.93 17.12
CA GLU C 382 29.17 -37.09 15.67
C GLU C 382 30.13 -38.17 15.22
N GLY C 383 30.75 -38.90 16.15
CA GLY C 383 31.69 -39.94 15.79
C GLY C 383 32.99 -39.45 15.18
N ILE C 384 33.41 -38.23 15.52
CA ILE C 384 34.59 -37.60 14.93
C ILE C 384 35.67 -37.49 16.00
N ASN C 385 36.86 -37.98 15.69
CA ASN C 385 38.00 -37.85 16.58
C ASN C 385 38.73 -36.54 16.29
N ILE C 386 39.08 -35.82 17.35
CA ILE C 386 39.74 -34.52 17.21
C ILE C 386 40.87 -34.45 18.23
N SER C 387 41.94 -33.74 17.85
CA SER C 387 43.12 -33.61 18.69
C SER C 387 42.91 -32.52 19.74
N GLU C 388 43.96 -32.25 20.52
CA GLU C 388 43.86 -31.26 21.59
C GLU C 388 44.07 -29.85 21.06
N GLU C 389 45.18 -29.62 20.34
CA GLU C 389 45.42 -28.28 19.82
C GLU C 389 44.44 -27.93 18.71
N ALA C 390 43.90 -28.92 18.02
CA ALA C 390 42.79 -28.66 17.10
C ALA C 390 41.59 -28.12 17.86
N LEU C 391 41.28 -28.70 19.01
CA LEU C 391 40.21 -28.18 19.85
C LEU C 391 40.52 -26.77 20.34
N ASN C 392 41.79 -26.52 20.66
CA ASN C 392 42.19 -25.18 21.09
C ASN C 392 41.93 -24.15 20.00
N HIS C 393 42.35 -24.46 18.78
CA HIS C 393 42.14 -23.53 17.67
C HIS C 393 40.66 -23.36 17.36
N LEU C 394 39.89 -24.45 17.43
CA LEU C 394 38.45 -24.35 17.19
C LEU C 394 37.77 -23.51 18.26
N GLY C 395 38.20 -23.64 19.51
CA GLY C 395 37.67 -22.79 20.56
C GLY C 395 38.04 -21.33 20.36
N GLU C 396 39.26 -21.07 19.89
CA GLU C 396 39.64 -19.70 19.56
C GLU C 396 38.74 -19.13 18.47
N ILE C 397 38.49 -19.92 17.43
CA ILE C 397 37.56 -19.51 16.37
C ILE C 397 36.18 -19.24 16.95
N GLY C 398 35.74 -20.09 17.88
CA GLY C 398 34.43 -19.91 18.48
C GLY C 398 34.31 -18.63 19.26
N THR C 399 35.29 -18.34 20.11
CA THR C 399 35.28 -17.06 20.83
C THR C 399 35.46 -15.88 19.90
N LYS C 400 36.03 -16.09 18.71
CA LYS C 400 36.19 -14.96 17.79
C LYS C 400 34.86 -14.54 17.16
N THR C 401 34.08 -15.49 16.64
CA THR C 401 32.84 -15.13 15.96
C THR C 401 31.59 -15.66 16.65
N THR C 402 31.43 -16.98 16.79
CA THR C 402 30.22 -17.61 17.30
C THR C 402 30.53 -19.06 17.66
N LEU C 403 29.56 -19.71 18.30
CA LEU C 403 29.69 -21.13 18.64
C LEU C 403 29.10 -22.04 17.58
N ARG C 404 27.91 -21.70 17.06
CA ARG C 404 27.29 -22.55 16.05
C ARG C 404 28.14 -22.63 14.79
N TYR C 405 28.84 -21.55 14.43
CA TYR C 405 29.77 -21.61 13.31
C TYR C 405 30.87 -22.63 13.55
N SER C 406 31.43 -22.65 14.75
CA SER C 406 32.47 -23.62 15.07
C SER C 406 31.91 -25.04 15.06
N VAL C 407 30.67 -25.22 15.50
CA VAL C 407 30.04 -26.54 15.44
C VAL C 407 29.89 -26.98 13.99
N GLN C 408 29.47 -26.07 13.12
CA GLN C 408 29.30 -26.42 11.72
C GLN C 408 30.62 -26.76 11.05
N LEU C 409 31.74 -26.20 11.53
CA LEU C 409 33.04 -26.51 10.96
C LEU C 409 33.61 -27.79 11.54
N LEU C 410 32.82 -28.87 11.53
CA LEU C 410 33.27 -30.18 11.95
C LEU C 410 33.23 -31.18 10.80
N THR C 411 32.08 -31.32 10.15
CA THR C 411 31.98 -32.22 9.00
C THR C 411 32.92 -31.82 7.87
N PRO C 412 32.99 -30.55 7.43
CA PRO C 412 33.97 -30.23 6.38
C PRO C 412 35.40 -30.54 6.77
N ALA C 413 35.78 -30.25 8.01
CA ALA C 413 37.12 -30.58 8.47
C ALA C 413 37.34 -32.08 8.50
N ASN C 414 36.34 -32.84 8.94
CA ASN C 414 36.46 -34.29 8.97
C ASN C 414 36.64 -34.86 7.58
N LEU C 415 35.89 -34.35 6.59
CA LEU C 415 36.02 -34.85 5.24
C LEU C 415 37.35 -34.44 4.62
N LEU C 416 37.83 -33.24 4.93
CA LEU C 416 39.15 -32.83 4.44
C LEU C 416 40.23 -33.72 5.03
N ALA C 417 40.12 -34.06 6.31
CA ALA C 417 41.09 -34.97 6.92
C ALA C 417 41.00 -36.36 6.30
N LYS C 418 39.78 -36.84 6.05
CA LYS C 418 39.61 -38.16 5.46
C LYS C 418 40.22 -38.23 4.06
N ILE C 419 39.99 -37.20 3.25
CA ILE C 419 40.57 -37.17 1.90
C ILE C 419 42.09 -37.10 1.98
N ASN C 420 42.62 -36.28 2.89
CA ASN C 420 44.07 -36.16 3.04
C ASN C 420 44.71 -37.49 3.43
N GLY C 421 44.01 -38.33 4.20
CA GLY C 421 44.53 -39.64 4.55
C GLY C 421 44.84 -39.81 6.01
N LYS C 422 44.08 -39.12 6.87
CA LYS C 422 44.23 -39.22 8.31
C LYS C 422 42.99 -39.86 8.92
N ASP C 423 43.08 -40.17 10.20
CA ASP C 423 41.96 -40.72 10.97
C ASP C 423 41.30 -39.71 11.88
N SER C 424 42.03 -38.68 12.31
CA SER C 424 41.50 -37.68 13.22
C SER C 424 41.86 -36.29 12.70
N ILE C 425 41.01 -35.31 13.02
CA ILE C 425 41.24 -33.93 12.60
C ILE C 425 42.43 -33.38 13.38
N GLU C 426 43.31 -32.67 12.67
CA GLU C 426 44.47 -32.03 13.26
C GLU C 426 44.32 -30.51 13.16
N LYS C 427 45.32 -29.80 13.70
CA LYS C 427 45.29 -28.34 13.65
C LYS C 427 45.35 -27.82 12.23
N GLU C 428 46.16 -28.44 11.38
CA GLU C 428 46.29 -27.99 10.00
C GLU C 428 44.95 -28.08 9.27
N HIS C 429 44.21 -29.16 9.47
CA HIS C 429 42.92 -29.31 8.81
C HIS C 429 41.93 -28.24 9.27
N VAL C 430 41.90 -27.94 10.57
CA VAL C 430 41.02 -26.91 11.08
C VAL C 430 41.39 -25.55 10.52
N GLU C 431 42.69 -25.24 10.51
CA GLU C 431 43.15 -23.97 9.93
C GLU C 431 42.74 -23.86 8.48
N GLU C 432 42.91 -24.95 7.72
CA GLU C 432 42.64 -24.89 6.29
C GLU C 432 41.14 -24.73 6.02
N ILE C 433 40.30 -25.48 6.75
CA ILE C 433 38.87 -25.32 6.60
C ILE C 433 38.39 -23.96 7.11
N SER C 434 39.16 -23.31 7.98
CA SER C 434 38.83 -21.95 8.37
C SER C 434 39.19 -20.95 7.28
N GLU C 435 40.30 -21.16 6.58
CA GLU C 435 40.63 -20.28 5.46
C GLU C 435 39.72 -20.52 4.25
N LEU C 436 39.18 -21.73 4.10
CA LEU C 436 38.31 -21.99 2.95
C LEU C 436 36.93 -21.37 3.15
N PHE C 437 36.21 -21.80 4.17
CA PHE C 437 34.87 -21.30 4.45
C PHE C 437 34.92 -20.11 5.39
N TYR C 438 34.03 -19.16 5.14
CA TYR C 438 33.96 -17.92 5.92
C TYR C 438 32.65 -17.90 6.71
N ASP C 439 32.45 -16.83 7.46
CA ASP C 439 31.20 -16.60 8.19
C ASP C 439 30.58 -15.29 7.71
N ALA C 440 29.36 -15.05 8.16
CA ALA C 440 28.58 -13.91 7.64
C ALA C 440 29.30 -12.59 7.88
N LYS C 441 29.77 -12.36 9.11
CA LYS C 441 30.35 -11.07 9.44
C LYS C 441 31.61 -10.80 8.65
N SER C 442 32.52 -11.76 8.58
CA SER C 442 33.78 -11.55 7.88
C SER C 442 33.56 -11.41 6.37
N SER C 443 32.67 -12.22 5.81
CA SER C 443 32.38 -12.12 4.38
C SER C 443 31.76 -10.78 4.04
N ALA C 444 30.83 -10.29 4.86
CA ALA C 444 30.28 -8.96 4.65
C ALA C 444 31.34 -7.88 4.80
N LYS C 445 32.25 -8.05 5.76
CA LYS C 445 33.32 -7.08 5.94
C LYS C 445 34.21 -7.01 4.71
N ILE C 446 34.54 -8.16 4.13
CA ILE C 446 35.34 -8.17 2.91
C ILE C 446 34.56 -7.55 1.75
N LEU C 447 33.27 -7.85 1.65
CA LEU C 447 32.45 -7.26 0.59
C LEU C 447 32.17 -5.78 0.81
N ALA C 448 32.52 -5.23 1.97
CA ALA C 448 32.28 -3.82 2.22
C ALA C 448 33.05 -2.94 1.23
N ASP C 449 34.30 -3.29 0.95
CA ASP C 449 35.11 -2.53 0.00
C ASP C 449 35.27 -3.27 -1.31
N LYS D 9 -34.04 1.72 -30.25
CA LYS D 9 -34.65 2.72 -29.37
C LYS D 9 -33.60 3.65 -28.78
N VAL D 10 -33.54 4.88 -29.30
CA VAL D 10 -32.58 5.87 -28.84
C VAL D 10 -33.11 7.28 -29.07
N PRO D 11 -33.47 8.01 -28.02
CA PRO D 11 -33.92 9.39 -28.19
C PRO D 11 -32.80 10.41 -28.07
N GLU D 12 -33.13 11.68 -28.23
CA GLU D 12 -32.22 12.79 -28.00
C GLU D 12 -32.84 13.72 -26.97
N ILE D 13 -32.20 14.87 -26.75
CA ILE D 13 -32.70 15.87 -25.82
C ILE D 13 -34.08 16.37 -26.26
N ILE D 19 -19.97 25.95 -14.94
CA ILE D 19 -19.20 26.97 -15.65
C ILE D 19 -20.13 28.08 -16.09
N GLU D 20 -21.29 27.70 -16.63
CA GLU D 20 -22.32 28.67 -16.98
C GLU D 20 -23.40 28.76 -15.92
N ARG D 21 -23.61 27.68 -15.16
CA ARG D 21 -24.57 27.72 -14.06
C ARG D 21 -24.12 28.70 -12.98
N ILE D 22 -22.84 28.65 -12.61
CA ILE D 22 -22.31 29.63 -11.66
C ILE D 22 -22.20 31.00 -12.31
N GLY D 23 -21.96 31.04 -13.62
CA GLY D 23 -21.86 32.31 -14.33
C GLY D 23 -20.68 33.17 -13.96
N ALA D 24 -19.51 32.55 -13.75
CA ALA D 24 -18.29 33.29 -13.46
C ALA D 24 -17.60 33.77 -14.73
N HIS D 25 -18.09 33.39 -15.91
CA HIS D 25 -17.50 33.82 -17.17
C HIS D 25 -18.56 34.21 -18.19
N SER D 26 -19.74 34.64 -17.75
CA SER D 26 -20.80 35.00 -18.68
C SER D 26 -20.44 36.20 -19.54
N HIS D 27 -19.49 37.02 -19.11
CA HIS D 27 -19.05 38.18 -19.88
C HIS D 27 -18.11 37.80 -21.00
N ILE D 28 -17.69 36.54 -21.09
CA ILE D 28 -16.67 36.12 -22.05
C ILE D 28 -17.39 35.71 -23.34
N ARG D 29 -17.16 36.47 -24.40
CA ARG D 29 -17.75 36.17 -25.72
C ARG D 29 -16.63 36.23 -26.75
N GLY D 30 -15.92 35.12 -26.93
CA GLY D 30 -14.80 35.07 -27.86
C GLY D 30 -13.53 35.59 -27.22
N LEU D 31 -12.42 35.38 -27.94
CA LEU D 31 -11.11 35.78 -27.43
C LEU D 31 -10.89 37.29 -27.54
N GLY D 32 -11.40 37.91 -28.59
CA GLY D 32 -11.39 39.35 -28.73
C GLY D 32 -10.21 39.93 -29.50
N LEU D 33 -9.19 39.12 -29.78
CA LEU D 33 -8.02 39.65 -30.47
C LEU D 33 -8.39 40.13 -31.88
N ASP D 34 -8.85 39.21 -32.74
CA ASP D 34 -9.19 39.49 -34.13
C ASP D 34 -8.10 40.30 -34.83
N ASP D 35 -8.49 41.08 -35.84
CA ASP D 35 -7.56 41.90 -36.62
C ASP D 35 -6.37 41.07 -37.12
N ALA D 36 -6.65 39.87 -37.62
CA ALA D 36 -5.62 38.95 -38.12
C ALA D 36 -4.54 38.71 -37.07
N LEU D 37 -4.97 38.12 -35.95
CA LEU D 37 -4.09 37.78 -34.83
C LEU D 37 -3.36 39.01 -34.31
N GLU D 38 -4.14 39.97 -33.82
CA GLU D 38 -3.63 41.20 -33.23
C GLU D 38 -4.48 41.54 -32.01
N PRO D 39 -3.93 41.44 -30.80
CA PRO D 39 -4.78 41.59 -29.60
C PRO D 39 -5.32 43.00 -29.47
N ARG D 40 -6.61 43.09 -29.16
CA ARG D 40 -7.27 44.36 -28.91
C ARG D 40 -7.41 44.56 -27.41
N GLN D 41 -7.04 45.77 -26.94
CA GLN D 41 -6.98 46.02 -25.51
C GLN D 41 -8.35 45.89 -24.85
N ALA D 42 -9.38 46.48 -25.47
CA ALA D 42 -10.73 46.40 -24.94
C ALA D 42 -11.42 45.12 -25.40
N SER D 43 -11.52 44.93 -26.71
CA SER D 43 -11.97 43.68 -27.36
C SER D 43 -13.36 43.33 -26.82
N GLN D 44 -13.71 42.05 -26.75
CA GLN D 44 -15.03 41.60 -26.35
C GLN D 44 -14.91 40.77 -25.08
N GLY D 45 -15.01 41.45 -23.94
CA GLY D 45 -14.95 40.79 -22.66
C GLY D 45 -13.57 40.71 -22.04
N MET D 46 -12.64 40.01 -22.70
CA MET D 46 -11.33 39.78 -22.10
C MET D 46 -10.49 41.06 -22.13
N VAL D 47 -9.67 41.25 -21.11
CA VAL D 47 -8.89 42.47 -20.94
C VAL D 47 -7.46 42.09 -20.57
N GLY D 48 -6.50 42.64 -21.30
CA GLY D 48 -5.10 42.43 -20.98
C GLY D 48 -4.58 41.07 -21.41
N GLN D 49 -3.38 40.76 -20.91
CA GLN D 49 -2.71 39.49 -21.17
C GLN D 49 -2.49 39.27 -22.66
N LEU D 50 -1.95 40.30 -23.32
CA LEU D 50 -1.91 40.34 -24.78
C LEU D 50 -1.14 39.15 -25.36
N ALA D 51 0.00 38.80 -24.76
CA ALA D 51 0.78 37.67 -25.26
C ALA D 51 -0.02 36.37 -25.17
N ALA D 52 -0.73 36.18 -24.06
CA ALA D 52 -1.56 34.99 -23.91
C ALA D 52 -2.67 34.96 -24.96
N ARG D 53 -3.29 36.11 -25.24
CA ARG D 53 -4.31 36.15 -26.28
C ARG D 53 -3.73 35.78 -27.64
N ARG D 54 -2.54 36.31 -27.95
CA ARG D 54 -1.94 36.05 -29.25
C ARG D 54 -1.58 34.57 -29.41
N ALA D 55 -1.01 33.98 -28.36
CA ALA D 55 -0.70 32.55 -28.41
C ALA D 55 -1.97 31.72 -28.53
N ALA D 56 -3.02 32.11 -27.81
CA ALA D 56 -4.30 31.41 -27.92
C ALA D 56 -4.85 31.51 -29.34
N GLY D 57 -4.67 32.66 -29.99
CA GLY D 57 -5.11 32.79 -31.37
C GLY D 57 -4.34 31.92 -32.33
N VAL D 58 -3.02 31.80 -32.12
CA VAL D 58 -2.22 30.90 -32.95
C VAL D 58 -2.70 29.46 -32.78
N VAL D 59 -2.95 29.05 -31.53
CA VAL D 59 -3.48 27.72 -31.28
C VAL D 59 -4.85 27.56 -31.94
N LEU D 60 -5.64 28.64 -31.95
CA LEU D 60 -6.94 28.61 -32.60
C LEU D 60 -6.81 28.36 -34.08
N GLU D 61 -5.84 29.01 -34.73
CA GLU D 61 -5.59 28.76 -36.14
C GLU D 61 -5.19 27.30 -36.37
N MET D 62 -4.33 26.76 -35.49
CA MET D 62 -3.98 25.36 -35.58
C MET D 62 -5.22 24.46 -35.53
N ILE D 63 -6.10 24.71 -34.56
CA ILE D 63 -7.30 23.89 -34.44
C ILE D 63 -8.17 24.03 -35.67
N ARG D 64 -8.24 25.24 -36.23
CA ARG D 64 -9.09 25.48 -37.39
C ARG D 64 -8.62 24.70 -38.60
N GLU D 65 -7.32 24.76 -38.90
CA GLU D 65 -6.85 24.10 -40.12
C GLU D 65 -6.79 22.58 -39.97
N GLY D 66 -6.35 22.09 -38.82
CA GLY D 66 -6.20 20.66 -38.61
C GLY D 66 -4.76 20.24 -38.32
N LYS D 67 -3.96 21.16 -37.81
CA LYS D 67 -2.57 20.89 -37.49
C LYS D 67 -2.33 20.81 -35.98
N ILE D 68 -3.36 20.52 -35.20
CA ILE D 68 -3.22 20.37 -33.74
C ILE D 68 -3.30 18.92 -33.31
N ALA D 69 -3.67 18.00 -34.19
CA ALA D 69 -3.78 16.60 -33.83
C ALA D 69 -2.45 16.07 -33.30
N GLY D 70 -2.51 15.32 -32.20
CA GLY D 70 -1.31 14.84 -31.55
C GLY D 70 -0.62 15.87 -30.67
N ARG D 71 -1.29 16.98 -30.36
CA ARG D 71 -0.71 18.04 -29.54
C ARG D 71 -1.79 18.60 -28.64
N ALA D 72 -1.37 19.32 -27.61
CA ALA D 72 -2.29 19.91 -26.64
C ALA D 72 -1.69 21.21 -26.13
N VAL D 73 -2.45 21.91 -25.27
CA VAL D 73 -2.08 23.23 -24.79
C VAL D 73 -1.96 23.19 -23.27
N LEU D 74 -0.95 23.86 -22.74
CA LEU D 74 -0.78 24.03 -21.31
C LEU D 74 -0.66 25.51 -20.99
N ILE D 75 -1.38 25.94 -19.96
CA ILE D 75 -1.35 27.32 -19.49
C ILE D 75 -0.83 27.32 -18.06
N ALA D 76 0.27 28.02 -17.83
CA ALA D 76 0.91 28.10 -16.53
C ALA D 76 0.89 29.54 -16.04
N GLY D 77 0.47 29.73 -14.80
CA GLY D 77 0.41 31.05 -14.21
C GLY D 77 -0.17 30.99 -12.82
N GLN D 78 0.12 32.04 -12.06
CA GLN D 78 -0.39 32.13 -10.70
C GLN D 78 -1.91 32.18 -10.73
N PRO D 79 -2.58 31.59 -9.74
CA PRO D 79 -4.05 31.60 -9.76
C PRO D 79 -4.59 33.02 -9.69
N GLY D 80 -5.69 33.23 -10.41
CA GLY D 80 -6.26 34.56 -10.52
C GLY D 80 -5.88 35.32 -11.77
N THR D 81 -5.26 34.66 -12.75
CA THR D 81 -4.87 35.32 -13.98
C THR D 81 -5.76 34.97 -15.16
N GLY D 82 -6.88 34.30 -14.93
CA GLY D 82 -7.85 34.08 -15.98
C GLY D 82 -7.47 33.09 -17.06
N LYS D 83 -6.72 32.04 -16.71
CA LYS D 83 -6.43 31.00 -17.70
C LYS D 83 -7.71 30.26 -18.11
N THR D 84 -8.60 30.00 -17.15
CA THR D 84 -9.91 29.46 -17.50
C THR D 84 -10.68 30.41 -18.40
N ALA D 85 -10.50 31.71 -18.20
CA ALA D 85 -11.13 32.69 -19.08
C ALA D 85 -10.58 32.57 -20.50
N ILE D 86 -9.27 32.36 -20.64
CA ILE D 86 -8.68 32.18 -21.96
C ILE D 86 -9.22 30.92 -22.63
N ALA D 87 -9.34 29.84 -21.86
CA ALA D 87 -9.90 28.61 -22.41
C ALA D 87 -11.35 28.83 -22.86
N MET D 88 -12.15 29.53 -22.05
CA MET D 88 -13.52 29.82 -22.43
C MET D 88 -13.58 30.67 -23.69
N GLY D 89 -12.68 31.65 -23.81
CA GLY D 89 -12.64 32.47 -25.00
C GLY D 89 -12.29 31.68 -26.25
N MET D 90 -11.30 30.78 -26.15
CA MET D 90 -10.97 29.96 -27.30
C MET D 90 -12.11 29.03 -27.67
N ALA D 91 -12.80 28.49 -26.67
CA ALA D 91 -13.96 27.65 -26.96
C ALA D 91 -15.05 28.43 -27.67
N GLN D 92 -15.29 29.67 -27.24
CA GLN D 92 -16.29 30.51 -27.90
C GLN D 92 -15.90 30.83 -29.33
N ALA D 93 -14.63 31.17 -29.55
CA ALA D 93 -14.20 31.63 -30.87
C ALA D 93 -14.16 30.51 -31.90
N LEU D 94 -14.19 29.25 -31.46
CA LEU D 94 -14.29 28.13 -32.39
C LEU D 94 -15.69 27.99 -32.96
N GLY D 95 -16.67 28.72 -32.44
CA GLY D 95 -18.03 28.64 -32.88
C GLY D 95 -19.00 28.81 -31.75
N PRO D 96 -20.22 29.28 -32.06
CA PRO D 96 -21.21 29.50 -31.00
C PRO D 96 -21.73 28.22 -30.35
N ASP D 97 -21.48 27.05 -30.95
CA ASP D 97 -21.96 25.78 -30.42
C ASP D 97 -20.81 24.81 -30.19
N THR D 98 -19.65 25.33 -29.78
CA THR D 98 -18.50 24.48 -29.47
C THR D 98 -18.56 24.06 -28.01
N PRO D 99 -18.68 22.77 -27.72
CA PRO D 99 -18.74 22.32 -26.32
C PRO D 99 -17.45 22.66 -25.58
N PHE D 100 -17.58 22.91 -24.28
CA PHE D 100 -16.45 23.27 -23.44
C PHE D 100 -16.64 22.65 -22.07
N THR D 101 -15.77 21.71 -21.72
CA THR D 101 -15.74 21.13 -20.39
C THR D 101 -14.56 21.72 -19.63
N ALA D 102 -14.73 21.91 -18.31
CA ALA D 102 -13.74 22.60 -17.50
C ALA D 102 -13.52 21.87 -16.18
N ILE D 103 -13.23 20.57 -16.25
CA ILE D 103 -13.07 19.78 -15.04
C ILE D 103 -11.78 20.15 -14.32
N ALA D 104 -11.64 19.70 -13.08
CA ALA D 104 -10.42 19.87 -12.31
C ALA D 104 -9.72 18.54 -12.15
N GLY D 105 -8.42 18.60 -11.85
CA GLY D 105 -7.66 17.38 -11.69
C GLY D 105 -8.15 16.54 -10.54
N SER D 106 -8.56 17.18 -9.44
CA SER D 106 -9.06 16.46 -8.27
C SER D 106 -10.43 15.83 -8.50
N GLU D 107 -11.12 16.17 -9.58
CA GLU D 107 -12.47 15.68 -9.80
C GLU D 107 -12.51 14.29 -10.42
N ILE D 108 -11.34 13.69 -10.72
CA ILE D 108 -11.33 12.34 -11.28
C ILE D 108 -11.27 11.26 -10.21
N PHE D 109 -11.04 11.62 -8.96
CA PHE D 109 -11.06 10.67 -7.85
C PHE D 109 -12.47 10.65 -7.26
N SER D 110 -13.25 9.63 -7.60
CA SER D 110 -14.65 9.58 -7.24
C SER D 110 -14.97 8.28 -6.53
N LEU D 111 -15.98 8.35 -5.65
CA LEU D 111 -16.39 7.18 -4.89
C LEU D 111 -17.05 6.13 -5.78
N GLU D 112 -17.79 6.58 -6.79
CA GLU D 112 -18.53 5.67 -7.65
C GLU D 112 -17.86 5.40 -9.00
N MET D 113 -17.19 6.40 -9.56
CA MET D 113 -16.52 6.25 -10.86
C MET D 113 -15.02 6.16 -10.66
N SER D 114 -14.41 5.14 -11.25
CA SER D 114 -12.96 5.06 -11.28
C SER D 114 -12.40 6.11 -12.24
N LYS D 115 -11.07 6.25 -12.23
CA LYS D 115 -10.42 7.25 -13.08
C LYS D 115 -10.77 7.03 -14.55
N THR D 116 -10.86 5.76 -14.97
CA THR D 116 -11.25 5.46 -16.34
C THR D 116 -12.59 6.10 -16.67
N GLU D 117 -13.60 5.82 -15.84
CA GLU D 117 -14.94 6.32 -16.13
C GLU D 117 -14.99 7.84 -16.09
N ALA D 118 -14.31 8.46 -15.11
CA ALA D 118 -14.34 9.92 -15.01
C ALA D 118 -13.72 10.57 -16.23
N LEU D 119 -12.53 10.10 -16.64
CA LEU D 119 -11.87 10.72 -17.78
C LEU D 119 -12.63 10.44 -19.08
N THR D 120 -13.18 9.24 -19.22
CA THR D 120 -13.98 8.93 -20.41
C THR D 120 -15.23 9.79 -20.46
N GLN D 121 -15.88 9.99 -19.31
CA GLN D 121 -17.06 10.85 -19.26
C GLN D 121 -16.71 12.27 -19.66
N ALA D 122 -15.58 12.78 -19.15
CA ALA D 122 -15.15 14.13 -19.52
C ALA D 122 -14.90 14.23 -21.02
N PHE D 123 -14.15 13.27 -21.58
CA PHE D 123 -13.82 13.33 -22.99
C PHE D 123 -15.07 13.25 -23.87
N ARG D 124 -16.00 12.36 -23.54
CA ARG D 124 -17.23 12.26 -24.31
C ARG D 124 -18.14 13.46 -24.11
N ARG D 125 -18.06 14.12 -22.95
CA ARG D 125 -18.80 15.36 -22.74
C ARG D 125 -18.17 16.53 -23.47
N SER D 126 -16.92 16.40 -23.89
CA SER D 126 -16.23 17.45 -24.63
C SER D 126 -16.37 17.31 -26.14
N ILE D 127 -17.21 16.39 -26.62
CA ILE D 127 -17.45 16.19 -28.04
C ILE D 127 -18.90 16.52 -28.32
N GLY D 128 -19.17 17.41 -29.27
CA GLY D 128 -20.53 17.78 -29.63
C GLY D 128 -20.96 17.17 -30.95
N VAL D 129 -22.27 17.06 -31.13
CA VAL D 129 -22.86 16.63 -32.38
C VAL D 129 -24.03 17.55 -32.70
N ARG D 130 -24.14 17.96 -33.95
CA ARG D 130 -25.27 18.74 -34.41
C ARG D 130 -26.38 17.82 -34.90
N ILE D 131 -27.61 18.16 -34.53
CA ILE D 131 -28.80 17.41 -34.91
C ILE D 131 -29.65 18.35 -35.75
N LYS D 132 -29.72 18.09 -37.05
CA LYS D 132 -30.63 18.82 -37.92
C LYS D 132 -31.95 18.07 -37.98
N GLU D 133 -33.05 18.81 -37.88
CA GLU D 133 -34.38 18.21 -37.69
C GLU D 133 -35.37 18.96 -38.58
N GLU D 134 -35.75 18.35 -39.69
CA GLU D 134 -36.70 18.97 -40.61
C GLU D 134 -38.11 18.95 -40.03
N THR D 135 -38.79 20.08 -40.12
CA THR D 135 -40.15 20.21 -39.60
C THR D 135 -41.13 20.58 -40.70
N LYS D 236 -37.86 23.31 -42.30
CA LYS D 236 -36.74 23.95 -41.62
C LYS D 236 -35.96 22.93 -40.81
N GLU D 237 -34.65 22.85 -41.06
CA GLU D 237 -33.77 21.92 -40.36
C GLU D 237 -33.23 22.62 -39.11
N VAL D 238 -33.94 22.45 -38.00
CA VAL D 238 -33.52 23.04 -36.74
C VAL D 238 -32.25 22.35 -36.27
N VAL D 239 -31.23 23.15 -35.94
CA VAL D 239 -29.94 22.64 -35.51
C VAL D 239 -29.87 22.67 -34.00
N HIS D 240 -29.63 21.52 -33.39
CA HIS D 240 -29.49 21.40 -31.94
C HIS D 240 -28.15 20.74 -31.64
N THR D 241 -27.29 21.44 -30.90
CA THR D 241 -25.96 20.96 -30.59
C THR D 241 -25.97 20.29 -29.22
N VAL D 242 -25.61 19.02 -29.17
CA VAL D 242 -25.69 18.23 -27.94
C VAL D 242 -24.39 17.45 -27.77
N SER D 243 -23.85 17.44 -26.56
CA SER D 243 -22.66 16.66 -26.28
C SER D 243 -22.98 15.18 -26.21
N LEU D 244 -21.96 14.35 -26.44
CA LEU D 244 -22.15 12.90 -26.46
C LEU D 244 -22.59 12.39 -25.08
N HIS D 245 -22.00 12.92 -24.01
CA HIS D 245 -22.32 12.42 -22.68
C HIS D 245 -23.77 12.68 -22.31
N GLU D 246 -24.35 13.77 -22.80
CA GLU D 246 -25.78 13.98 -22.58
C GLU D 246 -26.60 12.88 -23.24
N ILE D 247 -26.23 12.47 -24.44
CA ILE D 247 -26.93 11.39 -25.13
C ILE D 247 -26.76 10.08 -24.36
N ASP D 248 -25.56 9.85 -23.82
CA ASP D 248 -25.35 8.65 -23.02
C ASP D 248 -26.21 8.66 -21.76
N VAL D 249 -26.30 9.82 -21.09
CA VAL D 249 -27.04 9.88 -19.83
C VAL D 249 -28.54 9.84 -20.08
N ILE D 250 -28.97 10.19 -21.29
CA ILE D 250 -30.38 10.05 -21.63
C ILE D 250 -30.80 8.58 -21.63
N ASN D 251 -29.95 7.72 -22.19
CA ASN D 251 -30.23 6.28 -22.27
C ASN D 251 -29.83 5.56 -20.98
N SER D 252 -30.42 5.98 -19.86
CA SER D 252 -30.14 5.35 -18.58
C SER D 252 -31.27 5.62 -17.58
N PHE D 257 -35.29 12.99 -9.09
CA PHE D 257 -34.83 14.35 -8.85
C PHE D 257 -33.87 14.42 -7.66
N LEU D 258 -33.60 13.26 -7.06
CA LEU D 258 -32.44 13.08 -6.20
C LEU D 258 -31.45 12.10 -6.81
N ALA D 259 -31.43 12.01 -8.14
CA ALA D 259 -30.47 11.12 -8.79
C ALA D 259 -29.03 11.55 -8.54
N LEU D 260 -28.82 12.87 -8.35
CA LEU D 260 -27.48 13.34 -8.01
C LEU D 260 -27.06 12.90 -6.61
N PHE D 261 -28.01 12.67 -5.71
CA PHE D 261 -27.70 12.10 -4.40
C PHE D 261 -27.86 10.59 -4.38
N SER D 262 -29.11 10.11 -4.40
CA SER D 262 -29.40 8.70 -4.17
C SER D 262 -29.28 7.89 -5.45
N THR D 265 -24.91 6.28 -8.37
CA THR D 265 -23.94 5.47 -9.10
C THR D 265 -23.31 6.26 -10.24
N GLY D 266 -24.06 6.43 -11.32
CA GLY D 266 -23.59 7.22 -12.44
C GLY D 266 -22.68 6.49 -13.41
N GLU D 267 -22.36 5.23 -13.15
CA GLU D 267 -21.52 4.45 -14.05
C GLU D 267 -22.27 4.21 -15.36
N ILE D 268 -21.84 4.86 -16.43
CA ILE D 268 -22.42 4.63 -17.74
C ILE D 268 -21.94 3.28 -18.25
N LYS D 269 -22.87 2.37 -18.52
CA LYS D 269 -22.51 1.01 -18.89
C LYS D 269 -21.87 0.96 -20.27
N SER D 270 -21.03 -0.06 -20.48
CA SER D 270 -20.24 -0.13 -21.70
C SER D 270 -21.11 -0.36 -22.94
N GLU D 271 -22.13 -1.21 -22.81
CA GLU D 271 -22.94 -1.53 -23.99
C GLU D 271 -23.68 -0.30 -24.52
N VAL D 272 -24.12 0.57 -23.61
CA VAL D 272 -24.71 1.83 -24.03
C VAL D 272 -23.69 2.65 -24.83
N ARG D 273 -22.43 2.66 -24.38
CA ARG D 273 -21.41 3.44 -25.06
C ARG D 273 -21.13 2.90 -26.47
N GLU D 274 -20.98 1.59 -26.61
CA GLU D 274 -20.74 1.06 -27.95
C GLU D 274 -21.96 1.25 -28.86
N GLN D 275 -23.17 1.07 -28.32
CA GLN D 275 -24.36 1.33 -29.11
C GLN D 275 -24.40 2.78 -29.57
N ILE D 276 -24.04 3.70 -28.68
CA ILE D 276 -24.09 5.12 -29.03
C ILE D 276 -23.04 5.46 -30.06
N ASN D 277 -21.84 4.86 -29.95
CA ASN D 277 -20.81 5.10 -30.95
C ASN D 277 -21.23 4.57 -32.32
N ALA D 278 -21.81 3.37 -32.37
CA ALA D 278 -22.30 2.85 -33.64
C ALA D 278 -23.41 3.72 -34.21
N LYS D 279 -24.32 4.18 -33.36
CA LYS D 279 -25.38 5.07 -33.80
C LYS D 279 -24.81 6.36 -34.36
N VAL D 280 -23.81 6.94 -33.69
CA VAL D 280 -23.23 8.20 -34.15
C VAL D 280 -22.55 7.99 -35.49
N ALA D 281 -21.84 6.87 -35.66
CA ALA D 281 -21.24 6.57 -36.97
C ALA D 281 -22.31 6.46 -38.05
N GLU D 282 -23.41 5.76 -37.75
CA GLU D 282 -24.48 5.60 -38.74
C GLU D 282 -25.07 6.95 -39.12
N TRP D 283 -25.40 7.77 -38.13
CA TRP D 283 -25.95 9.09 -38.38
C TRP D 283 -24.96 10.02 -39.07
N ARG D 284 -23.66 9.79 -38.90
CA ARG D 284 -22.67 10.58 -39.62
C ARG D 284 -22.63 10.18 -41.09
N GLU D 285 -22.64 8.87 -41.37
CA GLU D 285 -22.65 8.42 -42.76
C GLU D 285 -23.94 8.80 -43.46
N GLU D 286 -25.06 8.83 -42.73
CA GLU D 286 -26.34 9.12 -43.34
C GLU D 286 -26.41 10.56 -43.85
N GLY D 287 -25.77 11.49 -43.16
CA GLY D 287 -25.62 12.84 -43.64
C GLY D 287 -26.51 13.91 -43.00
N LYS D 288 -26.98 13.71 -41.78
CA LYS D 288 -27.81 14.68 -41.08
C LYS D 288 -27.21 15.09 -39.74
N ALA D 289 -26.16 14.42 -39.28
CA ALA D 289 -25.46 14.82 -38.07
C ALA D 289 -23.98 15.00 -38.39
N GLU D 290 -23.35 15.96 -37.70
CA GLU D 290 -21.95 16.25 -37.88
C GLU D 290 -21.30 16.42 -36.53
N ILE D 291 -20.06 15.92 -36.40
CA ILE D 291 -19.35 15.91 -35.12
C ILE D 291 -18.45 17.14 -35.04
N ILE D 292 -18.57 17.88 -33.95
CA ILE D 292 -17.74 19.04 -33.67
C ILE D 292 -16.83 18.72 -32.49
N PRO D 293 -15.52 18.71 -32.66
CA PRO D 293 -14.61 18.56 -31.52
C PRO D 293 -14.65 19.82 -30.66
N GLY D 294 -14.90 19.63 -29.37
CA GLY D 294 -14.96 20.72 -28.41
C GLY D 294 -13.62 20.99 -27.78
N VAL D 295 -13.67 21.53 -26.57
CA VAL D 295 -12.47 21.84 -25.79
C VAL D 295 -12.63 21.25 -24.41
N LEU D 296 -11.64 20.45 -23.99
CA LEU D 296 -11.62 19.85 -22.67
C LEU D 296 -10.53 20.52 -21.84
N PHE D 297 -10.92 21.07 -20.70
CA PHE D 297 -10.05 21.86 -19.84
C PHE D 297 -9.87 21.12 -18.53
N ILE D 298 -8.61 20.99 -18.10
CA ILE D 298 -8.27 20.30 -16.87
C ILE D 298 -7.52 21.31 -16.01
N ASP D 299 -8.21 21.87 -15.01
CA ASP D 299 -7.58 22.80 -14.09
C ASP D 299 -6.79 22.03 -13.04
N GLU D 300 -5.63 22.58 -12.67
CA GLU D 300 -4.73 21.94 -11.71
C GLU D 300 -4.33 20.55 -12.20
N VAL D 301 -3.63 20.54 -13.35
CA VAL D 301 -3.25 19.29 -13.98
C VAL D 301 -2.17 18.56 -13.19
N HIS D 302 -1.47 19.25 -12.29
CA HIS D 302 -0.44 18.60 -11.49
C HIS D 302 -1.02 17.57 -10.54
N MET D 303 -2.32 17.57 -10.32
CA MET D 303 -2.94 16.65 -9.38
C MET D 303 -3.31 15.32 -10.03
N LEU D 304 -3.18 15.21 -11.36
CA LEU D 304 -3.36 13.92 -12.01
C LEU D 304 -2.14 13.04 -11.76
N ASP D 305 -2.36 11.73 -11.81
CA ASP D 305 -1.31 10.75 -11.61
C ASP D 305 -0.89 10.15 -12.94
N ILE D 306 0.19 9.36 -12.90
CA ILE D 306 0.76 8.79 -14.12
C ILE D 306 -0.21 7.88 -14.83
N GLU D 307 -1.03 7.13 -14.09
CA GLU D 307 -1.99 6.23 -14.70
C GLU D 307 -3.10 6.97 -15.45
N SER D 308 -3.34 8.24 -15.13
CA SER D 308 -4.29 9.07 -15.86
C SER D 308 -3.63 9.87 -16.97
N PHE D 309 -2.37 10.27 -16.78
CA PHE D 309 -1.62 10.89 -17.87
C PHE D 309 -1.45 9.92 -19.03
N SER D 310 -1.26 8.64 -18.72
CA SER D 310 -1.20 7.64 -19.78
C SER D 310 -2.51 7.55 -20.54
N PHE D 311 -3.64 7.62 -19.82
CA PHE D 311 -4.94 7.58 -20.49
C PHE D 311 -5.13 8.81 -21.36
N LEU D 312 -4.70 9.98 -20.88
CA LEU D 312 -4.77 11.18 -21.72
C LEU D 312 -3.90 11.05 -22.97
N ASN D 313 -2.70 10.49 -22.80
CA ASN D 313 -1.81 10.31 -23.95
C ASN D 313 -2.41 9.36 -24.98
N ARG D 314 -3.06 8.30 -24.51
CA ARG D 314 -3.64 7.34 -25.44
C ARG D 314 -4.92 7.85 -26.09
N ALA D 315 -5.72 8.63 -25.35
CA ALA D 315 -6.99 9.11 -25.90
C ALA D 315 -6.77 10.22 -26.91
N LEU D 316 -5.69 10.99 -26.78
CA LEU D 316 -5.40 12.04 -27.74
C LEU D 316 -5.07 11.50 -29.13
N GLU D 317 -4.73 10.22 -29.23
CA GLU D 317 -4.40 9.60 -30.51
C GLU D 317 -5.65 9.04 -31.18
N SER D 318 -6.60 9.95 -31.43
CA SER D 318 -7.86 9.59 -32.07
C SER D 318 -8.23 10.69 -33.07
N ASP D 319 -9.02 10.31 -34.08
CA ASP D 319 -9.43 11.28 -35.09
C ASP D 319 -10.43 12.28 -34.55
N MET D 320 -11.43 11.81 -33.80
CA MET D 320 -12.44 12.68 -33.21
C MET D 320 -12.07 13.00 -31.76
N ALA D 321 -10.92 13.65 -31.60
CA ALA D 321 -10.37 13.97 -30.30
C ALA D 321 -10.53 15.45 -30.02
N PRO D 322 -11.11 15.84 -28.89
CA PRO D 322 -11.23 17.26 -28.57
C PRO D 322 -9.88 17.88 -28.30
N VAL D 323 -9.82 19.21 -28.47
CA VAL D 323 -8.63 19.95 -28.07
C VAL D 323 -8.46 19.80 -26.56
N LEU D 324 -7.22 19.59 -26.13
CA LEU D 324 -6.90 19.41 -24.72
C LEU D 324 -6.19 20.65 -24.21
N ILE D 325 -6.74 21.24 -23.15
CA ILE D 325 -6.11 22.35 -22.45
C ILE D 325 -5.92 21.93 -20.99
N MET D 326 -4.71 22.09 -20.50
CA MET D 326 -4.40 21.80 -19.11
C MET D 326 -3.84 23.06 -18.48
N ALA D 327 -4.25 23.33 -17.24
CA ALA D 327 -3.83 24.53 -16.54
C ALA D 327 -3.13 24.16 -15.25
N THR D 328 -2.05 24.87 -14.94
CA THR D 328 -1.30 24.59 -13.74
C THR D 328 -0.73 25.88 -13.16
N ASN D 329 -0.51 25.88 -11.85
CA ASN D 329 0.02 27.03 -11.14
C ASN D 329 1.21 26.67 -10.26
N ARG D 330 1.84 25.53 -10.51
CA ARG D 330 2.94 25.04 -9.70
C ARG D 330 4.06 24.53 -10.61
N GLY D 331 5.30 24.78 -10.20
CA GLY D 331 6.44 24.48 -11.02
C GLY D 331 6.93 23.05 -10.92
N ILE D 332 8.23 22.87 -10.69
CA ILE D 332 8.83 21.54 -10.60
C ILE D 332 8.20 20.79 -9.43
N THR D 333 7.46 19.73 -9.74
CA THR D 333 6.77 18.95 -8.72
C THR D 333 6.88 17.47 -9.04
N ARG D 334 6.80 16.66 -7.99
CA ARG D 334 6.86 15.21 -8.16
C ARG D 334 5.65 14.72 -8.92
N ILE D 335 5.87 13.88 -9.93
CA ILE D 335 4.76 13.26 -10.64
C ILE D 335 4.03 12.34 -9.68
N ARG D 336 2.72 12.52 -9.55
CA ARG D 336 1.96 11.68 -8.63
C ARG D 336 1.89 10.27 -9.17
N GLY D 337 2.22 9.29 -8.32
CA GLY D 337 2.37 7.92 -8.71
C GLY D 337 3.80 7.48 -8.96
N THR D 338 4.73 8.42 -9.09
CA THR D 338 6.14 8.11 -9.26
C THR D 338 6.96 8.84 -8.20
N SER D 339 8.29 8.80 -8.34
CA SER D 339 9.19 9.47 -7.41
C SER D 339 10.23 10.31 -8.13
N TYR D 340 9.86 10.85 -9.30
CA TYR D 340 10.75 11.67 -10.09
C TYR D 340 10.22 13.09 -10.19
N GLN D 341 11.13 14.06 -10.15
CA GLN D 341 10.77 15.46 -10.27
C GLN D 341 10.68 15.84 -11.75
N SER D 342 9.53 16.37 -12.14
CA SER D 342 9.31 16.81 -13.51
C SER D 342 8.66 18.19 -13.50
N PRO D 343 8.87 18.98 -14.54
CA PRO D 343 8.21 20.29 -14.61
C PRO D 343 6.70 20.13 -14.68
N HIS D 344 6.00 20.89 -13.82
CA HIS D 344 4.55 20.99 -13.78
C HIS D 344 3.88 19.66 -13.43
N GLY D 345 4.64 18.68 -12.95
CA GLY D 345 4.06 17.40 -12.59
C GLY D 345 3.43 16.65 -13.74
N ILE D 346 4.04 16.75 -14.92
CA ILE D 346 3.54 16.10 -16.13
C ILE D 346 4.65 15.21 -16.67
N PRO D 347 4.38 13.97 -17.04
CA PRO D 347 5.43 13.11 -17.56
C PRO D 347 5.98 13.64 -18.88
N ILE D 348 7.24 13.29 -19.15
CA ILE D 348 7.93 13.81 -20.33
C ILE D 348 7.24 13.37 -21.61
N ASP D 349 6.69 12.15 -21.63
CA ASP D 349 6.07 11.65 -22.86
C ASP D 349 4.91 12.50 -23.33
N LEU D 350 4.33 13.32 -22.45
CA LEU D 350 3.28 14.26 -22.81
C LEU D 350 3.77 15.70 -22.84
N LEU D 351 4.95 15.98 -22.30
CA LEU D 351 5.42 17.34 -22.13
C LEU D 351 6.06 17.92 -23.39
N ASP D 352 6.60 17.08 -24.28
CA ASP D 352 7.12 17.56 -25.55
C ASP D 352 6.06 17.60 -26.64
N ARG D 353 4.81 17.30 -26.32
CA ARG D 353 3.69 17.48 -27.23
C ARG D 353 2.76 18.57 -26.73
N LEU D 354 3.30 19.55 -26.02
CA LEU D 354 2.51 20.59 -25.37
C LEU D 354 2.93 21.97 -25.89
N LEU D 355 1.95 22.82 -26.12
CA LEU D 355 2.17 24.23 -26.41
C LEU D 355 1.92 25.01 -25.13
N ILE D 356 2.97 25.59 -24.57
CA ILE D 356 2.92 26.19 -23.25
C ILE D 356 2.79 27.70 -23.40
N VAL D 357 1.74 28.27 -22.82
CA VAL D 357 1.55 29.71 -22.74
C VAL D 357 1.50 30.09 -21.27
N SER D 358 2.04 31.25 -20.93
CA SER D 358 2.07 31.72 -19.56
C SER D 358 1.34 33.04 -19.45
N THR D 359 0.55 33.18 -18.39
CA THR D 359 -0.23 34.38 -18.13
C THR D 359 0.43 35.16 -17.00
N THR D 360 0.73 36.44 -17.26
CA THR D 360 1.34 37.31 -16.28
C THR D 360 0.28 37.83 -15.30
N PRO D 361 0.68 38.16 -14.07
CA PRO D 361 -0.30 38.71 -13.13
C PRO D 361 -0.82 40.07 -13.58
N TYR D 362 -2.06 40.35 -13.22
CA TYR D 362 -2.73 41.56 -13.64
C TYR D 362 -2.07 42.78 -13.01
N SER D 363 -2.42 43.96 -13.52
CA SER D 363 -2.06 45.22 -12.89
C SER D 363 -3.32 45.96 -12.49
N GLU D 364 -3.15 47.19 -12.00
CA GLU D 364 -4.24 47.91 -11.36
C GLU D 364 -5.37 48.24 -12.35
N LYS D 365 -5.02 48.79 -13.52
CA LYS D 365 -6.05 49.18 -14.47
C LYS D 365 -6.82 47.98 -15.01
N ASP D 366 -6.12 46.88 -15.29
CA ASP D 366 -6.80 45.69 -15.77
C ASP D 366 -7.78 45.16 -14.73
N THR D 367 -7.35 45.09 -13.47
CA THR D 367 -8.24 44.60 -12.42
C THR D 367 -9.43 45.52 -12.25
N LYS D 368 -9.21 46.84 -12.36
CA LYS D 368 -10.33 47.77 -12.32
C LYS D 368 -11.32 47.47 -13.43
N GLN D 369 -10.82 47.22 -14.64
CA GLN D 369 -11.70 46.94 -15.77
C GLN D 369 -12.49 45.64 -15.57
N ILE D 370 -11.81 44.59 -15.11
CA ILE D 370 -12.51 43.32 -14.89
C ILE D 370 -13.55 43.47 -13.78
N LEU D 371 -13.22 44.21 -12.72
CA LEU D 371 -14.20 44.44 -11.67
C LEU D 371 -15.42 45.20 -12.20
N ARG D 372 -15.19 46.21 -13.03
CA ARG D 372 -16.30 46.93 -13.64
C ARG D 372 -17.17 45.99 -14.45
N ILE D 373 -16.55 45.14 -15.28
CA ILE D 373 -17.31 44.24 -16.13
C ILE D 373 -18.12 43.28 -15.29
N ARG D 374 -17.52 42.73 -14.23
CA ARG D 374 -18.24 41.76 -13.41
C ARG D 374 -19.37 42.41 -12.64
N CYS D 375 -19.17 43.63 -12.13
CA CYS D 375 -20.25 44.33 -11.45
C CYS D 375 -21.39 44.63 -12.41
N GLU D 376 -21.08 45.07 -13.63
CA GLU D 376 -22.14 45.28 -14.62
C GLU D 376 -22.85 43.98 -14.95
N GLU D 377 -22.13 42.85 -14.94
CA GLU D 377 -22.75 41.57 -15.21
C GLU D 377 -23.69 41.14 -14.08
N GLU D 378 -23.31 41.41 -12.83
CA GLU D 378 -24.04 40.92 -11.68
C GLU D 378 -25.03 41.92 -11.11
N ASP D 379 -25.33 43.00 -11.86
CA ASP D 379 -26.34 44.00 -11.41
C ASP D 379 -25.91 44.67 -10.10
N VAL D 380 -24.75 45.33 -10.11
CA VAL D 380 -24.21 46.04 -8.95
C VAL D 380 -23.80 47.44 -9.40
N GLU D 381 -24.07 48.42 -8.54
CA GLU D 381 -23.71 49.81 -8.81
C GLU D 381 -22.77 50.26 -7.69
N MET D 382 -21.51 50.48 -8.03
CA MET D 382 -20.47 50.78 -7.05
C MET D 382 -19.80 52.10 -7.37
N SER D 383 -19.48 52.85 -6.30
CA SER D 383 -18.83 54.14 -6.46
C SER D 383 -17.37 53.97 -6.89
N GLU D 384 -16.79 55.06 -7.39
CA GLU D 384 -15.46 54.99 -7.98
C GLU D 384 -14.40 54.65 -6.94
N ASP D 385 -14.45 55.30 -5.78
CA ASP D 385 -13.49 54.96 -4.73
C ASP D 385 -13.71 53.54 -4.21
N ALA D 386 -14.96 53.08 -4.22
CA ALA D 386 -15.22 51.67 -3.93
C ALA D 386 -14.57 50.76 -4.96
N TYR D 387 -14.61 51.16 -6.23
CA TYR D 387 -13.91 50.40 -7.26
C TYR D 387 -12.40 50.37 -7.00
N THR D 388 -11.83 51.50 -6.57
CA THR D 388 -10.41 51.53 -6.27
C THR D 388 -10.06 50.62 -5.11
N VAL D 389 -10.88 50.64 -4.05
CA VAL D 389 -10.62 49.79 -2.89
C VAL D 389 -10.77 48.32 -3.24
N LEU D 390 -11.76 47.99 -4.09
CA LEU D 390 -11.93 46.59 -4.50
C LEU D 390 -10.79 46.16 -5.41
N THR D 391 -10.27 47.09 -6.22
CA THR D 391 -9.10 46.77 -7.03
C THR D 391 -7.89 46.49 -6.16
N ARG D 392 -7.71 47.26 -5.09
CA ARG D 392 -6.64 46.95 -4.15
C ARG D 392 -6.84 45.55 -3.55
N ILE D 393 -8.08 45.27 -3.12
CA ILE D 393 -8.45 43.94 -2.64
C ILE D 393 -7.97 42.87 -3.62
N GLY D 394 -8.36 43.02 -4.88
CA GLY D 394 -7.93 42.05 -5.91
C GLY D 394 -6.47 42.26 -6.27
N LEU D 395 -5.83 43.26 -5.67
CA LEU D 395 -4.42 43.57 -6.04
C LEU D 395 -3.46 42.69 -5.21
N GLU D 396 -3.67 42.58 -3.89
CA GLU D 396 -2.66 41.77 -3.19
C GLU D 396 -3.23 40.53 -2.51
N THR D 397 -4.55 40.34 -2.46
CA THR D 397 -5.09 39.07 -1.99
C THR D 397 -5.41 38.12 -3.14
N SER D 398 -6.38 38.47 -3.99
CA SER D 398 -6.72 37.74 -5.21
C SER D 398 -7.87 38.46 -5.90
N LEU D 399 -7.92 38.42 -7.23
CA LEU D 399 -9.02 39.10 -7.92
C LEU D 399 -10.34 38.39 -7.70
N ARG D 400 -10.33 37.06 -7.73
CA ARG D 400 -11.55 36.30 -7.48
C ARG D 400 -12.10 36.52 -6.08
N TYR D 401 -11.23 36.80 -5.10
CA TYR D 401 -11.74 37.17 -3.79
C TYR D 401 -12.58 38.43 -3.86
N ALA D 402 -12.12 39.44 -4.59
CA ALA D 402 -12.93 40.64 -4.78
C ALA D 402 -14.22 40.32 -5.52
N ILE D 403 -14.14 39.44 -6.53
CA ILE D 403 -15.34 39.02 -7.24
C ILE D 403 -16.35 38.42 -6.28
N GLN D 404 -15.89 37.61 -5.33
CA GLN D 404 -16.76 37.09 -4.29
C GLN D 404 -17.31 38.20 -3.41
N LEU D 405 -16.47 39.19 -3.08
CA LEU D 405 -16.89 40.27 -2.19
C LEU D 405 -17.97 41.16 -2.80
N ILE D 406 -18.05 41.26 -4.12
CA ILE D 406 -19.03 42.18 -4.72
C ILE D 406 -20.45 41.78 -4.33
N THR D 407 -20.75 40.48 -4.30
CA THR D 407 -22.11 40.06 -4.00
C THR D 407 -22.45 40.25 -2.53
N ALA D 408 -21.48 40.03 -1.63
CA ALA D 408 -21.72 40.32 -0.22
C ALA D 408 -21.92 41.80 0.01
N ALA D 409 -21.15 42.65 -0.68
CA ALA D 409 -21.35 44.09 -0.57
C ALA D 409 -22.72 44.49 -1.08
N SER D 410 -23.16 43.90 -2.20
CA SER D 410 -24.49 44.20 -2.72
C SER D 410 -25.58 43.79 -1.74
N LEU D 411 -25.42 42.63 -1.11
CA LEU D 411 -26.41 42.20 -0.12
C LEU D 411 -26.41 43.10 1.10
N VAL D 412 -25.23 43.58 1.51
CA VAL D 412 -25.15 44.48 2.66
C VAL D 412 -25.81 45.81 2.35
N CYS D 413 -25.59 46.34 1.14
CA CYS D 413 -26.12 47.66 0.81
C CYS D 413 -27.64 47.69 0.83
N ARG D 414 -28.28 46.59 0.43
CA ARG D 414 -29.74 46.54 0.46
C ARG D 414 -30.29 46.45 1.88
N LYS D 415 -29.47 46.01 2.84
CA LYS D 415 -29.94 45.95 4.23
C LYS D 415 -30.21 47.35 4.79
N ARG D 416 -29.31 48.29 4.51
CA ARG D 416 -29.49 49.67 4.93
C ARG D 416 -30.29 50.49 3.92
N LYS D 417 -31.04 49.82 3.04
CA LYS D 417 -31.92 50.48 2.07
C LYS D 417 -31.15 51.47 1.19
N GLY D 418 -30.06 50.98 0.61
CA GLY D 418 -29.28 51.80 -0.31
C GLY D 418 -29.31 51.27 -1.73
N THR D 419 -29.09 52.16 -2.70
CA THR D 419 -29.02 51.77 -4.10
C THR D 419 -27.59 51.60 -4.61
N GLU D 420 -26.65 52.38 -4.08
CA GLU D 420 -25.25 52.26 -4.41
C GLU D 420 -24.50 51.55 -3.29
N VAL D 421 -23.31 51.05 -3.62
CA VAL D 421 -22.43 50.40 -2.66
C VAL D 421 -21.28 51.34 -2.38
N GLN D 422 -21.13 51.73 -1.11
CA GLN D 422 -20.11 52.68 -0.71
C GLN D 422 -18.86 51.95 -0.22
N VAL D 423 -17.81 52.73 0.07
CA VAL D 423 -16.55 52.15 0.53
C VAL D 423 -16.72 51.50 1.90
N ASP D 424 -17.53 52.08 2.78
CA ASP D 424 -17.74 51.49 4.09
C ASP D 424 -18.47 50.15 4.02
N ASP D 425 -19.27 49.92 2.96
CA ASP D 425 -19.83 48.59 2.76
C ASP D 425 -18.73 47.58 2.47
N ILE D 426 -17.75 47.97 1.66
CA ILE D 426 -16.61 47.10 1.40
C ILE D 426 -15.83 46.86 2.69
N LYS D 427 -15.67 47.90 3.51
CA LYS D 427 -14.90 47.73 4.74
C LYS D 427 -15.63 46.83 5.73
N ARG D 428 -16.97 46.82 5.70
CA ARG D 428 -17.71 45.88 6.54
C ARG D 428 -17.60 44.46 6.00
N VAL D 429 -17.77 44.29 4.69
CA VAL D 429 -17.77 42.96 4.11
C VAL D 429 -16.40 42.32 4.23
N TYR D 430 -15.34 43.11 4.08
CA TYR D 430 -13.98 42.61 4.23
C TYR D 430 -13.70 42.11 5.65
N SER D 431 -14.28 42.75 6.66
CA SER D 431 -14.15 42.25 8.03
C SER D 431 -15.05 41.03 8.28
N LEU D 432 -16.19 40.95 7.62
CA LEU D 432 -17.07 39.79 7.81
C LEU D 432 -16.43 38.53 7.25
N PHE D 433 -16.15 38.51 5.96
CA PHE D 433 -15.59 37.34 5.29
C PHE D 433 -14.11 37.53 5.04
N LEU D 434 -13.34 36.46 5.23
CA LEU D 434 -11.89 36.51 5.11
C LEU D 434 -11.42 35.86 3.82
N ASP D 435 -10.35 36.41 3.26
CA ASP D 435 -9.68 35.79 2.14
C ASP D 435 -8.86 34.59 2.63
N GLU D 436 -8.23 33.89 1.69
CA GLU D 436 -7.60 32.62 2.02
C GLU D 436 -6.36 32.84 2.89
N SER D 437 -5.50 33.77 2.52
CA SER D 437 -4.21 33.94 3.19
C SER D 437 -4.40 34.31 4.67
N ARG D 438 -5.29 35.27 4.94
CA ARG D 438 -5.53 35.65 6.33
C ARG D 438 -6.09 34.49 7.13
N SER D 439 -7.05 33.76 6.53
CA SER D 439 -7.71 32.68 7.25
C SER D 439 -6.74 31.56 7.57
N THR D 440 -5.84 31.22 6.65
CA THR D 440 -4.89 30.16 6.97
C THR D 440 -3.80 30.64 7.91
N GLN D 441 -3.34 31.89 7.78
CA GLN D 441 -2.29 32.38 8.66
C GLN D 441 -2.79 32.45 10.10
N TYR D 442 -4.04 32.88 10.30
CA TYR D 442 -4.65 32.89 11.62
C TYR D 442 -4.48 31.54 12.31
N MET D 443 -5.04 30.49 11.72
CA MET D 443 -4.99 29.17 12.34
C MET D 443 -3.57 28.63 12.43
N LYS D 444 -2.73 28.92 11.43
CA LYS D 444 -1.37 28.40 11.45
C LYS D 444 -0.59 28.99 12.63
N GLU D 445 -0.71 30.30 12.84
CA GLU D 445 0.04 30.89 13.94
C GLU D 445 -0.60 30.56 15.28
N TYR D 446 -1.90 30.30 15.31
CA TYR D 446 -2.52 29.74 16.52
C TYR D 446 -1.91 28.39 16.85
N GLN D 447 -1.74 27.54 15.84
CA GLN D 447 -1.17 26.21 16.07
C GLN D 447 0.27 26.30 16.52
N ASP D 448 1.04 27.22 15.92
CA ASP D 448 2.40 27.46 16.40
C ASP D 448 2.40 27.96 17.84
N ALA D 449 1.40 28.74 18.23
CA ALA D 449 1.29 29.20 19.60
C ALA D 449 0.63 28.18 20.52
N PHE D 450 0.27 27.01 20.01
CA PHE D 450 -0.44 26.01 20.80
C PHE D 450 0.52 24.98 21.38
N LYS E 9 -1.07 -41.96 -19.10
CA LYS E 9 -0.55 -41.13 -20.20
C LYS E 9 0.46 -40.11 -19.69
N VAL E 10 1.69 -40.22 -20.16
CA VAL E 10 2.76 -39.33 -19.75
C VAL E 10 3.82 -39.25 -20.84
N PRO E 11 3.85 -38.19 -21.64
CA PRO E 11 4.89 -38.05 -22.66
C PRO E 11 6.15 -37.43 -22.10
N GLU E 12 7.28 -37.76 -22.75
CA GLU E 12 8.58 -37.21 -22.40
C GLU E 12 9.24 -36.62 -23.65
N ILE E 13 10.52 -36.27 -23.53
CA ILE E 13 11.29 -35.74 -24.67
C ILE E 13 11.21 -36.66 -25.87
N ARG E 18 19.43 -22.97 -21.44
CA ARG E 18 19.53 -21.54 -21.21
C ARG E 18 20.98 -21.08 -21.15
N ILE E 19 21.70 -21.52 -20.11
CA ILE E 19 23.10 -21.13 -19.95
C ILE E 19 23.93 -21.69 -21.11
N GLU E 20 23.70 -22.94 -21.48
CA GLU E 20 24.41 -23.52 -22.62
C GLU E 20 23.94 -22.93 -23.95
N ARG E 21 22.75 -22.33 -23.99
CA ARG E 21 22.28 -21.72 -25.23
C ARG E 21 23.10 -20.47 -25.58
N ILE E 22 23.31 -19.59 -24.59
CA ILE E 22 24.18 -18.44 -24.83
C ILE E 22 25.63 -18.87 -24.87
N GLY E 23 25.96 -19.99 -24.23
CA GLY E 23 27.31 -20.51 -24.27
C GLY E 23 28.37 -19.65 -23.59
N ALA E 24 28.01 -19.01 -22.48
CA ALA E 24 28.97 -18.20 -21.75
C ALA E 24 29.91 -19.02 -20.87
N HIS E 25 29.59 -20.30 -20.64
CA HIS E 25 30.41 -21.18 -19.81
C HIS E 25 30.59 -22.53 -20.48
N SER E 26 30.67 -22.54 -21.81
CA SER E 26 30.82 -23.78 -22.53
C SER E 26 32.16 -24.46 -22.27
N HIS E 27 33.18 -23.69 -21.87
CA HIS E 27 34.49 -24.26 -21.60
C HIS E 27 34.62 -24.84 -20.21
N ILE E 28 33.61 -24.67 -19.35
CA ILE E 28 33.66 -25.18 -17.97
C ILE E 28 33.24 -26.64 -18.02
N ARG E 29 34.20 -27.55 -17.91
CA ARG E 29 33.96 -28.99 -17.88
C ARG E 29 34.50 -29.51 -16.56
N GLY E 30 33.68 -29.44 -15.51
CA GLY E 30 34.09 -29.85 -14.19
C GLY E 30 34.89 -28.77 -13.47
N LEU E 31 35.18 -29.04 -12.21
CA LEU E 31 35.93 -28.09 -11.39
C LEU E 31 37.40 -28.05 -11.76
N GLY E 32 37.99 -29.20 -12.05
CA GLY E 32 39.36 -29.27 -12.53
C GLY E 32 40.40 -29.43 -11.44
N LEU E 33 40.02 -29.29 -10.17
CA LEU E 33 41.01 -29.35 -9.10
C LEU E 33 41.64 -30.74 -9.01
N ASP E 34 40.82 -31.77 -8.78
CA ASP E 34 41.27 -33.15 -8.63
C ASP E 34 42.48 -33.28 -7.72
N ASP E 35 43.34 -34.26 -8.00
CA ASP E 35 44.52 -34.54 -7.19
C ASP E 35 44.16 -34.67 -5.72
N ALA E 36 43.03 -35.29 -5.42
CA ALA E 36 42.53 -35.45 -4.06
C ALA E 36 42.42 -34.09 -3.36
N LEU E 37 41.57 -33.23 -3.94
CA LEU E 37 41.32 -31.88 -3.43
C LEU E 37 42.61 -31.05 -3.38
N GLU E 38 43.15 -30.79 -4.57
CA GLU E 38 44.32 -29.95 -4.73
C GLU E 38 44.22 -29.24 -6.08
N PRO E 39 43.98 -27.93 -6.08
CA PRO E 39 43.63 -27.25 -7.34
C PRO E 39 44.79 -27.23 -8.33
N ARG E 40 44.47 -27.51 -9.59
CA ARG E 40 45.43 -27.41 -10.68
C ARG E 40 45.29 -26.05 -11.35
N GLN E 41 46.41 -25.42 -11.65
CA GLN E 41 46.38 -24.05 -12.17
C GLN E 41 45.64 -23.97 -13.49
N ALA E 42 45.91 -24.91 -14.40
CA ALA E 42 45.26 -24.93 -15.70
C ALA E 42 43.94 -25.70 -15.65
N SER E 43 44.00 -26.96 -15.23
CA SER E 43 42.84 -27.81 -14.94
C SER E 43 41.92 -27.89 -16.17
N GLN E 44 40.64 -28.17 -15.96
CA GLN E 44 39.70 -28.36 -17.05
C GLN E 44 39.00 -27.03 -17.37
N GLY E 45 39.75 -26.16 -18.04
CA GLY E 45 39.23 -24.90 -18.52
C GLY E 45 38.84 -23.92 -17.44
N MET E 46 39.53 -23.94 -16.30
CA MET E 46 39.33 -22.94 -15.25
C MET E 46 40.69 -22.51 -14.74
N VAL E 47 40.93 -21.21 -14.70
CA VAL E 47 42.24 -20.66 -14.35
C VAL E 47 42.10 -19.77 -13.12
N GLY E 48 43.09 -19.84 -12.24
CA GLY E 48 43.12 -19.00 -11.06
C GLY E 48 42.06 -19.36 -10.05
N GLN E 49 41.97 -18.50 -9.02
CA GLN E 49 40.97 -18.63 -7.96
C GLN E 49 41.04 -20.00 -7.28
N LEU E 50 42.19 -20.25 -6.65
CA LEU E 50 42.46 -21.57 -6.09
C LEU E 50 41.61 -21.84 -4.86
N ALA E 51 41.52 -20.87 -3.95
CA ALA E 51 40.85 -21.09 -2.67
C ALA E 51 39.37 -21.40 -2.86
N ALA E 52 38.69 -20.60 -3.70
CA ALA E 52 37.27 -20.82 -3.93
C ALA E 52 37.03 -22.17 -4.60
N ARG E 53 37.89 -22.54 -5.54
CA ARG E 53 37.73 -23.83 -6.21
C ARG E 53 37.94 -24.99 -5.25
N ARG E 54 38.92 -24.87 -4.34
CA ARG E 54 39.15 -25.93 -3.37
C ARG E 54 38.00 -26.04 -2.37
N ALA E 55 37.45 -24.90 -1.93
CA ALA E 55 36.27 -24.94 -1.09
C ALA E 55 35.10 -25.59 -1.82
N ALA E 56 34.95 -25.28 -3.11
CA ALA E 56 33.93 -25.94 -3.92
C ALA E 56 34.15 -27.44 -3.97
N GLY E 57 35.40 -27.87 -4.08
CA GLY E 57 35.71 -29.30 -4.07
C GLY E 57 35.33 -29.96 -2.76
N VAL E 58 35.59 -29.29 -1.64
CA VAL E 58 35.14 -29.79 -0.35
C VAL E 58 33.63 -29.90 -0.33
N VAL E 59 32.95 -28.95 -0.97
CA VAL E 59 31.49 -29.02 -1.07
C VAL E 59 31.06 -30.25 -1.86
N LEU E 60 31.76 -30.56 -2.97
CA LEU E 60 31.43 -31.79 -3.69
C LEU E 60 31.65 -33.02 -2.83
N GLU E 61 32.73 -33.03 -2.04
CA GLU E 61 32.95 -34.16 -1.13
C GLU E 61 31.79 -34.32 -0.17
N MET E 62 31.33 -33.20 0.40
CA MET E 62 30.20 -33.24 1.33
C MET E 62 28.94 -33.75 0.64
N ILE E 63 28.68 -33.29 -0.58
CA ILE E 63 27.48 -33.73 -1.31
C ILE E 63 27.57 -35.21 -1.61
N ARG E 64 28.74 -35.68 -2.05
CA ARG E 64 28.90 -37.09 -2.39
C ARG E 64 28.70 -37.99 -1.18
N GLU E 65 29.26 -37.60 -0.03
CA GLU E 65 29.14 -38.42 1.16
C GLU E 65 27.85 -38.15 1.94
N GLY E 66 26.90 -37.42 1.37
CA GLY E 66 25.57 -37.33 1.95
C GLY E 66 25.46 -36.53 3.21
N LYS E 67 26.38 -35.59 3.46
CA LYS E 67 26.36 -34.78 4.65
C LYS E 67 26.09 -33.30 4.35
N ILE E 68 25.41 -33.02 3.24
CA ILE E 68 25.10 -31.65 2.84
C ILE E 68 23.65 -31.27 3.13
N ALA E 69 22.76 -32.25 3.27
CA ALA E 69 21.34 -31.97 3.42
C ALA E 69 21.10 -31.04 4.61
N GLY E 70 20.24 -30.04 4.39
CA GLY E 70 19.97 -29.03 5.38
C GLY E 70 20.83 -27.79 5.26
N ARG E 71 21.87 -27.81 4.43
CA ARG E 71 22.77 -26.68 4.24
C ARG E 71 22.73 -26.22 2.79
N ALA E 72 23.48 -25.16 2.51
CA ALA E 72 23.55 -24.58 1.18
C ALA E 72 24.85 -23.82 1.06
N VAL E 73 25.18 -23.41 -0.16
CA VAL E 73 26.43 -22.73 -0.46
C VAL E 73 26.13 -21.29 -0.85
N LEU E 74 26.95 -20.36 -0.37
CA LEU E 74 26.88 -18.96 -0.74
C LEU E 74 28.22 -18.53 -1.31
N ILE E 75 28.19 -17.73 -2.37
CA ILE E 75 29.38 -17.27 -3.06
C ILE E 75 29.34 -15.76 -3.08
N ALA E 76 30.33 -15.14 -2.44
CA ALA E 76 30.44 -13.68 -2.36
C ALA E 76 31.67 -13.21 -3.12
N GLY E 77 31.61 -11.97 -3.58
CA GLY E 77 32.71 -11.36 -4.31
C GLY E 77 32.18 -10.37 -5.32
N GLN E 78 33.08 -9.53 -5.82
CA GLN E 78 32.73 -8.53 -6.81
C GLN E 78 32.25 -9.21 -8.09
N PRO E 79 31.38 -8.57 -8.86
CA PRO E 79 30.93 -9.18 -10.12
C PRO E 79 32.07 -9.28 -11.12
N GLY E 80 31.99 -10.32 -11.95
CA GLY E 80 33.06 -10.58 -12.90
C GLY E 80 34.22 -11.38 -12.34
N THR E 81 34.01 -12.13 -11.25
CA THR E 81 35.04 -12.97 -10.68
C THR E 81 34.83 -14.45 -10.91
N GLY E 82 33.62 -14.87 -11.31
CA GLY E 82 33.42 -16.24 -11.71
C GLY E 82 32.55 -17.07 -10.78
N LYS E 83 31.59 -16.44 -10.10
CA LYS E 83 30.70 -17.19 -9.22
C LYS E 83 29.90 -18.22 -9.99
N THR E 84 29.27 -17.80 -11.09
CA THR E 84 28.55 -18.75 -11.93
C THR E 84 29.49 -19.78 -12.53
N ALA E 85 30.74 -19.40 -12.80
CA ALA E 85 31.71 -20.38 -13.29
C ALA E 85 31.99 -21.45 -12.25
N ILE E 86 32.13 -21.06 -10.99
CA ILE E 86 32.35 -22.05 -9.92
C ILE E 86 31.13 -22.94 -9.77
N ALA E 87 29.93 -22.35 -9.86
CA ALA E 87 28.72 -23.16 -9.76
C ALA E 87 28.63 -24.17 -10.90
N MET E 88 28.94 -23.74 -12.12
CA MET E 88 28.92 -24.64 -13.26
C MET E 88 29.97 -25.75 -13.10
N GLY E 89 31.16 -25.39 -12.63
CA GLY E 89 32.17 -26.39 -12.39
C GLY E 89 31.74 -27.43 -11.37
N MET E 90 31.12 -26.97 -10.27
CA MET E 90 30.65 -27.90 -9.25
C MET E 90 29.56 -28.81 -9.82
N ALA E 91 28.64 -28.24 -10.60
CA ALA E 91 27.57 -29.04 -11.18
C ALA E 91 28.12 -30.09 -12.14
N GLN E 92 29.10 -29.71 -12.96
CA GLN E 92 29.68 -30.67 -13.90
C GLN E 92 30.47 -31.75 -13.18
N ALA E 93 31.23 -31.38 -12.14
CA ALA E 93 31.98 -32.37 -11.38
C ALA E 93 31.07 -33.29 -10.58
N LEU E 94 29.88 -32.80 -10.21
CA LEU E 94 28.93 -33.64 -9.49
C LEU E 94 28.48 -34.82 -10.35
N GLY E 95 28.23 -34.58 -11.63
CA GLY E 95 27.84 -35.63 -12.54
C GLY E 95 27.79 -35.11 -13.96
N PRO E 96 28.14 -35.96 -14.93
CA PRO E 96 28.13 -35.52 -16.34
C PRO E 96 26.74 -35.17 -16.85
N ASP E 97 25.68 -35.64 -16.20
CA ASP E 97 24.31 -35.38 -16.61
C ASP E 97 23.55 -34.60 -15.55
N THR E 98 24.27 -33.91 -14.67
CA THR E 98 23.65 -33.22 -13.56
C THR E 98 22.90 -31.98 -14.06
N PRO E 99 21.60 -31.85 -13.78
CA PRO E 99 20.89 -30.63 -14.16
C PRO E 99 21.47 -29.42 -13.42
N PHE E 100 21.41 -28.27 -14.08
CA PHE E 100 21.97 -27.05 -13.51
C PHE E 100 21.09 -25.87 -13.93
N THR E 101 20.39 -25.29 -12.96
CA THR E 101 19.61 -24.08 -13.19
C THR E 101 20.39 -22.90 -12.65
N ALA E 102 20.28 -21.76 -13.33
CA ALA E 102 21.10 -20.59 -13.02
C ALA E 102 20.27 -19.30 -13.00
N ILE E 103 19.17 -19.32 -12.24
CA ILE E 103 18.25 -18.18 -12.26
C ILE E 103 18.86 -16.98 -11.54
N ALA E 104 18.22 -15.82 -11.69
CA ALA E 104 18.59 -14.60 -11.00
C ALA E 104 17.53 -14.27 -9.95
N GLY E 105 17.94 -13.51 -8.93
CA GLY E 105 17.03 -13.17 -7.86
C GLY E 105 15.87 -12.32 -8.33
N SER E 106 16.14 -11.37 -9.23
CA SER E 106 15.08 -10.49 -9.73
C SER E 106 14.10 -11.22 -10.64
N GLU E 107 14.45 -12.41 -11.12
CA GLU E 107 13.62 -13.10 -12.11
C GLU E 107 12.31 -13.59 -11.53
N ILE E 108 12.24 -13.88 -10.23
CA ILE E 108 11.04 -14.49 -9.67
C ILE E 108 9.86 -13.53 -9.62
N PHE E 109 10.08 -12.24 -9.80
CA PHE E 109 9.00 -11.25 -9.86
C PHE E 109 8.51 -11.19 -11.29
N SER E 110 7.34 -11.76 -11.55
CA SER E 110 6.81 -11.87 -12.90
C SER E 110 5.35 -11.42 -12.95
N LEU E 111 4.97 -10.87 -14.10
CA LEU E 111 3.58 -10.52 -14.32
C LEU E 111 2.69 -11.76 -14.35
N GLU E 112 3.20 -12.85 -14.94
CA GLU E 112 2.39 -14.04 -15.17
C GLU E 112 2.25 -14.88 -13.91
N MET E 113 3.38 -15.36 -13.39
CA MET E 113 3.38 -16.29 -12.27
C MET E 113 3.70 -15.57 -10.96
N SER E 114 3.18 -16.12 -9.86
CA SER E 114 3.52 -15.64 -8.54
C SER E 114 4.91 -16.11 -8.14
N LYS E 115 5.38 -15.62 -6.99
CA LYS E 115 6.68 -16.05 -6.49
C LYS E 115 6.70 -17.55 -6.20
N THR E 116 5.57 -18.09 -5.70
CA THR E 116 5.49 -19.53 -5.48
C THR E 116 5.75 -20.30 -6.76
N GLU E 117 5.04 -19.94 -7.83
CA GLU E 117 5.19 -20.68 -9.09
C GLU E 117 6.59 -20.53 -9.65
N ALA E 118 7.15 -19.33 -9.61
CA ALA E 118 8.50 -19.12 -10.16
C ALA E 118 9.53 -19.94 -9.39
N LEU E 119 9.49 -19.88 -8.05
CA LEU E 119 10.47 -20.63 -7.28
C LEU E 119 10.25 -22.13 -7.39
N THR E 120 9.00 -22.58 -7.48
CA THR E 120 8.73 -24.00 -7.66
C THR E 120 9.24 -24.49 -9.00
N GLN E 121 9.05 -23.70 -10.06
CA GLN E 121 9.58 -24.07 -11.36
C GLN E 121 11.09 -24.14 -11.33
N ALA E 122 11.74 -23.15 -10.73
CA ALA E 122 13.20 -23.14 -10.65
C ALA E 122 13.71 -24.32 -9.84
N PHE E 123 12.98 -24.70 -8.79
CA PHE E 123 13.37 -25.84 -7.97
C PHE E 123 13.22 -27.15 -8.74
N ARG E 124 12.07 -27.33 -9.39
CA ARG E 124 11.80 -28.59 -10.08
C ARG E 124 12.70 -28.77 -11.30
N ARG E 125 13.02 -27.70 -12.02
CA ARG E 125 13.90 -27.83 -13.16
C ARG E 125 15.36 -27.99 -12.76
N SER E 126 15.65 -28.09 -11.46
CA SER E 126 16.98 -28.40 -10.98
C SER E 126 17.15 -29.85 -10.55
N ILE E 127 16.09 -30.51 -10.10
CA ILE E 127 16.12 -31.94 -9.80
C ILE E 127 15.80 -32.68 -11.09
N GLY E 128 16.54 -33.75 -11.38
CA GLY E 128 16.42 -34.46 -12.64
C GLY E 128 15.99 -35.89 -12.44
N VAL E 129 15.39 -36.47 -13.47
CA VAL E 129 15.16 -37.90 -13.56
C VAL E 129 15.95 -38.42 -14.74
N ARG E 130 16.79 -39.41 -14.49
CA ARG E 130 17.49 -40.17 -15.52
C ARG E 130 16.55 -41.28 -15.95
N ILE E 131 15.96 -41.13 -17.13
CA ILE E 131 15.16 -42.18 -17.74
C ILE E 131 16.11 -43.14 -18.44
N LYS E 132 16.04 -44.41 -18.07
CA LYS E 132 16.92 -45.45 -18.59
C LYS E 132 16.06 -46.36 -19.46
N GLU E 133 16.09 -46.12 -20.78
CA GLU E 133 15.27 -46.87 -21.73
C GLU E 133 16.19 -47.85 -22.46
N GLU E 134 15.92 -49.14 -22.29
CA GLU E 134 16.76 -50.19 -22.86
C GLU E 134 16.29 -50.48 -24.28
N THR E 135 16.72 -49.66 -25.23
CA THR E 135 16.35 -49.87 -26.62
C THR E 135 17.03 -51.13 -27.15
N GLU E 136 16.34 -51.85 -28.03
CA GLU E 136 16.83 -53.11 -28.56
C GLU E 136 17.56 -52.82 -29.87
N ILE E 137 18.89 -52.80 -29.80
CA ILE E 137 19.72 -52.48 -30.95
C ILE E 137 20.12 -53.77 -31.66
N ILE E 138 20.06 -53.73 -32.99
CA ILE E 138 20.38 -54.87 -33.84
C ILE E 138 21.77 -54.59 -34.40
N GLU E 139 22.77 -55.25 -33.82
CA GLU E 139 24.12 -55.16 -34.31
C GLU E 139 24.50 -56.46 -35.01
N GLY E 140 25.35 -56.35 -36.03
CA GLY E 140 25.78 -57.51 -36.76
C GLY E 140 26.47 -57.19 -38.07
N GLU E 141 27.54 -57.91 -38.37
CA GLU E 141 28.23 -57.75 -39.64
C GLU E 141 27.34 -58.24 -40.78
N VAL E 142 27.14 -57.39 -41.79
CA VAL E 142 26.31 -57.76 -42.93
C VAL E 142 27.13 -58.61 -43.89
N VAL E 143 27.05 -59.94 -43.73
CA VAL E 143 27.75 -60.84 -44.64
C VAL E 143 27.22 -60.68 -46.06
N GLU E 144 25.90 -60.62 -46.20
CA GLU E 144 25.26 -60.49 -47.51
C GLU E 144 24.07 -59.55 -47.38
N ILE E 145 23.95 -58.63 -48.34
CA ILE E 145 22.80 -57.72 -48.41
C ILE E 145 21.63 -58.52 -48.97
N GLN E 146 20.71 -58.94 -48.11
CA GLN E 146 19.57 -59.73 -48.55
C GLN E 146 18.53 -58.81 -49.18
N ILE E 147 18.00 -59.22 -50.33
CA ILE E 147 17.03 -58.44 -51.08
C ILE E 147 15.64 -59.01 -50.81
N ASP E 148 14.77 -58.19 -50.23
CA ASP E 148 15.11 -56.81 -49.89
C ASP E 148 15.24 -56.66 -48.37
N VAL E 158 10.69 -55.79 -50.01
CA VAL E 158 10.90 -55.93 -48.57
C VAL E 158 11.14 -57.39 -48.21
N GLY E 159 12.23 -57.65 -47.51
CA GLY E 159 12.57 -59.01 -47.10
C GLY E 159 13.21 -59.06 -45.74
N LYS E 160 14.29 -59.83 -45.61
CA LYS E 160 15.01 -59.99 -44.35
C LYS E 160 16.43 -59.44 -44.50
N LEU E 161 17.22 -59.61 -43.44
CA LEU E 161 18.60 -59.13 -43.44
C LEU E 161 19.44 -60.10 -42.62
N THR E 162 20.45 -60.70 -43.26
CA THR E 162 21.30 -61.69 -42.61
C THR E 162 22.31 -60.97 -41.73
N LEU E 163 22.06 -60.96 -40.42
CA LEU E 163 22.96 -60.33 -39.46
C LEU E 163 23.56 -61.38 -38.54
N LYS E 164 24.88 -61.32 -38.35
CA LYS E 164 25.62 -62.28 -37.56
C LYS E 164 26.49 -61.57 -36.53
N THR E 165 26.71 -62.25 -35.42
CA THR E 165 27.54 -61.77 -34.32
C THR E 165 28.25 -62.98 -33.72
N THR E 166 28.78 -62.81 -32.51
CA THR E 166 29.43 -63.90 -31.79
C THR E 166 28.42 -64.85 -31.14
N GLU E 167 27.15 -64.77 -31.50
CA GLU E 167 26.12 -65.64 -30.92
C GLU E 167 25.50 -66.57 -31.96
N MET E 168 25.05 -66.03 -33.10
CA MET E 168 24.34 -66.76 -34.16
C MET E 168 24.23 -65.84 -35.38
N GLU E 169 23.51 -66.30 -36.40
CA GLU E 169 23.20 -65.49 -37.58
C GLU E 169 21.69 -65.60 -37.79
N THR E 170 20.99 -64.48 -37.62
CA THR E 170 19.54 -64.43 -37.67
C THR E 170 19.07 -63.42 -38.71
N ILE E 171 18.03 -63.80 -39.46
CA ILE E 171 17.43 -62.91 -40.44
C ILE E 171 16.42 -62.00 -39.76
N TYR E 172 16.54 -60.70 -40.00
CA TYR E 172 15.64 -59.70 -39.42
C TYR E 172 14.97 -58.93 -40.54
N ASP E 173 13.64 -58.88 -40.50
CA ASP E 173 12.88 -58.21 -41.55
C ASP E 173 13.16 -56.71 -41.55
N LEU E 174 13.41 -56.16 -42.74
CA LEU E 174 13.74 -54.75 -42.87
C LEU E 174 13.28 -54.25 -44.23
N GLY E 175 13.03 -52.95 -44.33
CA GLY E 175 12.45 -52.38 -45.54
C GLY E 175 13.43 -52.28 -46.68
N THR E 176 12.86 -51.99 -47.86
CA THR E 176 13.67 -51.89 -49.07
C THR E 176 14.51 -50.62 -49.08
N LYS E 177 13.91 -49.48 -48.69
CA LYS E 177 14.67 -48.23 -48.64
C LYS E 177 15.76 -48.29 -47.58
N MET E 178 15.51 -49.01 -46.48
CA MET E 178 16.57 -49.22 -45.49
C MET E 178 17.71 -50.03 -46.08
N ILE E 179 17.40 -51.02 -46.92
CA ILE E 179 18.43 -51.77 -47.63
C ILE E 179 19.23 -50.86 -48.56
N GLU E 180 18.53 -49.98 -49.27
CA GLU E 180 19.20 -49.05 -50.17
C GLU E 180 20.11 -48.09 -49.40
N SER E 181 19.70 -47.68 -48.20
CA SER E 181 20.56 -46.84 -47.38
C SER E 181 21.75 -47.63 -46.83
N LEU E 182 21.52 -48.90 -46.47
CA LEU E 182 22.60 -49.71 -45.91
C LEU E 182 23.66 -50.03 -46.96
N THR E 183 23.25 -50.22 -48.22
CA THR E 183 24.23 -50.47 -49.28
C THR E 183 25.15 -49.27 -49.45
N LYS E 184 24.66 -48.06 -49.21
CA LYS E 184 25.54 -46.90 -49.18
C LYS E 184 26.42 -46.89 -47.95
N ASP E 185 25.93 -47.43 -46.84
CA ASP E 185 26.69 -47.45 -45.60
C ASP E 185 27.90 -48.37 -45.74
N LYS E 186 28.85 -48.21 -44.82
CA LYS E 186 30.09 -48.96 -44.83
C LYS E 186 29.80 -50.44 -44.59
N VAL E 187 29.97 -51.25 -45.63
CA VAL E 187 29.83 -52.70 -45.55
C VAL E 187 31.20 -53.32 -45.78
N GLN E 188 31.59 -54.24 -44.90
CA GLN E 188 30.72 -54.71 -43.81
C GLN E 188 31.12 -54.11 -42.47
N ALA E 189 31.80 -52.95 -42.51
CA ALA E 189 32.32 -52.32 -41.30
C ALA E 189 31.23 -51.46 -40.68
N GLY E 190 30.66 -51.94 -39.58
CA GLY E 190 29.63 -51.19 -38.86
C GLY E 190 28.28 -51.87 -38.87
N ASP E 191 27.28 -51.19 -39.43
CA ASP E 191 25.92 -51.73 -39.56
C ASP E 191 25.32 -52.09 -38.20
N VAL E 192 25.51 -51.21 -37.22
CA VAL E 192 24.94 -51.39 -35.88
C VAL E 192 23.70 -50.50 -35.83
N ILE E 193 22.55 -51.08 -36.18
CA ILE E 193 21.30 -50.33 -36.26
C ILE E 193 20.65 -50.26 -34.89
N THR E 194 19.91 -49.19 -34.66
CA THR E 194 18.99 -49.09 -33.54
C THR E 194 17.58 -49.35 -34.07
N ILE E 195 16.74 -49.97 -33.24
CA ILE E 195 15.42 -50.40 -33.67
C ILE E 195 14.63 -49.22 -34.26
N ASP E 196 14.25 -49.35 -35.53
CA ASP E 196 13.47 -48.33 -36.24
C ASP E 196 14.16 -46.96 -36.16
N LYS E 197 15.48 -46.96 -36.27
CA LYS E 197 16.27 -45.74 -36.11
C LYS E 197 17.51 -45.82 -37.00
N ALA E 198 18.46 -44.94 -36.75
CA ALA E 198 19.62 -44.80 -37.62
C ALA E 198 20.53 -46.03 -37.54
N THR E 199 21.28 -46.24 -38.62
CA THR E 199 22.26 -47.33 -38.71
C THR E 199 23.64 -46.73 -38.50
N GLY E 200 24.29 -47.12 -37.39
CA GLY E 200 25.61 -46.62 -37.09
C GLY E 200 26.72 -47.48 -37.68
N LYS E 201 27.48 -46.92 -38.61
CA LYS E 201 28.58 -47.63 -39.26
C LYS E 201 29.90 -47.21 -38.60
N ILE E 202 30.50 -48.12 -37.85
CA ILE E 202 31.77 -47.84 -37.17
C ILE E 202 32.82 -48.87 -37.59
N SER E 203 32.57 -50.14 -37.30
CA SER E 203 33.50 -51.22 -37.59
C SER E 203 32.82 -52.54 -37.28
N LYS E 204 33.51 -53.63 -37.58
CA LYS E 204 32.99 -54.97 -37.31
C LYS E 204 33.22 -55.36 -35.86
N CYS E 227 29.37 -51.93 -32.24
CA CYS E 227 30.27 -53.03 -32.58
C CYS E 227 29.56 -54.37 -32.46
N PRO E 228 29.54 -55.13 -33.56
CA PRO E 228 28.89 -56.46 -33.53
C PRO E 228 29.66 -57.46 -32.69
N ASP E 229 29.13 -57.79 -31.52
CA ASP E 229 29.76 -58.76 -30.62
C ASP E 229 28.71 -59.23 -29.62
N GLY E 230 29.02 -60.33 -28.94
CA GLY E 230 28.11 -60.91 -27.99
C GLY E 230 26.87 -61.48 -28.64
N GLU E 231 25.70 -61.09 -28.14
CA GLU E 231 24.43 -61.56 -28.69
C GLU E 231 24.08 -60.76 -29.95
N LEU E 232 23.11 -61.26 -30.69
CA LEU E 232 22.65 -60.57 -31.89
C LEU E 232 21.73 -59.39 -31.57
N GLN E 233 20.99 -59.45 -30.46
CA GLN E 233 19.99 -58.44 -30.11
C GLN E 233 20.44 -57.80 -28.80
N LYS E 234 21.22 -56.72 -28.88
CA LYS E 234 21.72 -56.14 -27.65
C LYS E 234 20.77 -55.06 -27.13
N ARG E 235 21.04 -54.61 -25.92
CA ARG E 235 20.24 -53.58 -25.25
C ARG E 235 21.12 -52.37 -25.01
N LYS E 236 20.90 -51.30 -25.78
CA LYS E 236 21.53 -50.02 -25.47
C LYS E 236 20.58 -49.28 -24.53
N GLU E 237 20.99 -49.18 -23.27
CA GLU E 237 20.15 -48.55 -22.24
C GLU E 237 20.45 -47.06 -22.27
N VAL E 238 19.78 -46.35 -23.17
CA VAL E 238 19.98 -44.91 -23.27
C VAL E 238 19.48 -44.27 -21.98
N VAL E 239 20.41 -43.64 -21.26
CA VAL E 239 20.09 -43.00 -19.98
C VAL E 239 20.09 -41.50 -20.25
N HIS E 240 18.92 -40.97 -20.55
CA HIS E 240 18.78 -39.53 -20.80
C HIS E 240 18.11 -38.89 -19.60
N THR E 241 18.69 -37.80 -19.11
CA THR E 241 18.22 -37.14 -17.91
C THR E 241 17.50 -35.85 -18.29
N VAL E 242 16.28 -35.70 -17.80
CA VAL E 242 15.54 -34.45 -17.97
C VAL E 242 15.02 -34.05 -16.59
N SER E 243 14.96 -32.75 -16.35
CA SER E 243 14.43 -32.33 -15.07
C SER E 243 12.91 -32.44 -15.07
N LEU E 244 12.30 -32.09 -13.94
CA LEU E 244 10.86 -32.21 -13.82
C LEU E 244 10.14 -31.25 -14.76
N HIS E 245 10.64 -30.02 -14.88
CA HIS E 245 9.87 -28.95 -15.51
C HIS E 245 9.56 -29.23 -16.97
N GLU E 246 10.51 -29.82 -17.72
CA GLU E 246 10.17 -30.22 -19.09
C GLU E 246 9.07 -31.26 -19.10
N ILE E 247 9.04 -32.13 -18.09
CA ILE E 247 7.95 -33.11 -18.01
C ILE E 247 6.62 -32.39 -17.80
N ASP E 248 6.58 -31.38 -16.91
CA ASP E 248 5.33 -30.63 -16.76
C ASP E 248 4.91 -29.96 -18.05
N VAL E 249 5.84 -29.27 -18.72
CA VAL E 249 5.42 -28.49 -19.90
C VAL E 249 5.02 -29.41 -21.04
N ILE E 250 5.73 -30.54 -21.21
CA ILE E 250 5.37 -31.49 -22.26
C ILE E 250 4.02 -32.13 -21.95
N ASN E 251 3.79 -32.50 -20.69
CA ASN E 251 2.50 -33.08 -20.31
C ASN E 251 1.37 -32.08 -20.50
N SER E 252 1.62 -30.81 -20.18
CA SER E 252 0.62 -29.76 -20.29
C SER E 252 0.72 -29.14 -21.69
N ARG E 253 0.08 -27.98 -21.88
CA ARG E 253 0.11 -27.23 -23.13
C ARG E 253 1.45 -27.27 -23.87
N PHE E 257 6.51 -22.95 -30.88
CA PHE E 257 6.86 -21.76 -31.64
C PHE E 257 6.61 -20.46 -30.88
N LEU E 258 5.67 -19.66 -31.39
CA LEU E 258 5.42 -18.31 -30.88
C LEU E 258 4.38 -18.29 -29.77
N ALA E 259 3.91 -19.45 -29.30
CA ALA E 259 3.05 -19.47 -28.11
C ALA E 259 3.75 -18.91 -26.89
N LEU E 260 5.09 -18.88 -26.90
CA LEU E 260 5.85 -18.23 -25.84
C LEU E 260 5.59 -16.74 -25.79
N PHE E 261 5.09 -16.15 -26.87
CA PHE E 261 4.60 -14.78 -26.87
C PHE E 261 3.15 -14.70 -26.38
N SER E 262 2.31 -15.63 -26.81
CA SER E 262 0.91 -15.65 -26.41
C SER E 262 0.47 -17.02 -25.92
N GLY E 266 1.84 -19.50 -18.34
CA GLY E 266 3.04 -20.11 -17.83
C GLY E 266 2.82 -20.94 -16.58
N GLU E 267 1.66 -20.74 -15.95
CA GLU E 267 1.32 -21.46 -14.73
C GLU E 267 1.01 -22.92 -15.07
N ILE E 268 1.60 -23.83 -14.30
CA ILE E 268 1.33 -25.26 -14.47
C ILE E 268 0.24 -25.66 -13.48
N LYS E 269 -0.81 -26.31 -13.99
CA LYS E 269 -1.93 -26.70 -13.15
C LYS E 269 -1.49 -27.72 -12.10
N SER E 270 -2.10 -27.63 -10.92
CA SER E 270 -1.70 -28.48 -9.80
C SER E 270 -1.96 -29.95 -10.06
N GLU E 271 -2.96 -30.27 -10.88
CA GLU E 271 -3.26 -31.66 -11.18
C GLU E 271 -2.09 -32.33 -11.91
N VAL E 272 -1.47 -31.63 -12.85
CA VAL E 272 -0.32 -32.17 -13.57
C VAL E 272 0.83 -32.40 -12.60
N ARG E 273 1.09 -31.43 -11.72
CA ARG E 273 2.15 -31.58 -10.74
C ARG E 273 1.90 -32.78 -9.85
N GLU E 274 0.66 -32.96 -9.38
CA GLU E 274 0.35 -34.08 -8.51
C GLU E 274 0.54 -35.41 -9.23
N GLN E 275 0.04 -35.52 -10.47
CA GLN E 275 0.14 -36.79 -11.18
C GLN E 275 1.60 -37.14 -11.49
N ILE E 276 2.40 -36.14 -11.88
CA ILE E 276 3.81 -36.42 -12.14
C ILE E 276 4.54 -36.75 -10.85
N ASN E 277 4.20 -36.08 -9.74
CA ASN E 277 4.84 -36.39 -8.46
C ASN E 277 4.57 -37.84 -8.05
N ALA E 278 3.34 -38.31 -8.24
CA ALA E 278 3.03 -39.70 -7.94
C ALA E 278 3.69 -40.67 -8.91
N LYS E 279 3.66 -40.36 -10.21
CA LYS E 279 4.10 -41.33 -11.20
C LYS E 279 5.62 -41.40 -11.32
N VAL E 280 6.34 -40.33 -10.97
CA VAL E 280 7.80 -40.41 -10.89
C VAL E 280 8.21 -41.35 -9.76
N ALA E 281 7.53 -41.24 -8.60
CA ALA E 281 7.72 -42.22 -7.55
C ALA E 281 7.36 -43.62 -8.03
N GLU E 282 6.34 -43.73 -8.89
CA GLU E 282 6.00 -45.03 -9.46
C GLU E 282 7.17 -45.61 -10.26
N TRP E 283 7.75 -44.82 -11.18
CA TRP E 283 8.89 -45.34 -11.93
C TRP E 283 10.08 -45.63 -11.03
N ARG E 284 10.30 -44.83 -10.00
CA ARG E 284 11.40 -45.10 -9.08
C ARG E 284 11.19 -46.41 -8.35
N GLU E 285 9.94 -46.69 -7.96
CA GLU E 285 9.63 -47.96 -7.30
C GLU E 285 9.84 -49.14 -8.26
N GLU E 286 9.35 -49.01 -9.49
CA GLU E 286 9.45 -50.13 -10.43
C GLU E 286 10.86 -50.28 -11.00
N GLY E 287 11.62 -49.19 -11.09
CA GLY E 287 13.02 -49.24 -11.46
C GLY E 287 13.40 -48.67 -12.81
N LYS E 288 12.46 -48.06 -13.53
CA LYS E 288 12.76 -47.55 -14.87
C LYS E 288 13.70 -46.35 -14.84
N ALA E 289 13.51 -45.43 -13.88
CA ALA E 289 14.28 -44.20 -13.82
C ALA E 289 14.94 -44.07 -12.46
N GLU E 290 15.85 -43.10 -12.36
CA GLU E 290 16.45 -42.75 -11.08
C GLU E 290 16.44 -41.24 -10.89
N ILE E 291 16.30 -40.80 -9.65
CA ILE E 291 16.23 -39.37 -9.33
C ILE E 291 17.62 -38.88 -8.99
N ILE E 292 18.06 -37.82 -9.67
CA ILE E 292 19.37 -37.22 -9.48
C ILE E 292 19.18 -35.83 -8.91
N PRO E 293 19.79 -35.50 -7.77
CA PRO E 293 19.77 -34.11 -7.28
C PRO E 293 20.74 -33.26 -8.09
N GLY E 294 20.23 -32.19 -8.66
CA GLY E 294 21.02 -31.28 -9.46
C GLY E 294 21.53 -30.10 -8.66
N VAL E 295 21.71 -28.97 -9.35
CA VAL E 295 22.21 -27.75 -8.75
C VAL E 295 21.28 -26.61 -9.13
N LEU E 296 20.84 -25.83 -8.15
CA LEU E 296 20.02 -24.65 -8.37
C LEU E 296 20.81 -23.44 -7.91
N PHE E 297 21.13 -22.55 -8.85
CA PHE E 297 21.96 -21.38 -8.63
C PHE E 297 21.08 -20.13 -8.70
N ILE E 298 21.24 -19.24 -7.73
CA ILE E 298 20.45 -18.02 -7.64
C ILE E 298 21.45 -16.88 -7.59
N ASP E 299 21.59 -16.14 -8.68
CA ASP E 299 22.51 -15.02 -8.73
C ASP E 299 21.84 -13.78 -8.15
N GLU E 300 22.61 -12.97 -7.43
CA GLU E 300 22.11 -11.78 -6.75
C GLU E 300 20.97 -12.15 -5.80
N VAL E 301 21.33 -12.91 -4.76
CA VAL E 301 20.35 -13.41 -3.81
C VAL E 301 19.71 -12.29 -3.01
N HIS E 302 20.36 -11.13 -2.91
CA HIS E 302 19.80 -10.05 -2.10
C HIS E 302 18.49 -9.53 -2.67
N MET E 303 18.23 -9.74 -3.96
CA MET E 303 16.98 -9.26 -4.54
C MET E 303 15.77 -10.06 -4.07
N LEU E 304 15.99 -11.26 -3.54
CA LEU E 304 14.90 -11.99 -2.91
C LEU E 304 14.49 -11.30 -1.62
N ASP E 305 13.33 -11.71 -1.10
CA ASP E 305 12.76 -11.08 0.08
C ASP E 305 12.40 -12.14 1.11
N ILE E 306 12.09 -11.68 2.32
CA ILE E 306 11.80 -12.57 3.44
C ILE E 306 10.61 -13.47 3.15
N GLU E 307 9.80 -13.11 2.17
CA GLU E 307 8.58 -13.84 1.85
C GLU E 307 8.85 -15.06 0.97
N SER E 308 10.04 -15.15 0.38
CA SER E 308 10.46 -16.30 -0.41
C SER E 308 11.62 -17.08 0.21
N PHE E 309 12.40 -16.45 1.09
CA PHE E 309 13.39 -17.19 1.85
C PHE E 309 12.73 -18.28 2.69
N SER E 310 11.52 -18.02 3.18
CA SER E 310 10.78 -19.05 3.91
C SER E 310 10.45 -20.22 3.00
N PHE E 311 10.06 -19.93 1.75
CA PHE E 311 9.80 -21.01 0.81
C PHE E 311 11.08 -21.81 0.53
N LEU E 312 12.21 -21.12 0.41
CA LEU E 312 13.48 -21.82 0.21
C LEU E 312 13.78 -22.73 1.39
N ASN E 313 13.59 -22.25 2.61
CA ASN E 313 13.84 -23.06 3.80
C ASN E 313 12.90 -24.26 3.87
N ARG E 314 11.62 -24.04 3.54
CA ARG E 314 10.65 -25.13 3.58
C ARG E 314 10.95 -26.18 2.53
N ALA E 315 11.35 -25.76 1.33
CA ALA E 315 11.51 -26.69 0.22
C ALA E 315 12.78 -27.52 0.35
N LEU E 316 13.92 -26.88 0.60
CA LEU E 316 15.19 -27.60 0.62
C LEU E 316 15.29 -28.57 1.79
N GLU E 317 14.40 -28.49 2.78
CA GLU E 317 14.35 -29.45 3.88
C GLU E 317 13.57 -30.70 3.45
N SER E 318 14.14 -31.40 2.46
CA SER E 318 13.50 -32.58 1.91
C SER E 318 14.58 -33.50 1.36
N ASP E 319 14.20 -34.75 1.12
CA ASP E 319 15.16 -35.75 0.65
C ASP E 319 15.59 -35.43 -0.78
N MET E 320 14.62 -35.38 -1.70
CA MET E 320 14.91 -35.14 -3.12
C MET E 320 15.04 -33.64 -3.42
N ALA E 321 15.83 -32.98 -2.58
CA ALA E 321 16.10 -31.56 -2.73
C ALA E 321 17.47 -31.35 -3.35
N PRO E 322 17.59 -30.46 -4.33
CA PRO E 322 18.88 -30.24 -4.99
C PRO E 322 19.79 -29.37 -4.14
N VAL E 323 21.06 -29.37 -4.52
CA VAL E 323 22.02 -28.45 -3.91
C VAL E 323 21.61 -27.03 -4.24
N LEU E 324 21.67 -26.15 -3.24
CA LEU E 324 21.28 -24.75 -3.38
C LEU E 324 22.52 -23.89 -3.30
N ILE E 325 22.76 -23.12 -4.35
CA ILE E 325 23.87 -22.17 -4.41
C ILE E 325 23.29 -20.78 -4.60
N MET E 326 23.77 -19.84 -3.81
CA MET E 326 23.43 -18.43 -4.00
C MET E 326 24.68 -17.64 -4.28
N ALA E 327 24.52 -16.51 -4.95
CA ALA E 327 25.62 -15.62 -5.23
C ALA E 327 25.22 -14.21 -4.87
N THR E 328 26.20 -13.42 -4.42
CA THR E 328 25.92 -12.04 -4.07
C THR E 328 27.20 -11.23 -4.16
N ASN E 329 27.04 -9.94 -4.40
CA ASN E 329 28.15 -8.99 -4.45
C ASN E 329 27.92 -7.83 -3.47
N ARG E 330 26.97 -8.00 -2.56
CA ARG E 330 26.58 -6.96 -1.62
C ARG E 330 26.92 -7.40 -0.21
N GLY E 331 27.41 -6.47 0.59
CA GLY E 331 27.70 -6.73 1.99
C GLY E 331 26.44 -6.66 2.83
N ILE E 332 26.51 -5.99 3.98
CA ILE E 332 25.33 -5.83 4.82
C ILE E 332 24.31 -4.97 4.07
N THR E 333 23.09 -5.48 3.94
CA THR E 333 22.05 -4.77 3.22
C THR E 333 20.69 -5.18 3.80
N ARG E 334 19.70 -4.32 3.54
CA ARG E 334 18.37 -4.54 4.09
C ARG E 334 17.75 -5.81 3.54
N ILE E 335 17.03 -6.53 4.41
CA ILE E 335 16.19 -7.63 3.94
C ILE E 335 14.95 -7.06 3.29
N ARG E 336 14.73 -7.43 2.04
CA ARG E 336 13.53 -6.96 1.33
C ARG E 336 12.29 -7.53 2.02
N GLY E 337 11.30 -6.68 2.25
CA GLY E 337 10.11 -7.07 2.97
C GLY E 337 10.16 -6.85 4.47
N THR E 338 11.30 -6.48 5.02
CA THR E 338 11.42 -6.16 6.44
C THR E 338 12.15 -4.85 6.63
N SER E 339 12.50 -4.53 7.87
CA SER E 339 13.23 -3.30 8.20
C SER E 339 14.64 -3.54 8.70
N TYR E 340 14.96 -4.75 9.14
CA TYR E 340 16.25 -5.04 9.72
C TYR E 340 17.30 -5.30 8.64
N GLN E 341 18.55 -5.08 8.99
CA GLN E 341 19.68 -5.27 8.09
C GLN E 341 20.50 -6.47 8.56
N SER E 342 20.79 -7.37 7.63
CA SER E 342 21.58 -8.57 7.89
C SER E 342 22.64 -8.68 6.81
N PRO E 343 23.72 -9.44 7.07
CA PRO E 343 24.73 -9.64 6.02
C PRO E 343 24.13 -10.30 4.79
N HIS E 344 24.51 -9.80 3.63
CA HIS E 344 24.17 -10.35 2.32
C HIS E 344 22.67 -10.38 2.05
N GLY E 345 21.88 -9.63 2.80
CA GLY E 345 20.44 -9.62 2.60
C GLY E 345 19.78 -10.95 2.80
N ILE E 346 20.29 -11.76 3.71
CA ILE E 346 19.78 -13.10 3.98
C ILE E 346 19.38 -13.14 5.45
N PRO E 347 18.20 -13.67 5.78
CA PRO E 347 17.81 -13.74 7.20
C PRO E 347 18.76 -14.63 7.99
N ILE E 348 18.88 -14.32 9.28
CA ILE E 348 19.86 -14.99 10.13
C ILE E 348 19.54 -16.47 10.26
N ASP E 349 18.26 -16.84 10.26
CA ASP E 349 17.90 -18.24 10.44
C ASP E 349 18.46 -19.11 9.31
N LEU E 350 18.36 -18.64 8.07
CA LEU E 350 18.90 -19.39 6.94
C LEU E 350 20.41 -19.27 6.87
N LEU E 351 20.96 -18.09 7.20
CA LEU E 351 22.37 -17.82 6.98
C LEU E 351 23.26 -18.72 7.84
N ASP E 352 22.78 -19.14 9.01
CA ASP E 352 23.57 -20.02 9.86
C ASP E 352 23.80 -21.40 9.26
N ARG E 353 23.07 -21.74 8.20
CA ARG E 353 23.23 -23.01 7.51
C ARG E 353 24.06 -22.89 6.25
N LEU E 354 24.75 -21.78 6.05
CA LEU E 354 25.41 -21.45 4.78
C LEU E 354 26.90 -21.72 4.88
N LEU E 355 27.43 -22.43 3.89
CA LEU E 355 28.88 -22.53 3.68
C LEU E 355 29.27 -21.38 2.76
N ILE E 356 29.95 -20.39 3.31
CA ILE E 356 30.25 -19.16 2.59
C ILE E 356 31.65 -19.29 2.00
N VAL E 357 31.74 -19.13 0.68
CA VAL E 357 33.03 -19.10 -0.01
C VAL E 357 33.23 -17.70 -0.58
N SER E 358 34.49 -17.32 -0.73
CA SER E 358 34.85 -16.00 -1.20
C SER E 358 35.70 -16.11 -2.47
N THR E 359 35.40 -15.27 -3.44
CA THR E 359 36.11 -15.24 -4.71
C THR E 359 36.93 -13.97 -4.81
N THR E 360 38.22 -14.11 -5.01
CA THR E 360 39.11 -12.97 -5.10
C THR E 360 39.10 -12.39 -6.51
N PRO E 361 39.35 -11.09 -6.66
CA PRO E 361 39.41 -10.51 -7.99
C PRO E 361 40.56 -11.05 -8.81
N TYR E 362 40.35 -11.11 -10.13
CA TYR E 362 41.33 -11.68 -11.04
C TYR E 362 42.55 -10.76 -11.17
N SER E 363 43.64 -11.32 -11.66
CA SER E 363 44.87 -10.60 -11.92
C SER E 363 45.19 -10.61 -13.41
N GLU E 364 46.37 -10.11 -13.75
CA GLU E 364 46.76 -9.95 -15.16
C GLU E 364 46.71 -11.28 -15.90
N LYS E 365 47.51 -12.25 -15.42
CA LYS E 365 47.66 -13.52 -16.13
C LYS E 365 46.34 -14.28 -16.20
N ASP E 366 45.59 -14.29 -15.10
CA ASP E 366 44.32 -15.02 -15.08
C ASP E 366 43.35 -14.45 -16.12
N THR E 367 43.21 -13.12 -16.14
CA THR E 367 42.31 -12.50 -17.10
C THR E 367 42.74 -12.75 -18.53
N LYS E 368 44.05 -12.67 -18.80
CA LYS E 368 44.52 -12.99 -20.14
C LYS E 368 44.17 -14.42 -20.52
N GLN E 369 44.31 -15.35 -19.57
CA GLN E 369 44.02 -16.75 -19.86
C GLN E 369 42.53 -16.95 -20.13
N ILE E 370 41.66 -16.33 -19.35
CA ILE E 370 40.22 -16.47 -19.61
C ILE E 370 39.87 -15.87 -20.97
N LEU E 371 40.48 -14.74 -21.31
CA LEU E 371 40.22 -14.14 -22.61
C LEU E 371 40.66 -15.07 -23.73
N ARG E 372 41.81 -15.73 -23.56
CA ARG E 372 42.28 -16.68 -24.55
C ARG E 372 41.30 -17.85 -24.70
N ILE E 373 40.81 -18.37 -23.57
CA ILE E 373 39.86 -19.48 -23.62
C ILE E 373 38.59 -19.07 -24.35
N ARG E 374 38.07 -17.89 -24.05
CA ARG E 374 36.85 -17.44 -24.69
C ARG E 374 37.05 -17.20 -26.18
N CYS E 375 38.20 -16.61 -26.56
CA CYS E 375 38.49 -16.41 -27.98
C CYS E 375 38.55 -17.75 -28.71
N GLU E 376 39.19 -18.75 -28.09
CA GLU E 376 39.25 -20.07 -28.70
C GLU E 376 37.84 -20.66 -28.83
N GLU E 377 36.99 -20.45 -27.82
CA GLU E 377 35.65 -21.01 -27.85
C GLU E 377 34.76 -20.34 -28.88
N GLU E 378 35.03 -19.06 -29.20
CA GLU E 378 34.18 -18.31 -30.11
C GLU E 378 34.73 -18.23 -31.53
N ASP E 379 35.72 -19.07 -31.86
CA ASP E 379 36.30 -19.12 -33.20
C ASP E 379 36.86 -17.75 -33.62
N VAL E 380 37.48 -17.06 -32.67
CA VAL E 380 38.07 -15.75 -32.92
C VAL E 380 39.59 -15.86 -32.81
N GLU E 381 40.27 -15.27 -33.78
CA GLU E 381 41.72 -15.23 -33.81
C GLU E 381 42.18 -13.83 -33.39
N MET E 382 43.24 -13.78 -32.59
CA MET E 382 43.62 -12.54 -31.93
C MET E 382 45.13 -12.48 -31.80
N SER E 383 45.66 -11.27 -31.71
CA SER E 383 47.10 -11.04 -31.61
C SER E 383 47.51 -10.79 -30.17
N GLU E 384 48.82 -10.80 -29.95
CA GLU E 384 49.35 -10.69 -28.59
C GLU E 384 49.14 -9.30 -28.00
N ASP E 385 49.49 -8.25 -28.77
CA ASP E 385 49.31 -6.90 -28.26
C ASP E 385 47.83 -6.55 -28.10
N ALA E 386 46.99 -7.03 -29.02
CA ALA E 386 45.55 -6.85 -28.85
C ALA E 386 45.06 -7.60 -27.62
N TYR E 387 45.62 -8.77 -27.35
CA TYR E 387 45.28 -9.50 -26.12
C TYR E 387 45.65 -8.69 -24.90
N THR E 388 46.83 -8.07 -24.89
CA THR E 388 47.23 -7.25 -23.75
C THR E 388 46.30 -6.06 -23.58
N VAL E 389 45.92 -5.41 -24.68
CA VAL E 389 45.02 -4.27 -24.61
C VAL E 389 43.66 -4.70 -24.08
N LEU E 390 43.15 -5.83 -24.55
CA LEU E 390 41.86 -6.33 -24.07
C LEU E 390 41.92 -6.68 -22.59
N THR E 391 43.02 -7.28 -22.14
CA THR E 391 43.18 -7.61 -20.73
C THR E 391 43.21 -6.34 -19.88
N ARG E 392 43.93 -5.31 -20.35
CA ARG E 392 43.94 -4.04 -19.64
C ARG E 392 42.53 -3.44 -19.55
N ILE E 393 41.79 -3.51 -20.65
CA ILE E 393 40.41 -2.99 -20.66
C ILE E 393 39.55 -3.77 -19.67
N GLY E 394 39.69 -5.09 -19.67
CA GLY E 394 38.88 -5.91 -18.78
C GLY E 394 39.16 -5.64 -17.31
N LEU E 395 40.44 -5.49 -16.96
CA LEU E 395 40.78 -5.17 -15.57
C LEU E 395 40.38 -3.76 -15.20
N GLU E 396 40.46 -2.81 -16.13
CA GLU E 396 40.08 -1.44 -15.83
C GLU E 396 38.59 -1.34 -15.50
N THR E 397 37.74 -1.99 -16.29
CA THR E 397 36.30 -1.82 -16.16
C THR E 397 35.57 -3.09 -15.73
N SER E 398 35.69 -4.18 -16.49
CA SER E 398 34.94 -5.40 -16.20
C SER E 398 35.37 -6.54 -17.12
N LEU E 399 35.32 -7.78 -16.62
CA LEU E 399 35.61 -8.92 -17.48
C LEU E 399 34.45 -9.26 -18.41
N ARG E 400 33.21 -9.06 -17.94
CA ARG E 400 32.06 -9.35 -18.79
C ARG E 400 31.99 -8.40 -19.98
N TYR E 401 32.33 -7.12 -19.77
CA TYR E 401 32.40 -6.19 -20.90
C TYR E 401 33.49 -6.59 -21.88
N ALA E 402 34.64 -7.07 -21.38
CA ALA E 402 35.69 -7.56 -22.25
C ALA E 402 35.22 -8.75 -23.06
N ILE E 403 34.45 -9.65 -22.44
CA ILE E 403 33.91 -10.79 -23.18
C ILE E 403 32.91 -10.31 -24.22
N GLN E 404 32.11 -9.31 -23.89
CA GLN E 404 31.14 -8.77 -24.83
C GLN E 404 31.82 -8.18 -26.06
N LEU E 405 32.95 -7.49 -25.86
CA LEU E 405 33.63 -6.82 -26.96
C LEU E 405 34.13 -7.80 -28.02
N ILE E 406 34.22 -9.09 -27.70
CA ILE E 406 34.87 -10.06 -28.59
C ILE E 406 34.12 -10.19 -29.89
N THR E 407 32.80 -10.41 -29.82
CA THR E 407 32.01 -10.62 -31.03
C THR E 407 31.97 -9.36 -31.89
N ALA E 408 31.84 -8.19 -31.25
CA ALA E 408 31.84 -6.94 -32.01
C ALA E 408 33.18 -6.73 -32.72
N ALA E 409 34.28 -7.01 -32.04
CA ALA E 409 35.59 -6.88 -32.68
C ALA E 409 35.73 -7.87 -33.83
N SER E 410 35.24 -9.10 -33.65
CA SER E 410 35.32 -10.09 -34.71
C SER E 410 34.52 -9.64 -35.93
N LEU E 411 33.33 -9.09 -35.72
CA LEU E 411 32.53 -8.62 -36.85
C LEU E 411 33.15 -7.43 -37.53
N VAL E 412 33.71 -6.48 -36.76
CA VAL E 412 34.34 -5.32 -37.39
C VAL E 412 35.56 -5.74 -38.17
N CYS E 413 36.26 -6.79 -37.71
CA CYS E 413 37.39 -7.31 -38.48
C CYS E 413 36.93 -8.07 -39.72
N ARG E 414 35.85 -8.85 -39.61
CA ARG E 414 35.33 -9.57 -40.76
C ARG E 414 34.88 -8.61 -41.86
N LYS E 415 34.45 -7.42 -41.48
CA LYS E 415 33.90 -6.48 -42.46
C LYS E 415 34.99 -5.95 -43.38
N ARG E 416 36.19 -5.71 -42.85
CA ARG E 416 37.32 -5.25 -43.63
C ARG E 416 38.09 -6.38 -44.30
N LYS E 417 37.48 -7.56 -44.43
CA LYS E 417 38.10 -8.73 -45.05
C LYS E 417 39.42 -9.09 -44.37
N GLY E 418 39.40 -9.10 -43.03
CA GLY E 418 40.54 -9.49 -42.23
C GLY E 418 40.25 -10.79 -41.51
N THR E 419 41.32 -11.53 -41.19
CA THR E 419 41.19 -12.81 -40.49
C THR E 419 41.58 -12.72 -39.02
N GLU E 420 42.62 -11.98 -38.69
CA GLU E 420 43.08 -11.82 -37.32
C GLU E 420 42.62 -10.47 -36.79
N VAL E 421 41.88 -10.49 -35.68
CA VAL E 421 41.44 -9.26 -35.05
C VAL E 421 42.66 -8.51 -34.52
N GLN E 422 42.78 -7.24 -34.87
CA GLN E 422 43.94 -6.44 -34.52
C GLN E 422 43.60 -5.49 -33.38
N VAL E 423 44.62 -4.75 -32.92
CA VAL E 423 44.41 -3.79 -31.85
C VAL E 423 43.54 -2.64 -32.30
N ASP E 424 43.62 -2.25 -33.58
CA ASP E 424 42.79 -1.16 -34.08
C ASP E 424 41.32 -1.54 -34.05
N ASP E 425 40.99 -2.79 -34.39
CA ASP E 425 39.61 -3.24 -34.30
C ASP E 425 39.11 -3.20 -32.87
N ILE E 426 39.94 -3.62 -31.92
CA ILE E 426 39.56 -3.58 -30.50
C ILE E 426 39.31 -2.15 -30.07
N LYS E 427 40.19 -1.22 -30.45
CA LYS E 427 39.98 0.18 -30.08
C LYS E 427 38.72 0.74 -30.73
N ARG E 428 38.42 0.35 -31.96
CA ARG E 428 37.19 0.81 -32.60
C ARG E 428 35.97 0.34 -31.85
N VAL E 429 35.90 -0.95 -31.52
CA VAL E 429 34.71 -1.43 -30.82
C VAL E 429 34.67 -0.94 -29.39
N TYR E 430 35.83 -0.57 -28.82
CA TYR E 430 35.88 0.08 -27.52
C TYR E 430 35.33 1.48 -27.56
N SER E 431 35.56 2.21 -28.66
CA SER E 431 34.95 3.51 -28.87
C SER E 431 33.46 3.44 -29.18
N LEU E 432 33.02 2.41 -29.91
CA LEU E 432 31.61 2.31 -30.28
C LEU E 432 30.75 2.02 -29.06
N PHE E 433 30.97 0.87 -28.41
CA PHE E 433 30.16 0.43 -27.29
C PHE E 433 30.84 0.79 -25.98
N LEU E 434 30.09 1.38 -25.06
CA LEU E 434 30.62 1.72 -23.76
C LEU E 434 30.21 0.68 -22.72
N ASP E 435 30.83 0.78 -21.56
CA ASP E 435 30.53 -0.04 -20.39
C ASP E 435 29.66 0.75 -19.42
N GLU E 436 29.43 0.15 -18.25
CA GLU E 436 28.51 0.75 -17.29
C GLU E 436 29.09 2.06 -16.74
N SER E 437 30.34 2.01 -16.27
CA SER E 437 30.92 3.15 -15.58
C SER E 437 31.07 4.35 -16.51
N ARG E 438 31.52 4.12 -17.74
CA ARG E 438 31.75 5.22 -18.67
C ARG E 438 30.45 5.93 -19.02
N SER E 439 29.42 5.17 -19.38
CA SER E 439 28.14 5.79 -19.71
C SER E 439 27.56 6.51 -18.51
N THR E 440 27.62 5.89 -17.34
CA THR E 440 27.07 6.52 -16.14
C THR E 440 27.81 7.81 -15.84
N GLN E 441 29.15 7.81 -15.92
CA GLN E 441 29.92 9.01 -15.63
C GLN E 441 29.64 10.11 -16.64
N TYR E 442 29.70 9.78 -17.94
CA TYR E 442 29.47 10.80 -18.97
C TYR E 442 28.08 11.43 -18.81
N MET E 443 27.05 10.59 -18.73
CA MET E 443 25.69 11.08 -18.74
C MET E 443 25.26 11.66 -17.38
N LYS E 444 25.93 11.28 -16.29
CA LYS E 444 25.74 11.96 -15.01
C LYS E 444 26.38 13.34 -15.02
N GLU E 445 27.55 13.48 -15.66
CA GLU E 445 28.12 14.80 -15.88
C GLU E 445 27.17 15.66 -16.68
N TYR E 446 26.49 15.06 -17.67
CA TYR E 446 25.42 15.79 -18.36
C TYR E 446 24.31 16.18 -17.40
N GLN E 447 23.92 15.27 -16.51
CA GLN E 447 22.78 15.50 -15.62
C GLN E 447 23.09 16.41 -14.44
N ASP E 448 24.30 16.98 -14.36
CA ASP E 448 24.64 17.90 -13.28
C ASP E 448 23.92 19.23 -13.42
N ALA E 449 23.48 19.56 -14.63
CA ALA E 449 22.76 20.80 -14.93
C ALA E 449 23.54 22.04 -14.48
N VAL F 10 -33.58 -20.82 22.16
CA VAL F 10 -32.13 -20.71 22.25
C VAL F 10 -31.67 -21.20 23.63
N PRO F 11 -30.49 -21.79 23.69
CA PRO F 11 -29.98 -22.34 24.95
C PRO F 11 -29.33 -21.27 25.82
N GLU F 12 -29.37 -21.53 27.13
CA GLU F 12 -28.78 -20.64 28.12
C GLU F 12 -27.83 -21.44 29.00
N ILE F 13 -27.38 -20.84 30.11
CA ILE F 13 -26.49 -21.51 31.05
C ILE F 13 -27.15 -22.78 31.59
N ARG F 18 -11.49 -13.47 32.28
CA ARG F 18 -10.06 -13.32 32.02
C ARG F 18 -9.32 -12.86 33.27
N ILE F 19 -9.68 -11.67 33.75
CA ILE F 19 -9.00 -11.10 34.90
C ILE F 19 -9.24 -11.93 36.16
N GLU F 20 -10.44 -12.49 36.31
CA GLU F 20 -10.72 -13.36 37.45
C GLU F 20 -10.01 -14.70 37.34
N ARG F 21 -9.89 -15.23 36.13
CA ARG F 21 -9.33 -16.58 35.95
C ARG F 21 -7.84 -16.59 36.25
N ILE F 22 -7.09 -15.62 35.70
CA ILE F 22 -5.66 -15.57 35.98
C ILE F 22 -5.42 -15.04 37.39
N GLY F 23 -6.25 -14.10 37.84
CA GLY F 23 -6.07 -13.50 39.14
C GLY F 23 -5.54 -12.09 39.09
N ALA F 24 -4.73 -11.72 40.08
CA ALA F 24 -4.06 -10.43 40.19
C ALA F 24 -5.04 -9.28 40.44
N HIS F 25 -6.34 -9.58 40.43
CA HIS F 25 -7.35 -8.59 40.77
C HIS F 25 -8.49 -9.18 41.59
N SER F 26 -8.29 -10.36 42.18
CA SER F 26 -9.34 -11.02 42.94
C SER F 26 -9.56 -10.41 44.31
N HIS F 27 -8.55 -9.69 44.84
CA HIS F 27 -8.67 -9.12 46.18
C HIS F 27 -9.45 -7.81 46.21
N ILE F 28 -9.69 -7.19 45.05
CA ILE F 28 -10.33 -5.89 45.00
C ILE F 28 -11.84 -6.10 44.90
N ARG F 29 -12.54 -5.97 46.03
CA ARG F 29 -13.99 -6.02 46.07
C ARG F 29 -14.54 -4.59 46.13
N GLY F 30 -14.36 -3.86 45.04
CA GLY F 30 -14.85 -2.51 44.93
C GLY F 30 -13.83 -1.49 45.38
N LEU F 31 -14.18 -0.21 45.18
CA LEU F 31 -13.27 0.88 45.52
C LEU F 31 -13.14 1.03 47.02
N GLY F 32 -14.23 0.85 47.76
CA GLY F 32 -14.21 0.93 49.21
C GLY F 32 -14.14 2.33 49.78
N LEU F 33 -14.29 3.37 48.95
CA LEU F 33 -14.24 4.73 49.45
C LEU F 33 -15.40 4.98 50.43
N ASP F 34 -16.63 4.86 49.95
CA ASP F 34 -17.84 5.05 50.75
C ASP F 34 -17.79 6.34 51.57
N ASP F 35 -18.49 6.35 52.72
CA ASP F 35 -18.63 7.53 53.55
C ASP F 35 -19.03 8.75 52.73
N ALA F 36 -19.99 8.56 51.81
CA ALA F 36 -20.45 9.62 50.92
C ALA F 36 -19.29 10.26 50.16
N LEU F 37 -18.63 9.43 49.35
CA LEU F 37 -17.54 9.85 48.47
C LEU F 37 -16.38 10.43 49.27
N GLU F 38 -15.81 9.59 50.13
CA GLU F 38 -14.62 9.93 50.92
C GLU F 38 -13.71 8.72 50.97
N PRO F 39 -12.56 8.77 50.31
CA PRO F 39 -11.72 7.56 50.20
C PRO F 39 -11.23 7.08 51.56
N ARG F 40 -11.37 5.77 51.78
CA ARG F 40 -10.89 5.13 53.00
C ARG F 40 -9.55 4.46 52.71
N GLN F 41 -8.58 4.67 53.60
CA GLN F 41 -7.22 4.21 53.33
C GLN F 41 -7.14 2.69 53.18
N ALA F 42 -7.83 1.96 54.04
CA ALA F 42 -7.83 0.50 53.98
C ALA F 42 -8.87 0.00 53.00
N SER F 43 -10.13 0.35 53.22
CA SER F 43 -11.25 0.13 52.30
C SER F 43 -11.36 -1.36 51.97
N GLN F 44 -11.95 -1.68 50.80
CA GLN F 44 -12.19 -3.05 50.39
C GLN F 44 -11.10 -3.46 49.40
N GLY F 45 -9.93 -3.77 49.94
CA GLY F 45 -8.79 -4.23 49.15
C GLY F 45 -7.95 -3.14 48.53
N MET F 46 -8.57 -2.05 48.11
CA MET F 46 -7.83 -0.96 47.48
C MET F 46 -6.90 -0.30 48.48
N VAL F 47 -5.70 0.06 48.02
CA VAL F 47 -4.67 0.65 48.86
C VAL F 47 -4.19 1.94 48.22
N GLY F 48 -4.38 3.05 48.92
CA GLY F 48 -3.88 4.33 48.44
C GLY F 48 -4.61 4.84 47.22
N GLN F 49 -3.98 5.83 46.58
CA GLN F 49 -4.51 6.48 45.38
C GLN F 49 -5.92 7.00 45.62
N LEU F 50 -6.01 7.94 46.57
CA LEU F 50 -7.31 8.44 47.02
C LEU F 50 -7.97 9.31 45.95
N ALA F 51 -7.19 10.11 45.23
CA ALA F 51 -7.77 11.04 44.25
C ALA F 51 -8.44 10.30 43.11
N ALA F 52 -7.74 9.31 42.53
CA ALA F 52 -8.33 8.54 41.45
C ALA F 52 -9.56 7.77 41.91
N ARG F 53 -9.51 7.23 43.12
CA ARG F 53 -10.67 6.52 43.66
C ARG F 53 -11.86 7.45 43.85
N ARG F 54 -11.62 8.67 44.33
CA ARG F 54 -12.70 9.63 44.49
C ARG F 54 -13.31 10.02 43.15
N ALA F 55 -12.45 10.27 42.14
CA ALA F 55 -12.96 10.57 40.81
C ALA F 55 -13.77 9.41 40.25
N ALA F 56 -13.30 8.19 40.47
CA ALA F 56 -14.06 7.02 40.05
C ALA F 56 -15.41 6.97 40.75
N GLY F 57 -15.45 7.26 42.04
CA GLY F 57 -16.71 7.29 42.76
C GLY F 57 -17.67 8.31 42.20
N VAL F 58 -17.15 9.49 41.81
CA VAL F 58 -17.97 10.47 41.12
C VAL F 58 -18.53 9.87 39.83
N VAL F 59 -17.71 9.08 39.14
CA VAL F 59 -18.18 8.44 37.91
C VAL F 59 -19.32 7.46 38.19
N LEU F 60 -19.19 6.70 39.28
CA LEU F 60 -20.28 5.77 39.66
C LEU F 60 -21.54 6.59 39.92
N GLU F 61 -21.40 7.69 40.67
CA GLU F 61 -22.56 8.54 40.96
C GLU F 61 -23.21 9.00 39.67
N MET F 62 -22.40 9.39 38.68
CA MET F 62 -22.92 9.75 37.37
C MET F 62 -23.72 8.61 36.76
N ILE F 63 -23.13 7.41 36.76
CA ILE F 63 -23.77 6.26 36.12
C ILE F 63 -25.09 5.93 36.80
N ARG F 64 -25.11 5.94 38.14
CA ARG F 64 -26.33 5.63 38.87
C ARG F 64 -27.40 6.68 38.60
N GLU F 65 -27.02 7.96 38.57
CA GLU F 65 -28.01 9.00 38.32
C GLU F 65 -28.45 9.04 36.86
N GLY F 66 -27.63 8.53 35.95
CA GLY F 66 -27.95 8.51 34.54
C GLY F 66 -27.40 9.66 33.74
N LYS F 67 -26.27 10.24 34.13
CA LYS F 67 -25.69 11.39 33.45
C LYS F 67 -24.39 11.03 32.71
N ILE F 68 -24.21 9.76 32.36
CA ILE F 68 -23.01 9.33 31.64
C ILE F 68 -23.28 9.02 30.18
N ALA F 69 -24.53 9.02 29.74
CA ALA F 69 -24.86 8.70 28.37
C ALA F 69 -24.15 9.66 27.41
N GLY F 70 -23.39 9.09 26.48
CA GLY F 70 -22.64 9.87 25.52
C GLY F 70 -21.21 10.17 25.92
N ARG F 71 -20.84 9.94 27.17
CA ARG F 71 -19.50 10.21 27.65
C ARG F 71 -18.78 8.89 27.94
N ALA F 72 -17.50 9.01 28.32
CA ALA F 72 -16.68 7.84 28.62
C ALA F 72 -15.56 8.28 29.55
N VAL F 73 -14.90 7.30 30.16
CA VAL F 73 -13.87 7.56 31.16
C VAL F 73 -12.52 7.15 30.59
N LEU F 74 -11.49 7.93 30.92
CA LEU F 74 -10.12 7.64 30.55
C LEU F 74 -9.24 7.69 31.80
N ILE F 75 -8.27 6.78 31.87
CA ILE F 75 -7.36 6.68 33.00
C ILE F 75 -5.93 6.73 32.47
N ALA F 76 -5.17 7.71 32.92
CA ALA F 76 -3.76 7.86 32.55
C ALA F 76 -2.88 7.50 33.73
N GLY F 77 -1.58 7.45 33.48
CA GLY F 77 -0.61 7.17 34.51
C GLY F 77 0.47 6.22 33.99
N GLN F 78 1.55 6.15 34.75
CA GLN F 78 2.63 5.22 34.43
C GLN F 78 2.15 3.78 34.62
N PRO F 79 2.75 2.83 33.91
CA PRO F 79 2.32 1.43 34.08
C PRO F 79 2.61 0.93 35.48
N GLY F 80 1.75 0.03 35.96
CA GLY F 80 1.89 -0.50 37.30
C GLY F 80 1.33 0.38 38.39
N THR F 81 0.36 1.24 38.08
CA THR F 81 -0.25 2.11 39.07
C THR F 81 -1.69 1.74 39.42
N GLY F 82 -2.31 0.83 38.68
CA GLY F 82 -3.59 0.30 39.09
C GLY F 82 -4.79 0.76 38.28
N LYS F 83 -4.60 1.04 36.99
CA LYS F 83 -5.72 1.41 36.14
C LYS F 83 -6.74 0.29 36.06
N THR F 84 -6.27 -0.94 35.84
CA THR F 84 -7.17 -2.09 35.86
C THR F 84 -7.79 -2.28 37.23
N ALA F 85 -7.05 -1.92 38.29
CA ALA F 85 -7.61 -2.00 39.63
C ALA F 85 -8.78 -1.05 39.78
N ILE F 86 -8.64 0.19 39.29
CA ILE F 86 -9.74 1.16 39.37
C ILE F 86 -10.92 0.68 38.54
N ALA F 87 -10.66 0.15 37.34
CA ALA F 87 -11.74 -0.34 36.50
C ALA F 87 -12.49 -1.48 37.18
N MET F 88 -11.77 -2.43 37.77
CA MET F 88 -12.42 -3.53 38.47
C MET F 88 -13.19 -3.03 39.69
N GLY F 89 -12.64 -2.02 40.38
CA GLY F 89 -13.34 -1.46 41.52
C GLY F 89 -14.66 -0.81 41.12
N MET F 90 -14.66 -0.06 40.02
CA MET F 90 -15.91 0.55 39.59
C MET F 90 -16.89 -0.51 39.07
N ALA F 91 -16.37 -1.58 38.46
CA ALA F 91 -17.22 -2.67 38.04
C ALA F 91 -17.91 -3.31 39.24
N GLN F 92 -17.14 -3.56 40.31
CA GLN F 92 -17.72 -4.18 41.50
C GLN F 92 -18.69 -3.23 42.20
N ALA F 93 -18.37 -1.93 42.22
CA ALA F 93 -19.22 -0.97 42.91
C ALA F 93 -20.55 -0.76 42.20
N LEU F 94 -20.63 -1.01 40.90
CA LEU F 94 -21.87 -0.83 40.16
C LEU F 94 -22.91 -1.91 40.46
N GLY F 95 -22.53 -2.98 41.15
CA GLY F 95 -23.45 -4.04 41.46
C GLY F 95 -22.72 -5.35 41.70
N PRO F 96 -23.44 -6.35 42.20
CA PRO F 96 -22.79 -7.61 42.57
C PRO F 96 -22.40 -8.47 41.37
N ASP F 97 -23.17 -8.41 40.29
CA ASP F 97 -22.93 -9.26 39.12
C ASP F 97 -22.95 -8.43 37.84
N THR F 98 -22.23 -7.32 37.83
CA THR F 98 -22.13 -6.54 36.61
C THR F 98 -21.02 -7.10 35.72
N PRO F 99 -21.22 -7.17 34.41
CA PRO F 99 -20.15 -7.64 33.53
C PRO F 99 -18.97 -6.69 33.53
N PHE F 100 -17.79 -7.23 33.29
CA PHE F 100 -16.57 -6.43 33.20
C PHE F 100 -15.64 -7.09 32.18
N THR F 101 -15.49 -6.45 31.04
CA THR F 101 -14.53 -6.89 30.03
C THR F 101 -13.28 -6.03 30.12
N ALA F 102 -12.12 -6.65 29.88
CA ALA F 102 -10.83 -6.03 30.15
C ALA F 102 -9.87 -6.21 28.98
N ILE F 103 -10.31 -5.86 27.77
CA ILE F 103 -9.49 -6.12 26.59
C ILE F 103 -8.34 -5.14 26.51
N ALA F 104 -7.36 -5.46 25.67
CA ALA F 104 -6.24 -4.57 25.38
C ALA F 104 -6.44 -3.93 24.01
N GLY F 105 -5.56 -2.98 23.69
CA GLY F 105 -5.64 -2.32 22.40
C GLY F 105 -5.08 -3.15 21.28
N SER F 106 -4.30 -4.19 21.61
CA SER F 106 -3.68 -5.03 20.59
C SER F 106 -4.52 -6.25 20.23
N GLU F 107 -5.59 -6.54 20.97
CA GLU F 107 -6.40 -7.72 20.73
C GLU F 107 -7.49 -7.49 19.70
N ILE F 108 -7.56 -6.29 19.10
CA ILE F 108 -8.47 -6.07 17.99
C ILE F 108 -7.79 -6.31 16.64
N PHE F 109 -6.50 -6.61 16.63
CA PHE F 109 -5.79 -7.07 15.44
C PHE F 109 -5.69 -8.58 15.53
N SER F 110 -6.70 -9.29 15.02
CA SER F 110 -6.75 -10.73 15.07
C SER F 110 -6.82 -11.29 13.66
N LEU F 111 -6.19 -12.46 13.48
CA LEU F 111 -6.16 -13.09 12.15
C LEU F 111 -7.57 -13.43 11.68
N GLU F 112 -8.40 -13.95 12.58
CA GLU F 112 -9.73 -14.41 12.20
C GLU F 112 -10.71 -13.25 12.12
N MET F 113 -10.87 -12.50 13.20
CA MET F 113 -11.88 -11.46 13.28
C MET F 113 -11.31 -10.12 12.87
N SER F 114 -12.05 -9.41 12.01
CA SER F 114 -11.70 -8.03 11.71
C SER F 114 -11.99 -7.15 12.92
N LYS F 115 -11.50 -5.92 12.87
CA LYS F 115 -11.63 -5.01 14.01
C LYS F 115 -13.10 -4.80 14.38
N THR F 116 -13.98 -4.77 13.38
CA THR F 116 -15.41 -4.64 13.66
C THR F 116 -15.91 -5.81 14.49
N GLU F 117 -15.59 -7.03 14.07
CA GLU F 117 -16.07 -8.20 14.81
C GLU F 117 -15.49 -8.26 16.20
N ALA F 118 -14.20 -7.97 16.35
CA ALA F 118 -13.57 -8.02 17.67
C ALA F 118 -14.18 -6.99 18.61
N LEU F 119 -14.37 -5.76 18.12
CA LEU F 119 -14.92 -4.72 18.99
C LEU F 119 -16.39 -4.99 19.31
N THR F 120 -17.15 -5.53 18.35
CA THR F 120 -18.53 -5.90 18.63
C THR F 120 -18.59 -7.01 19.68
N GLN F 121 -17.71 -8.00 19.57
CA GLN F 121 -17.68 -9.06 20.57
C GLN F 121 -17.34 -8.50 21.94
N ALA F 122 -16.37 -7.58 22.01
CA ALA F 122 -16.03 -6.96 23.28
C ALA F 122 -17.23 -6.21 23.86
N PHE F 123 -17.96 -5.48 23.01
CA PHE F 123 -19.12 -4.74 23.50
C PHE F 123 -20.21 -5.67 24.02
N ARG F 124 -20.52 -6.73 23.27
CA ARG F 124 -21.55 -7.65 23.73
C ARG F 124 -21.10 -8.50 24.92
N ARG F 125 -19.80 -8.56 25.20
CA ARG F 125 -19.33 -9.16 26.43
C ARG F 125 -19.44 -8.22 27.63
N SER F 126 -20.09 -7.06 27.46
CA SER F 126 -20.27 -6.11 28.56
C SER F 126 -21.74 -5.69 28.71
N ILE F 127 -22.67 -6.45 28.15
CA ILE F 127 -24.10 -6.19 28.31
C ILE F 127 -24.71 -7.45 28.91
N GLY F 128 -24.82 -7.48 30.24
CA GLY F 128 -25.28 -8.68 30.90
C GLY F 128 -26.79 -8.78 30.90
N VAL F 129 -27.28 -10.01 31.08
CA VAL F 129 -28.70 -10.28 31.25
C VAL F 129 -28.88 -11.11 32.50
N ARG F 130 -29.83 -10.68 33.34
CA ARG F 130 -30.21 -11.37 34.56
C ARG F 130 -31.50 -12.14 34.33
N ILE F 131 -31.49 -13.42 34.73
CA ILE F 131 -32.64 -14.30 34.57
C ILE F 131 -32.98 -14.88 35.94
N LYS F 132 -34.27 -14.86 36.28
CA LYS F 132 -34.75 -15.41 37.53
C LYS F 132 -35.50 -16.72 37.28
N VAL F 239 -31.25 -16.29 40.55
CA VAL F 239 -30.62 -15.24 39.78
C VAL F 239 -29.38 -15.75 39.05
N HIS F 240 -29.40 -15.65 37.73
CA HIS F 240 -28.24 -15.98 36.91
C HIS F 240 -27.93 -14.80 36.00
N THR F 241 -26.69 -14.34 36.03
CA THR F 241 -26.24 -13.22 35.20
C THR F 241 -25.27 -13.77 34.17
N VAL F 242 -25.60 -13.57 32.89
CA VAL F 242 -24.77 -14.09 31.80
C VAL F 242 -24.53 -12.98 30.78
N SER F 243 -23.35 -12.98 30.19
CA SER F 243 -23.03 -12.00 29.17
C SER F 243 -23.80 -12.31 27.88
N LEU F 244 -24.14 -11.25 27.15
CA LEU F 244 -24.90 -11.43 25.92
C LEU F 244 -24.09 -12.19 24.89
N HIS F 245 -22.80 -11.88 24.77
CA HIS F 245 -21.94 -12.62 23.85
C HIS F 245 -21.77 -14.07 24.28
N GLU F 246 -21.82 -14.33 25.59
CA GLU F 246 -21.82 -15.71 26.06
C GLU F 246 -23.08 -16.44 25.60
N ILE F 247 -24.24 -15.77 25.66
CA ILE F 247 -25.46 -16.35 25.12
C ILE F 247 -25.30 -16.61 23.63
N ASP F 248 -24.65 -15.69 22.92
CA ASP F 248 -24.43 -15.86 21.48
C ASP F 248 -23.58 -17.10 21.23
N VAL F 249 -22.49 -17.26 21.98
CA VAL F 249 -21.57 -18.37 21.74
C VAL F 249 -22.23 -19.70 22.15
N ILE F 250 -23.13 -19.67 23.14
CA ILE F 250 -23.88 -20.87 23.47
C ILE F 250 -24.77 -21.28 22.31
N ASN F 251 -25.44 -20.32 21.69
CA ASN F 251 -26.24 -20.59 20.49
C ASN F 251 -25.35 -20.49 19.26
N SER F 252 -24.30 -21.32 19.23
CA SER F 252 -23.45 -21.45 18.05
C SER F 252 -22.78 -22.82 18.14
N ARG F 253 -23.35 -23.81 17.46
CA ARG F 253 -22.90 -25.20 17.47
C ARG F 253 -22.17 -25.63 18.74
N GLY F 256 -14.86 -29.94 21.56
CA GLY F 256 -13.92 -31.02 21.30
C GLY F 256 -12.73 -31.01 22.23
N PHE F 257 -12.90 -30.34 23.38
CA PHE F 257 -11.89 -30.25 24.45
C PHE F 257 -10.75 -29.33 24.04
N LEU F 258 -10.73 -28.92 22.77
CA LEU F 258 -9.74 -27.96 22.30
C LEU F 258 -10.34 -27.01 21.27
N ALA F 259 -11.65 -26.74 21.36
CA ALA F 259 -12.32 -25.89 20.37
C ALA F 259 -11.75 -24.47 20.35
N LEU F 260 -11.04 -24.06 21.40
CA LEU F 260 -10.35 -22.78 21.36
C LEU F 260 -9.30 -22.74 20.25
N PHE F 261 -8.86 -23.90 19.77
CA PHE F 261 -8.03 -23.99 18.58
C PHE F 261 -8.89 -24.09 17.33
N SER F 262 -9.70 -25.15 17.24
CA SER F 262 -10.62 -25.39 16.14
C SER F 262 -9.97 -25.25 14.77
N GLY F 266 -13.53 -17.67 15.33
CA GLY F 266 -14.47 -16.59 15.56
C GLY F 266 -15.55 -16.49 14.50
N GLU F 267 -15.91 -15.26 14.14
CA GLU F 267 -16.94 -14.97 13.14
C GLU F 267 -18.25 -15.70 13.50
N ILE F 268 -18.80 -15.30 14.65
CA ILE F 268 -19.96 -16.01 15.21
C ILE F 268 -21.20 -15.40 14.56
N LYS F 269 -21.47 -15.85 13.33
CA LYS F 269 -22.70 -15.56 12.60
C LYS F 269 -22.96 -14.08 12.39
N SER F 270 -24.05 -13.77 11.66
CA SER F 270 -24.47 -12.39 11.47
C SER F 270 -25.96 -12.26 11.71
N GLU F 271 -26.69 -13.37 11.52
CA GLU F 271 -28.14 -13.39 11.74
C GLU F 271 -28.50 -13.93 13.10
N VAL F 272 -27.67 -14.81 13.67
CA VAL F 272 -27.94 -15.33 15.00
C VAL F 272 -27.96 -14.22 16.03
N ARG F 273 -27.06 -13.23 15.88
CA ARG F 273 -27.05 -12.11 16.80
C ARG F 273 -28.34 -11.29 16.70
N GLU F 274 -28.87 -11.11 15.49
CA GLU F 274 -30.14 -10.42 15.32
C GLU F 274 -31.28 -11.21 15.98
N GLN F 275 -31.29 -12.53 15.78
CA GLN F 275 -32.32 -13.35 16.40
C GLN F 275 -32.25 -13.27 17.92
N ILE F 276 -31.03 -13.31 18.47
CA ILE F 276 -30.87 -13.21 19.92
C ILE F 276 -31.26 -11.83 20.42
N ASN F 277 -30.99 -10.77 19.66
CA ASN F 277 -31.42 -9.44 20.07
C ASN F 277 -32.94 -9.35 20.11
N ALA F 278 -33.62 -9.93 19.11
CA ALA F 278 -35.08 -9.95 19.12
C ALA F 278 -35.61 -10.74 20.31
N LYS F 279 -34.99 -11.89 20.60
CA LYS F 279 -35.44 -12.70 21.73
C LYS F 279 -35.18 -11.99 23.06
N VAL F 280 -34.10 -11.21 23.13
CA VAL F 280 -33.83 -10.43 24.33
C VAL F 280 -34.86 -9.32 24.48
N ALA F 281 -35.27 -8.72 23.37
CA ALA F 281 -36.36 -7.75 23.42
C ALA F 281 -37.63 -8.39 23.96
N GLU F 282 -37.94 -9.60 23.50
CA GLU F 282 -39.12 -10.31 24.00
C GLU F 282 -38.97 -10.61 25.50
N TRP F 283 -37.78 -11.06 25.91
CA TRP F 283 -37.53 -11.38 27.31
C TRP F 283 -37.61 -10.15 28.20
N ARG F 284 -37.31 -8.98 27.64
CA ARG F 284 -37.54 -7.74 28.37
C ARG F 284 -39.03 -7.40 28.41
N GLU F 285 -39.76 -7.68 27.33
CA GLU F 285 -41.17 -7.32 27.28
C GLU F 285 -41.99 -8.12 28.29
N GLU F 286 -41.86 -9.44 28.31
CA GLU F 286 -42.76 -10.19 29.17
C GLU F 286 -42.26 -10.32 30.60
N GLY F 287 -41.04 -9.86 30.88
CA GLY F 287 -40.53 -9.77 32.23
C GLY F 287 -39.67 -10.92 32.72
N LYS F 288 -39.12 -11.75 31.83
CA LYS F 288 -38.28 -12.87 32.25
C LYS F 288 -36.81 -12.51 32.34
N ALA F 289 -36.40 -11.34 31.87
CA ALA F 289 -34.99 -10.98 31.87
C ALA F 289 -34.83 -9.51 32.20
N GLU F 290 -33.65 -9.16 32.71
CA GLU F 290 -33.30 -7.78 33.03
C GLU F 290 -31.96 -7.44 32.38
N ILE F 291 -31.85 -6.23 31.86
CA ILE F 291 -30.65 -5.79 31.16
C ILE F 291 -29.73 -5.07 32.15
N ILE F 292 -28.46 -5.45 32.16
CA ILE F 292 -27.47 -4.86 33.05
C ILE F 292 -26.35 -4.25 32.22
N PRO F 293 -26.21 -2.93 32.18
CA PRO F 293 -25.08 -2.31 31.48
C PRO F 293 -23.80 -2.51 32.28
N GLY F 294 -22.85 -3.20 31.67
CA GLY F 294 -21.59 -3.52 32.31
C GLY F 294 -20.53 -2.46 32.08
N VAL F 295 -19.27 -2.89 32.14
CA VAL F 295 -18.12 -2.02 31.97
C VAL F 295 -17.17 -2.66 30.97
N LEU F 296 -16.71 -1.87 30.01
CA LEU F 296 -15.76 -2.32 29.00
C LEU F 296 -14.48 -1.52 29.14
N PHE F 297 -13.37 -2.21 29.41
CA PHE F 297 -12.08 -1.59 29.67
C PHE F 297 -11.15 -1.90 28.51
N ILE F 298 -10.46 -0.87 28.02
CA ILE F 298 -9.53 -0.99 26.91
C ILE F 298 -8.19 -0.50 27.40
N ASP F 299 -7.28 -1.43 27.70
CA ASP F 299 -5.94 -1.07 28.14
C ASP F 299 -5.10 -0.68 26.93
N GLU F 300 -4.25 0.33 27.11
CA GLU F 300 -3.38 0.84 26.05
C GLU F 300 -4.21 1.26 24.84
N VAL F 301 -5.05 2.29 25.06
CA VAL F 301 -6.00 2.71 24.03
C VAL F 301 -5.32 3.35 22.84
N HIS F 302 -4.06 3.76 22.97
CA HIS F 302 -3.35 4.34 21.82
C HIS F 302 -3.08 3.31 20.73
N MET F 303 -3.25 2.02 21.02
CA MET F 303 -3.07 0.99 20.01
C MET F 303 -4.13 1.07 18.92
N LEU F 304 -5.37 1.42 19.28
CA LEU F 304 -6.42 1.52 18.30
C LEU F 304 -6.15 2.65 17.32
N ASP F 305 -6.54 2.45 16.06
CA ASP F 305 -6.40 3.46 15.03
C ASP F 305 -7.69 4.24 14.86
N ILE F 306 -7.65 5.23 13.95
CA ILE F 306 -8.81 6.09 13.74
C ILE F 306 -9.99 5.31 13.22
N GLU F 307 -9.76 4.13 12.63
CA GLU F 307 -10.86 3.30 12.17
C GLU F 307 -11.70 2.81 13.34
N SER F 308 -11.06 2.25 14.36
CA SER F 308 -11.79 1.67 15.48
C SER F 308 -12.38 2.73 16.40
N PHE F 309 -11.75 3.90 16.46
CA PHE F 309 -12.30 4.99 17.27
C PHE F 309 -13.64 5.44 16.73
N SER F 310 -13.80 5.45 15.40
CA SER F 310 -15.10 5.79 14.82
C SER F 310 -16.15 4.76 15.20
N PHE F 311 -15.77 3.47 15.21
CA PHE F 311 -16.70 2.44 15.64
C PHE F 311 -17.09 2.63 17.10
N LEU F 312 -16.12 2.97 17.96
CA LEU F 312 -16.43 3.22 19.36
C LEU F 312 -17.38 4.41 19.50
N ASN F 313 -17.13 5.49 18.76
CA ASN F 313 -17.98 6.66 18.84
C ASN F 313 -19.39 6.34 18.39
N ARG F 314 -19.53 5.58 17.30
CA ARG F 314 -20.85 5.24 16.79
C ARG F 314 -21.59 4.28 17.72
N ALA F 315 -20.87 3.36 18.35
CA ALA F 315 -21.53 2.35 19.17
C ALA F 315 -22.00 2.89 20.51
N LEU F 316 -21.36 3.95 21.01
CA LEU F 316 -21.77 4.52 22.30
C LEU F 316 -23.15 5.15 22.25
N GLU F 317 -23.66 5.46 21.06
CA GLU F 317 -24.95 6.12 20.91
C GLU F 317 -26.10 5.12 20.86
N SER F 318 -26.22 4.30 21.91
CA SER F 318 -27.30 3.33 22.02
C SER F 318 -27.82 3.33 23.45
N ASP F 319 -29.11 2.97 23.59
CA ASP F 319 -29.70 2.90 24.92
C ASP F 319 -29.07 1.80 25.76
N MET F 320 -28.78 0.65 25.15
CA MET F 320 -28.10 -0.45 25.83
C MET F 320 -26.62 -0.40 25.46
N ALA F 321 -25.91 0.51 26.12
CA ALA F 321 -24.49 0.71 25.85
C ALA F 321 -23.72 0.64 27.16
N PRO F 322 -22.63 -0.12 27.21
CA PRO F 322 -21.85 -0.21 28.45
C PRO F 322 -21.02 1.04 28.69
N VAL F 323 -20.72 1.27 29.97
CA VAL F 323 -19.74 2.28 30.32
C VAL F 323 -18.41 1.89 29.72
N LEU F 324 -17.69 2.88 29.18
CA LEU F 324 -16.46 2.62 28.43
C LEU F 324 -15.30 3.31 29.14
N ILE F 325 -14.38 2.50 29.66
CA ILE F 325 -13.17 2.98 30.31
C ILE F 325 -11.99 2.65 29.40
N MET F 326 -11.18 3.65 29.11
CA MET F 326 -9.93 3.46 28.40
C MET F 326 -8.77 3.75 29.33
N ALA F 327 -7.62 3.17 29.04
CA ALA F 327 -6.42 3.40 29.82
C ALA F 327 -5.25 3.67 28.89
N THR F 328 -4.34 4.52 29.34
CA THR F 328 -3.19 4.85 28.52
C THR F 328 -2.03 5.29 29.40
N ASN F 329 -0.82 5.01 28.93
CA ASN F 329 0.41 5.43 29.59
C ASN F 329 1.27 6.30 28.70
N ARG F 330 0.66 6.94 27.69
CA ARG F 330 1.40 7.70 26.69
C ARG F 330 0.83 9.09 26.57
N GLY F 331 1.70 10.08 26.42
CA GLY F 331 1.28 11.45 26.25
C GLY F 331 0.98 11.78 24.80
N ILE F 332 1.58 12.86 24.29
CA ILE F 332 1.41 13.21 22.88
C ILE F 332 1.94 12.07 22.03
N THR F 333 1.05 11.45 21.27
CA THR F 333 1.40 10.31 20.42
C THR F 333 0.57 10.36 19.15
N ARG F 334 1.23 10.13 18.02
CA ARG F 334 0.57 10.17 16.73
C ARG F 334 -0.61 9.21 16.70
N ILE F 335 -1.74 9.69 16.19
CA ILE F 335 -2.91 8.82 16.01
C ILE F 335 -2.57 7.76 14.97
N ARG F 336 -2.79 6.50 15.32
CA ARG F 336 -2.53 5.43 14.37
C ARG F 336 -3.53 5.50 13.23
N GLY F 337 -3.05 5.33 12.01
CA GLY F 337 -3.88 5.45 10.83
C GLY F 337 -3.94 6.85 10.24
N THR F 338 -3.40 7.85 10.93
CA THR F 338 -3.35 9.22 10.42
C THR F 338 -1.93 9.76 10.57
N SER F 339 -1.75 11.05 10.30
CA SER F 339 -0.44 11.69 10.42
C SER F 339 -0.37 12.73 11.52
N TYR F 340 -1.48 13.15 12.09
CA TYR F 340 -1.52 14.22 13.07
C TYR F 340 -1.39 13.66 14.48
N GLN F 341 -0.61 14.36 15.31
CA GLN F 341 -0.44 13.96 16.70
C GLN F 341 -1.54 14.52 17.56
N SER F 342 -1.97 13.75 18.54
CA SER F 342 -3.02 14.12 19.48
C SER F 342 -2.65 13.62 20.86
N PRO F 343 -3.20 14.23 21.90
CA PRO F 343 -2.97 13.70 23.26
C PRO F 343 -3.51 12.29 23.39
N HIS F 344 -2.67 11.39 23.91
CA HIS F 344 -3.00 9.99 24.17
C HIS F 344 -3.37 9.21 22.92
N GLY F 345 -3.12 9.77 21.74
CA GLY F 345 -3.46 9.08 20.50
C GLY F 345 -4.94 8.82 20.33
N ILE F 346 -5.78 9.78 20.69
CA ILE F 346 -7.22 9.67 20.60
C ILE F 346 -7.74 10.83 19.76
N PRO F 347 -8.63 10.60 18.80
CA PRO F 347 -9.13 11.72 17.99
C PRO F 347 -9.88 12.73 18.84
N ILE F 348 -9.86 13.99 18.39
CA ILE F 348 -10.37 15.10 19.18
C ILE F 348 -11.85 14.93 19.49
N ASP F 349 -12.62 14.40 18.54
CA ASP F 349 -14.07 14.26 18.76
C ASP F 349 -14.35 13.37 19.97
N LEU F 350 -13.60 12.28 20.13
CA LEU F 350 -13.73 11.46 21.33
C LEU F 350 -13.04 12.11 22.53
N LEU F 351 -11.92 12.79 22.32
CA LEU F 351 -11.14 13.34 23.42
C LEU F 351 -11.86 14.48 24.12
N ASP F 352 -12.80 15.15 23.45
CA ASP F 352 -13.55 16.22 24.10
C ASP F 352 -14.74 15.70 24.89
N ARG F 353 -14.99 14.39 24.87
CA ARG F 353 -16.09 13.77 25.60
C ARG F 353 -15.58 12.75 26.60
N LEU F 354 -14.44 13.04 27.25
CA LEU F 354 -13.79 12.11 28.15
C LEU F 354 -13.61 12.72 29.52
N LEU F 355 -13.76 11.89 30.55
CA LEU F 355 -13.48 12.26 31.93
C LEU F 355 -12.12 11.67 32.28
N ILE F 356 -11.08 12.49 32.20
CA ILE F 356 -9.71 12.02 32.38
C ILE F 356 -9.40 11.94 33.86
N VAL F 357 -8.99 10.75 34.31
CA VAL F 357 -8.60 10.50 35.70
C VAL F 357 -7.12 10.12 35.69
N SER F 358 -6.33 10.83 36.47
CA SER F 358 -4.89 10.62 36.52
C SER F 358 -4.53 9.85 37.79
N THR F 359 -3.68 8.84 37.64
CA THR F 359 -3.21 8.02 38.75
C THR F 359 -1.74 8.29 39.01
N THR F 360 -1.42 8.65 40.25
CA THR F 360 -0.04 8.93 40.63
C THR F 360 0.69 7.62 40.96
N PRO F 361 2.01 7.59 40.79
CA PRO F 361 2.76 6.37 41.13
C PRO F 361 2.75 6.12 42.64
N TYR F 362 2.83 4.84 42.98
CA TYR F 362 2.76 4.41 44.37
C TYR F 362 4.02 4.84 45.14
N SER F 363 3.91 4.78 46.46
CA SER F 363 5.07 4.93 47.35
C SER F 363 5.25 3.64 48.15
N GLU F 364 6.25 3.65 49.03
CA GLU F 364 6.75 2.41 49.63
C GLU F 364 5.64 1.66 50.38
N LYS F 365 4.95 2.34 51.30
CA LYS F 365 3.98 1.65 52.14
C LYS F 365 2.81 1.11 51.35
N ASP F 366 2.35 1.83 50.32
CA ASP F 366 1.24 1.34 49.52
C ASP F 366 1.60 0.02 48.85
N THR F 367 2.76 -0.05 48.20
CA THR F 367 3.16 -1.29 47.54
C THR F 367 3.43 -2.39 48.55
N LYS F 368 3.93 -2.04 49.73
CA LYS F 368 4.09 -3.05 50.77
C LYS F 368 2.76 -3.68 51.14
N GLN F 369 1.74 -2.84 51.33
CA GLN F 369 0.41 -3.37 51.64
C GLN F 369 -0.17 -4.17 50.48
N ILE F 370 0.08 -3.72 49.25
CA ILE F 370 -0.39 -4.45 48.06
C ILE F 370 0.24 -5.85 48.04
N LEU F 371 1.55 -5.92 48.25
CA LEU F 371 2.22 -7.21 48.27
C LEU F 371 1.70 -8.08 49.40
N ARG F 372 1.43 -7.48 50.57
CA ARG F 372 0.90 -8.25 51.69
C ARG F 372 -0.45 -8.87 51.35
N ILE F 373 -1.37 -8.08 50.79
CA ILE F 373 -2.70 -8.62 50.52
C ILE F 373 -2.63 -9.64 49.39
N ARG F 374 -1.78 -9.40 48.39
CA ARG F 374 -1.62 -10.38 47.31
C ARG F 374 -1.08 -11.71 47.84
N CYS F 375 -0.06 -11.65 48.70
CA CYS F 375 0.49 -12.87 49.28
C CYS F 375 -0.54 -13.59 50.13
N GLU F 376 -1.32 -12.85 50.92
CA GLU F 376 -2.41 -13.46 51.66
C GLU F 376 -3.40 -14.13 50.72
N GLU F 377 -3.60 -13.57 49.53
CA GLU F 377 -4.53 -14.17 48.58
C GLU F 377 -3.98 -15.47 48.00
N GLU F 378 -2.70 -15.49 47.61
CA GLU F 378 -2.13 -16.68 46.98
C GLU F 378 -1.42 -17.58 47.99
N ASP F 379 -1.79 -17.50 49.27
CA ASP F 379 -1.37 -18.46 50.29
C ASP F 379 0.15 -18.54 50.41
N VAL F 380 0.81 -17.39 50.48
CA VAL F 380 2.25 -17.31 50.67
C VAL F 380 2.52 -16.62 52.00
N GLU F 381 3.38 -17.23 52.81
CA GLU F 381 3.80 -16.68 54.09
C GLU F 381 5.23 -16.21 53.96
N MET F 382 5.48 -14.95 54.31
CA MET F 382 6.77 -14.32 54.08
C MET F 382 7.18 -13.49 55.29
N SER F 383 8.50 -13.36 55.47
CA SER F 383 9.07 -12.61 56.59
C SER F 383 9.15 -11.12 56.24
N GLU F 384 9.48 -10.32 57.25
CA GLU F 384 9.42 -8.87 57.10
C GLU F 384 10.57 -8.34 56.25
N ASP F 385 11.78 -8.84 56.46
CA ASP F 385 12.91 -8.38 55.64
C ASP F 385 12.72 -8.77 54.18
N ALA F 386 12.19 -9.97 53.93
CA ALA F 386 11.84 -10.34 52.56
C ALA F 386 10.77 -9.41 52.02
N TYR F 387 9.80 -9.02 52.86
CA TYR F 387 8.76 -8.11 52.42
C TYR F 387 9.35 -6.76 51.99
N THR F 388 10.28 -6.21 52.77
CA THR F 388 10.79 -4.89 52.42
C THR F 388 11.73 -4.95 51.22
N VAL F 389 12.50 -6.03 51.08
CA VAL F 389 13.34 -6.13 49.89
C VAL F 389 12.47 -6.32 48.64
N LEU F 390 11.37 -7.08 48.76
CA LEU F 390 10.44 -7.20 47.65
C LEU F 390 9.79 -5.87 47.33
N THR F 391 9.45 -5.09 48.36
CA THR F 391 8.88 -3.77 48.14
C THR F 391 9.84 -2.86 47.39
N ARG F 392 11.12 -2.88 47.78
CA ARG F 392 12.11 -2.05 47.09
C ARG F 392 12.27 -2.51 45.65
N ILE F 393 12.31 -3.82 45.43
CA ILE F 393 12.42 -4.37 44.07
C ILE F 393 11.25 -3.89 43.22
N GLY F 394 10.04 -3.96 43.77
CA GLY F 394 8.88 -3.49 43.04
C GLY F 394 8.89 -1.99 42.79
N LEU F 395 9.41 -1.23 43.75
CA LEU F 395 9.53 0.21 43.57
C LEU F 395 10.45 0.54 42.40
N GLU F 396 11.53 -0.23 42.25
CA GLU F 396 12.48 0.08 41.19
C GLU F 396 11.95 -0.30 39.82
N THR F 397 11.26 -1.44 39.72
CA THR F 397 10.94 -2.00 38.42
C THR F 397 9.46 -1.92 38.07
N SER F 398 8.59 -2.50 38.90
CA SER F 398 7.15 -2.54 38.65
C SER F 398 6.45 -3.29 39.76
N LEU F 399 5.15 -3.06 39.93
CA LEU F 399 4.39 -3.93 40.83
C LEU F 399 4.21 -5.31 40.24
N ARG F 400 4.14 -5.41 38.90
CA ARG F 400 3.85 -6.69 38.27
C ARG F 400 5.05 -7.63 38.33
N TYR F 401 6.27 -7.11 38.15
CA TYR F 401 7.45 -7.96 38.28
C TYR F 401 7.61 -8.46 39.71
N ALA F 402 7.41 -7.58 40.69
CA ALA F 402 7.49 -8.00 42.09
C ALA F 402 6.42 -9.03 42.41
N ILE F 403 5.24 -8.88 41.82
CA ILE F 403 4.17 -9.86 42.04
C ILE F 403 4.54 -11.19 41.40
N GLN F 404 5.15 -11.14 40.21
CA GLN F 404 5.58 -12.37 39.53
C GLN F 404 6.62 -13.11 40.34
N LEU F 405 7.54 -12.37 40.96
CA LEU F 405 8.60 -13.01 41.75
C LEU F 405 8.06 -13.82 42.93
N ILE F 406 6.85 -13.52 43.40
CA ILE F 406 6.36 -14.13 44.64
C ILE F 406 6.14 -15.63 44.45
N THR F 407 5.47 -16.01 43.36
CA THR F 407 5.19 -17.44 43.15
C THR F 407 6.47 -18.22 42.93
N ALA F 408 7.42 -17.66 42.17
CA ALA F 408 8.70 -18.32 41.96
C ALA F 408 9.45 -18.48 43.28
N ALA F 409 9.44 -17.45 44.12
CA ALA F 409 10.10 -17.55 45.42
C ALA F 409 9.45 -18.61 46.29
N SER F 410 8.11 -18.67 46.28
CA SER F 410 7.41 -19.68 47.06
C SER F 410 7.75 -21.09 46.59
N LEU F 411 7.83 -21.29 45.27
CA LEU F 411 8.19 -22.61 44.77
C LEU F 411 9.64 -22.96 45.05
N VAL F 412 10.53 -21.97 45.03
CA VAL F 412 11.93 -22.22 45.40
C VAL F 412 12.03 -22.62 46.86
N CYS F 413 11.29 -21.92 47.74
CA CYS F 413 11.35 -22.24 49.17
C CYS F 413 10.79 -23.63 49.46
N ARG F 414 9.79 -24.07 48.68
CA ARG F 414 9.23 -25.40 48.90
C ARG F 414 10.25 -26.50 48.61
N LYS F 415 11.08 -26.30 47.58
CA LYS F 415 12.10 -27.29 47.25
C LYS F 415 13.10 -27.45 48.39
N ARG F 416 13.49 -26.33 49.02
CA ARG F 416 14.46 -26.36 50.11
C ARG F 416 13.82 -26.73 51.44
N LYS F 417 12.62 -27.31 51.42
CA LYS F 417 11.90 -27.72 52.63
C LYS F 417 11.78 -26.58 53.63
N GLY F 418 11.49 -25.39 53.13
CA GLY F 418 11.26 -24.23 53.96
C GLY F 418 9.83 -23.76 53.85
N THR F 419 9.23 -23.44 54.99
CA THR F 419 7.85 -22.98 55.03
C THR F 419 7.74 -21.47 54.87
N GLU F 420 8.66 -20.73 55.46
CA GLU F 420 8.66 -19.27 55.40
C GLU F 420 9.72 -18.81 54.41
N VAL F 421 9.30 -17.96 53.47
CA VAL F 421 10.20 -17.47 52.43
C VAL F 421 11.16 -16.46 53.04
N GLN F 422 12.45 -16.74 52.98
CA GLN F 422 13.46 -15.83 53.49
C GLN F 422 13.85 -14.81 52.42
N VAL F 423 14.84 -13.98 52.76
CA VAL F 423 15.28 -12.94 51.84
C VAL F 423 16.29 -13.50 50.85
N ASP F 424 17.04 -14.53 51.23
CA ASP F 424 17.96 -15.16 50.29
C ASP F 424 17.22 -15.87 49.15
N ASP F 425 16.00 -16.34 49.40
CA ASP F 425 15.18 -16.84 48.30
C ASP F 425 14.83 -15.72 47.33
N ILE F 426 14.55 -14.52 47.85
CA ILE F 426 14.33 -13.36 46.99
C ILE F 426 15.59 -13.07 46.19
N LYS F 427 16.76 -13.18 46.82
CA LYS F 427 18.02 -13.03 46.10
C LYS F 427 18.10 -14.02 44.94
N ARG F 428 17.84 -15.30 45.22
CA ARG F 428 17.98 -16.33 44.20
C ARG F 428 17.02 -16.08 43.05
N VAL F 429 15.75 -15.80 43.35
CA VAL F 429 14.78 -15.58 42.28
C VAL F 429 15.08 -14.30 41.49
N TYR F 430 15.50 -13.23 42.15
CA TYR F 430 15.87 -12.02 41.44
C TYR F 430 17.09 -12.24 40.55
N SER F 431 18.00 -13.13 40.94
CA SER F 431 19.11 -13.48 40.08
C SER F 431 18.69 -14.41 38.94
N LEU F 432 17.66 -15.23 39.15
CA LEU F 432 17.23 -16.18 38.13
C LEU F 432 16.48 -15.48 37.00
N PHE F 433 15.35 -14.86 37.32
CA PHE F 433 14.49 -14.22 36.35
C PHE F 433 14.79 -12.73 36.28
N LEU F 434 14.88 -12.20 35.07
CA LEU F 434 15.24 -10.81 34.84
C LEU F 434 14.01 -9.96 34.59
N ASP F 435 14.11 -8.70 34.98
CA ASP F 435 13.08 -7.72 34.69
C ASP F 435 13.28 -7.15 33.28
N GLU F 436 12.30 -6.34 32.84
CA GLU F 436 12.31 -5.88 31.47
C GLU F 436 13.43 -4.89 31.19
N SER F 437 13.67 -3.96 32.12
CA SER F 437 14.68 -2.92 31.90
C SER F 437 16.08 -3.54 31.75
N ARG F 438 16.44 -4.44 32.67
CA ARG F 438 17.74 -5.11 32.58
C ARG F 438 17.84 -5.95 31.32
N SER F 439 16.77 -6.69 31.00
CA SER F 439 16.81 -7.57 29.84
C SER F 439 17.00 -6.78 28.55
N THR F 440 16.33 -5.62 28.44
CA THR F 440 16.49 -4.81 27.23
C THR F 440 17.84 -4.12 27.20
N GLN F 441 18.29 -3.58 28.34
CA GLN F 441 19.54 -2.84 28.35
C GLN F 441 20.73 -3.75 28.09
N TYR F 442 20.67 -4.99 28.59
CA TYR F 442 21.78 -5.93 28.39
C TYR F 442 22.03 -6.17 26.91
N MET F 443 20.96 -6.35 26.14
CA MET F 443 21.12 -6.71 24.74
C MET F 443 21.18 -5.49 23.83
N LYS F 444 20.69 -4.33 24.29
CA LYS F 444 21.04 -3.09 23.62
C LYS F 444 22.54 -2.84 23.74
N GLU F 445 23.09 -3.07 24.92
CA GLU F 445 24.53 -2.99 25.14
C GLU F 445 25.26 -4.12 24.40
N TYR F 446 24.55 -5.20 24.07
CA TYR F 446 25.13 -6.23 23.21
C TYR F 446 25.41 -5.72 21.79
N GLN F 447 24.49 -4.93 21.23
CA GLN F 447 24.58 -4.54 19.82
C GLN F 447 25.61 -3.44 19.60
N ASP F 448 26.40 -3.13 20.62
CA ASP F 448 27.47 -2.16 20.45
C ASP F 448 28.60 -2.73 19.59
N ALA F 449 28.57 -4.04 19.33
CA ALA F 449 29.62 -4.67 18.54
C ALA F 449 29.06 -5.26 17.25
N ILE G 800 -2.44 43.29 33.15
CA ILE G 800 -1.43 43.74 32.20
C ILE G 800 -1.55 42.97 30.89
N ALA G 801 -1.63 41.64 30.99
CA ALA G 801 -1.82 40.75 29.85
C ALA G 801 -0.70 40.95 28.82
N LYS G 802 0.52 40.62 29.23
CA LYS G 802 1.67 40.69 28.35
C LYS G 802 1.52 39.72 27.19
N PRO G 803 1.53 40.18 25.95
CA PRO G 803 1.39 39.26 24.81
C PRO G 803 2.73 38.57 24.50
N ASN G 804 2.69 37.26 24.37
CA ASN G 804 3.87 36.48 24.04
C ASN G 804 3.86 35.95 22.61
N ASN G 805 2.68 35.63 22.07
CA ASN G 805 2.54 35.16 20.71
C ASN G 805 1.76 36.19 19.89
N ALA G 806 1.85 36.05 18.57
CA ALA G 806 1.00 36.85 17.70
C ALA G 806 -0.47 36.48 17.85
N TYR G 807 -0.74 35.25 18.30
CA TYR G 807 -2.13 34.81 18.46
C TYR G 807 -2.79 35.54 19.62
N GLU G 808 -2.10 35.62 20.76
CA GLU G 808 -2.65 36.36 21.89
C GLU G 808 -2.81 37.83 21.55
N PHE G 809 -1.85 38.39 20.81
CA PHE G 809 -1.94 39.79 20.40
C PHE G 809 -3.17 40.01 19.51
N GLY G 810 -3.37 39.17 18.51
CA GLY G 810 -4.56 39.31 17.68
C GLY G 810 -5.83 39.19 18.49
N GLN G 811 -5.88 38.22 19.40
CA GLN G 811 -7.06 38.02 20.21
C GLN G 811 -7.38 39.24 21.06
N ILE G 812 -6.36 39.82 21.71
CA ILE G 812 -6.64 40.93 22.62
C ILE G 812 -7.02 42.17 21.82
N ILE G 813 -6.27 42.46 20.74
CA ILE G 813 -6.54 43.69 19.98
C ILE G 813 -7.93 43.64 19.34
N ASN G 814 -8.27 42.53 18.67
CA ASN G 814 -9.54 42.59 17.98
C ASN G 814 -10.74 42.49 18.93
N ALA G 815 -10.66 41.68 19.98
CA ALA G 815 -11.77 41.53 20.90
C ALA G 815 -12.07 42.80 21.69
N LEU G 816 -11.09 43.68 21.85
CA LEU G 816 -11.33 45.00 22.43
C LEU G 816 -11.68 46.04 21.37
N SER G 817 -11.63 45.69 20.08
CA SER G 817 -11.98 46.64 19.04
C SER G 817 -13.45 46.99 19.07
N THR G 818 -14.33 46.00 19.29
CA THR G 818 -15.75 46.30 19.45
C THR G 818 -16.00 47.10 20.72
N ARG G 819 -15.18 46.88 21.75
CA ARG G 819 -15.20 47.77 22.90
C ARG G 819 -14.77 49.18 22.54
N LYS G 820 -13.83 49.33 21.61
CA LYS G 820 -13.28 50.60 21.15
C LYS G 820 -12.56 51.32 22.30
N ASP G 821 -12.16 50.60 23.33
CA ASP G 821 -11.57 51.19 24.52
C ASP G 821 -10.16 51.70 24.22
N LYS G 822 -9.86 52.89 24.73
CA LYS G 822 -8.61 53.60 24.44
C LYS G 822 -7.48 53.27 25.40
N GLU G 823 -7.66 53.49 26.70
CA GLU G 823 -6.55 53.34 27.63
C GLU G 823 -6.06 51.90 27.72
N ALA G 824 -6.89 50.94 27.32
CA ALA G 824 -6.42 49.56 27.25
C ALA G 824 -5.28 49.43 26.24
N CYS G 825 -5.50 49.91 25.02
CA CYS G 825 -4.40 49.93 24.05
C CYS G 825 -3.28 50.86 24.50
N ALA G 826 -3.63 51.95 25.16
CA ALA G 826 -2.63 52.90 25.66
C ALA G 826 -1.61 52.20 26.54
N HIS G 827 -2.05 51.63 27.67
CA HIS G 827 -1.15 50.79 28.46
C HIS G 827 -1.24 49.33 28.06
N LEU G 828 -1.27 49.05 26.78
CA LEU G 828 -1.00 47.72 26.24
C LEU G 828 0.11 47.71 25.19
N LEU G 829 0.17 48.70 24.31
CA LEU G 829 1.22 48.70 23.30
C LEU G 829 2.53 49.26 23.83
N ALA G 830 2.49 50.02 24.94
CA ALA G 830 3.72 50.55 25.51
C ALA G 830 4.62 49.42 26.02
N ILE G 831 4.04 48.44 26.71
CA ILE G 831 4.81 47.30 27.18
C ILE G 831 5.21 46.41 26.00
N THR G 832 4.46 46.45 24.90
CA THR G 832 4.81 45.67 23.73
C THR G 832 6.01 46.29 23.04
N ALA G 833 6.99 45.45 22.69
CA ALA G 833 8.20 45.95 22.02
C ALA G 833 7.85 46.45 20.63
N PRO G 834 8.18 47.69 20.28
CA PRO G 834 7.83 48.21 18.96
C PRO G 834 8.43 47.43 17.80
N LYS G 835 9.66 46.92 17.97
CA LYS G 835 10.35 46.26 16.86
C LYS G 835 9.55 45.04 16.39
N ASP G 836 9.07 44.23 17.32
CA ASP G 836 8.28 43.06 16.98
C ASP G 836 6.83 43.41 16.63
N LEU G 837 6.53 44.69 16.42
CA LEU G 837 5.16 45.07 16.06
C LEU G 837 4.69 44.43 14.75
N PRO G 838 5.47 44.44 13.66
CA PRO G 838 4.98 43.76 12.44
C PRO G 838 4.72 42.27 12.64
N MET G 839 5.71 41.53 13.15
CA MET G 839 5.54 40.08 13.31
C MET G 839 4.37 39.77 14.23
N PHE G 840 4.22 40.53 15.31
CA PHE G 840 3.06 40.37 16.18
C PHE G 840 1.77 40.69 15.44
N LEU G 841 1.77 41.75 14.64
CA LEU G 841 0.55 42.19 13.98
C LEU G 841 0.12 41.24 12.87
N SER G 842 1.06 40.86 12.01
CA SER G 842 0.83 39.98 10.84
C SER G 842 -0.31 40.60 10.02
N ASN G 843 -1.04 39.80 9.25
CA ASN G 843 -2.15 40.31 8.46
C ASN G 843 -3.48 40.13 9.18
N LYS G 844 -3.60 40.69 10.38
CA LYS G 844 -4.85 40.72 11.11
C LYS G 844 -5.53 42.08 11.07
N LEU G 845 -5.06 42.98 10.20
CA LEU G 845 -5.53 44.35 10.19
C LEU G 845 -6.91 44.42 9.54
N GLU G 846 -7.88 44.93 10.30
CA GLU G 846 -9.21 45.25 9.82
C GLU G 846 -9.46 46.73 10.04
N GLY G 847 -10.49 47.26 9.39
CA GLY G 847 -10.72 48.70 9.43
C GLY G 847 -10.95 49.22 10.84
N ASP G 848 -11.81 48.54 11.60
CA ASP G 848 -12.15 48.99 12.94
C ASP G 848 -10.92 48.98 13.84
N THR G 849 -10.15 47.89 13.83
CA THR G 849 -8.99 47.81 14.71
C THR G 849 -7.89 48.77 14.27
N PHE G 850 -7.73 48.99 12.97
CA PHE G 850 -6.73 49.95 12.50
C PHE G 850 -7.08 51.36 12.96
N LEU G 851 -8.35 51.76 12.78
CA LEU G 851 -8.78 53.04 13.30
C LEU G 851 -8.59 53.10 14.81
N LEU G 852 -8.82 51.99 15.50
CA LEU G 852 -8.64 51.96 16.94
C LEU G 852 -7.19 52.22 17.33
N LEU G 853 -6.24 51.60 16.63
CA LEU G 853 -4.84 51.89 16.92
C LEU G 853 -4.54 53.35 16.63
N ILE G 854 -5.12 53.90 15.56
CA ILE G 854 -4.84 55.29 15.20
C ILE G 854 -5.30 56.24 16.32
N GLN G 855 -6.55 56.13 16.73
CA GLN G 855 -7.08 57.05 17.74
C GLN G 855 -6.77 56.62 19.17
N SER G 856 -6.08 55.51 19.36
CA SER G 856 -5.49 55.23 20.67
C SER G 856 -4.07 55.76 20.76
N LEU G 857 -3.33 55.71 19.65
CA LEU G 857 -1.99 56.28 19.62
C LEU G 857 -2.05 57.80 19.67
N LYS G 858 -3.06 58.40 19.02
CA LYS G 858 -3.17 59.86 18.99
C LYS G 858 -3.49 60.47 20.34
N ASN G 859 -4.20 59.76 21.22
CA ASN G 859 -4.78 60.37 22.41
C ASN G 859 -3.90 60.27 23.66
N ASN G 860 -3.47 59.07 24.03
CA ASN G 860 -2.80 58.89 25.31
C ASN G 860 -1.29 58.80 25.21
N LEU G 861 -0.76 58.22 24.13
CA LEU G 861 0.68 58.01 24.04
C LEU G 861 1.46 59.31 23.86
N ILE G 862 0.78 60.40 23.47
CA ILE G 862 1.48 61.67 23.29
C ILE G 862 1.89 62.28 24.62
N GLU G 863 1.30 61.83 25.74
CA GLU G 863 1.63 62.40 27.04
C GLU G 863 3.09 62.15 27.41
N LYS G 864 3.57 60.92 27.20
CA LYS G 864 4.96 60.59 27.48
C LYS G 864 5.79 60.96 26.25
N ASP G 865 7.05 60.51 26.22
CA ASP G 865 7.94 60.88 25.12
C ASP G 865 7.38 60.34 23.80
N PRO G 866 7.20 61.19 22.80
CA PRO G 866 6.58 60.73 21.54
C PRO G 866 7.51 59.88 20.69
N SER G 867 8.69 59.53 21.22
CA SER G 867 9.57 58.63 20.48
C SER G 867 8.94 57.26 20.29
N LEU G 868 8.31 56.73 21.35
CA LEU G 868 7.60 55.45 21.23
C LEU G 868 6.51 55.54 20.18
N VAL G 869 5.85 56.70 20.10
CA VAL G 869 4.89 56.94 19.03
C VAL G 869 5.56 56.79 17.67
N TYR G 870 6.78 57.34 17.55
CA TYR G 870 7.49 57.30 16.27
C TYR G 870 7.86 55.87 15.87
N GLN G 871 8.39 55.08 16.82
CA GLN G 871 8.70 53.69 16.48
C GLN G 871 7.44 52.89 16.15
N HIS G 872 6.36 53.08 16.92
CA HIS G 872 5.12 52.38 16.64
C HIS G 872 4.59 52.71 15.25
N LEU G 873 4.63 53.99 14.89
CA LEU G 873 4.12 54.44 13.60
C LEU G 873 5.02 54.03 12.44
N LEU G 874 6.34 54.06 12.62
CA LEU G 874 7.25 53.67 11.55
C LEU G 874 7.21 52.17 11.29
N TYR G 875 7.28 51.37 12.36
CA TYR G 875 7.28 49.92 12.17
C TYR G 875 5.93 49.38 11.74
N LEU G 876 4.86 50.17 11.88
CA LEU G 876 3.57 49.79 11.30
C LEU G 876 3.62 49.82 9.77
N SER G 877 4.52 50.61 9.18
CA SER G 877 4.62 50.70 7.74
C SER G 877 4.99 49.38 7.08
N LYS G 878 5.60 48.46 7.83
CA LYS G 878 6.00 47.17 7.30
C LYS G 878 4.90 46.12 7.41
N ALA G 879 3.72 46.50 7.88
CA ALA G 879 2.60 45.57 7.91
C ALA G 879 2.21 45.18 6.49
N GLU G 880 1.75 43.93 6.34
CA GLU G 880 1.54 43.37 5.01
C GLU G 880 0.42 44.09 4.27
N ARG G 881 -0.73 44.26 4.92
CA ARG G 881 -1.90 44.87 4.28
C ARG G 881 -2.05 46.33 4.72
N PHE G 882 -1.23 47.20 4.13
CA PHE G 882 -1.22 48.61 4.48
C PHE G 882 -1.65 49.47 3.28
N LYS G 883 -1.18 49.09 2.09
CA LYS G 883 -1.70 49.73 0.88
C LYS G 883 -3.17 49.40 0.69
N MET G 884 -3.61 48.23 1.18
CA MET G 884 -5.03 48.03 1.43
C MET G 884 -5.58 49.09 2.37
N MET G 885 -4.85 49.38 3.44
CA MET G 885 -5.45 50.07 4.56
C MET G 885 -5.64 51.55 4.30
N LEU G 886 -4.76 52.18 3.54
CA LEU G 886 -4.90 53.63 3.34
C LEU G 886 -5.79 53.95 2.15
N THR G 887 -6.92 53.25 2.06
CA THR G 887 -8.06 53.71 1.27
C THR G 887 -9.41 53.41 1.91
N LEU G 888 -9.52 52.40 2.78
CA LEU G 888 -10.77 52.13 3.48
C LEU G 888 -11.09 53.20 4.51
N ILE G 889 -10.06 53.84 5.08
CA ILE G 889 -10.28 54.97 5.98
C ILE G 889 -10.95 56.08 5.20
N SER G 890 -12.07 56.57 5.71
CA SER G 890 -12.80 57.64 5.03
C SER G 890 -11.96 58.91 5.00
N LYS G 891 -12.17 59.70 3.95
CA LYS G 891 -11.39 60.93 3.76
C LYS G 891 -11.57 61.89 4.93
N GLY G 892 -12.73 61.89 5.57
CA GLY G 892 -12.96 62.82 6.66
C GLY G 892 -12.04 62.62 7.84
N GLN G 893 -11.80 61.37 8.22
CA GLN G 893 -10.99 61.07 9.38
C GLN G 893 -9.52 60.80 9.06
N LYS G 894 -9.09 61.00 7.81
CA LYS G 894 -7.66 61.10 7.56
C LYS G 894 -7.08 62.32 8.27
N GLU G 895 -7.91 63.35 8.47
CA GLU G 895 -7.48 64.51 9.22
C GLU G 895 -7.16 64.16 10.66
N LEU G 896 -7.71 63.04 11.17
CA LEU G 896 -7.30 62.57 12.49
C LEU G 896 -5.83 62.14 12.48
N ILE G 897 -5.41 61.42 11.44
CA ILE G 897 -4.00 61.08 11.31
C ILE G 897 -3.15 62.34 11.09
N GLU G 898 -3.71 63.32 10.37
CA GLU G 898 -2.97 64.58 10.20
C GLU G 898 -2.78 65.31 11.54
N GLN G 899 -3.82 65.28 12.39
CA GLN G 899 -3.71 65.89 13.71
C GLN G 899 -2.78 65.11 14.61
N LEU G 900 -2.70 63.79 14.44
CA LEU G 900 -1.68 63.03 15.15
C LEU G 900 -0.29 63.41 14.64
N PHE G 901 -0.18 63.71 13.33
CA PHE G 901 1.10 64.05 12.73
C PHE G 901 1.61 65.41 13.16
N GLU G 902 0.73 66.41 13.36
CA GLU G 902 1.23 67.72 13.73
C GLU G 902 1.78 67.72 15.15
N ASP G 903 1.44 66.70 15.95
CA ASP G 903 2.08 66.51 17.24
C ASP G 903 3.53 66.07 17.10
N LEU G 904 3.94 65.67 15.89
CA LEU G 904 5.29 65.19 15.62
C LEU G 904 6.09 66.15 14.76
N SER G 905 5.51 66.64 13.67
CA SER G 905 6.24 67.51 12.76
C SER G 905 6.43 68.91 13.32
N ASP G 906 5.39 69.47 13.96
CA ASP G 906 5.46 70.85 14.43
C ASP G 906 6.50 71.02 15.52
N THR G 907 6.57 70.08 16.46
CA THR G 907 7.47 70.21 17.60
C THR G 907 8.55 69.13 17.59
N PRO G 908 9.77 69.43 17.15
CA PRO G 908 10.90 68.47 17.26
C PRO G 908 11.61 68.59 18.60
N ASN G 909 11.01 67.99 19.64
CA ASN G 909 11.49 68.19 21.00
C ASN G 909 12.90 67.66 21.24
N ASN G 910 13.07 66.35 21.21
CA ASN G 910 14.39 65.83 21.58
C ASN G 910 14.95 64.83 20.58
N HIS G 911 14.11 63.95 20.02
CA HIS G 911 14.61 62.78 19.29
C HIS G 911 14.25 62.83 17.81
N PHE G 912 12.98 62.94 17.48
CA PHE G 912 12.55 62.89 16.09
C PHE G 912 13.02 64.13 15.32
N THR G 913 13.44 63.91 14.08
CA THR G 913 13.90 64.97 13.21
C THR G 913 12.89 65.17 12.07
N LEU G 914 13.08 66.26 11.32
CA LEU G 914 12.09 66.62 10.32
C LEU G 914 12.17 65.72 9.09
N GLU G 915 13.38 65.39 8.62
CA GLU G 915 13.52 64.74 7.33
C GLU G 915 12.96 63.31 7.34
N ASP G 916 13.25 62.54 8.39
CA ASP G 916 12.72 61.17 8.43
C ASP G 916 11.22 61.17 8.68
N ILE G 917 10.71 62.18 9.39
CA ILE G 917 9.27 62.31 9.56
C ILE G 917 8.61 62.63 8.21
N GLN G 918 9.25 63.48 7.40
CA GLN G 918 8.73 63.78 6.07
C GLN G 918 8.73 62.55 5.19
N ALA G 919 9.81 61.76 5.24
CA ALA G 919 9.86 60.51 4.48
C ALA G 919 8.78 59.55 4.96
N LEU G 920 8.54 59.50 6.27
CA LEU G 920 7.50 58.65 6.82
C LEU G 920 6.12 59.08 6.32
N LYS G 921 5.87 60.39 6.28
CA LYS G 921 4.60 60.89 5.75
C LYS G 921 4.46 60.52 4.27
N ARG G 922 5.56 60.64 3.52
CA ARG G 922 5.55 60.20 2.13
C ARG G 922 5.21 58.72 2.01
N GLN G 923 5.69 57.90 2.95
CA GLN G 923 5.32 56.51 3.00
C GLN G 923 3.83 56.34 3.30
N TYR G 924 3.26 57.20 4.14
CA TYR G 924 1.87 57.10 4.54
C TYR G 924 0.91 57.76 3.55
N GLU G 925 1.43 58.31 2.45
CA GLU G 925 0.64 58.78 1.31
C GLU G 925 -0.12 60.06 1.64
N LEU G 926 -0.12 60.47 2.91
CA LEU G 926 -0.79 61.71 3.31
C LEU G 926 0.23 62.83 3.51
N LEU H 841 30.19 -0.35 33.47
CA LEU H 841 29.44 -1.25 34.31
C LEU H 841 27.97 -1.30 33.91
N SER H 842 27.37 -0.14 33.67
CA SER H 842 25.95 -0.01 33.30
C SER H 842 25.12 -0.63 34.44
N ASN H 843 23.92 -1.13 34.16
CA ASN H 843 23.06 -1.68 35.20
C ASN H 843 23.19 -3.20 35.25
N LYS H 844 24.36 -3.71 35.63
CA LYS H 844 24.61 -5.13 35.69
C LYS H 844 24.69 -5.66 37.12
N LEU H 845 24.48 -4.79 38.10
CA LEU H 845 24.67 -5.16 39.50
C LEU H 845 23.62 -6.19 39.94
N GLU H 846 24.09 -7.32 40.42
CA GLU H 846 23.28 -8.29 41.15
C GLU H 846 23.95 -8.55 42.50
N GLY H 847 23.41 -9.53 43.22
CA GLY H 847 23.94 -9.83 44.55
C GLY H 847 25.38 -10.32 44.50
N ASP H 848 25.67 -11.23 43.58
CA ASP H 848 26.97 -11.88 43.55
C ASP H 848 28.06 -10.94 43.05
N THR H 849 27.80 -10.23 41.94
CA THR H 849 28.84 -9.40 41.34
C THR H 849 29.24 -8.24 42.24
N PHE H 850 28.26 -7.56 42.85
CA PHE H 850 28.58 -6.44 43.73
C PHE H 850 29.44 -6.89 44.90
N LEU H 851 29.10 -8.02 45.51
CA LEU H 851 29.87 -8.53 46.62
C LEU H 851 31.30 -8.86 46.19
N LEU H 852 31.47 -9.25 44.93
CA LEU H 852 32.82 -9.57 44.44
C LEU H 852 33.70 -8.33 44.41
N LEU H 853 33.18 -7.21 43.87
CA LEU H 853 33.96 -5.98 43.86
C LEU H 853 34.20 -5.47 45.27
N ILE H 854 33.28 -5.76 46.19
CA ILE H 854 33.42 -5.29 47.57
C ILE H 854 34.60 -6.00 48.24
N GLU H 880 23.59 3.32 38.14
CA GLU H 880 22.14 3.40 38.25
C GLU H 880 21.62 2.48 39.34
N ARG H 881 22.10 1.25 39.37
CA ARG H 881 21.59 0.22 40.29
C ARG H 881 22.47 0.09 41.53
N PHE H 882 22.65 1.21 42.24
CA PHE H 882 23.49 1.19 43.44
C PHE H 882 22.65 1.17 44.71
N LYS H 883 21.77 2.17 44.86
CA LYS H 883 20.98 2.28 46.09
C LYS H 883 20.05 1.07 46.21
N MET H 884 19.49 0.60 45.09
CA MET H 884 18.74 -0.64 45.10
C MET H 884 19.62 -1.81 45.47
N MET H 885 20.92 -1.73 45.16
CA MET H 885 21.80 -2.83 45.44
C MET H 885 22.14 -2.90 46.93
N LEU H 886 22.14 -1.76 47.62
CA LEU H 886 22.27 -1.80 49.08
C LEU H 886 20.95 -2.12 49.79
N THR H 887 20.30 -3.20 49.38
CA THR H 887 19.28 -3.84 50.21
C THR H 887 19.43 -5.35 50.26
N LEU H 888 20.08 -5.98 49.28
CA LEU H 888 20.36 -7.40 49.36
C LEU H 888 21.67 -7.70 50.08
PB ADP I . -16.30 24.27 19.24
O1B ADP I . -16.31 25.77 19.33
O2B ADP I . -16.77 23.71 17.92
O3B ADP I . -15.05 23.62 19.78
PA ADP I . -18.98 24.21 19.96
O1A ADP I . -19.77 22.92 19.89
O2A ADP I . -18.99 25.16 18.80
O3A ADP I . -17.46 23.82 20.26
O5' ADP I . -19.47 24.99 21.28
C5' ADP I . -18.86 24.79 22.55
C4' ADP I . -19.83 25.33 23.59
O4' ADP I . -19.68 26.75 23.68
C3' ADP I . -21.26 25.05 23.17
O3' ADP I . -21.95 24.37 24.23
C2' ADP I . -21.89 26.41 22.95
O2' ADP I . -23.20 26.44 23.54
C1' ADP I . -20.96 27.37 23.66
N9 ADP I . -20.88 28.68 22.97
C8 ADP I . -19.82 29.16 22.29
N7 ADP I . -20.07 30.38 21.79
C5 ADP I . -21.33 30.71 22.15
C6 ADP I . -22.22 31.87 21.96
N6 ADP I . -21.83 32.96 21.26
N1 ADP I . -23.46 31.80 22.51
C2 ADP I . -23.87 30.74 23.22
N3 ADP I . -23.11 29.65 23.43
C4 ADP I . -21.85 29.58 22.93
PB ADP J . 14.70 12.18 -28.60
O1B ADP J . 16.17 12.31 -28.91
O2B ADP J . 14.24 12.96 -27.39
O3B ADP J . 14.18 10.76 -28.66
PA ADP J . 14.52 12.67 -31.33
O1A ADP J . 14.37 11.20 -31.63
O2A ADP J . 15.86 13.33 -31.45
O3A ADP J . 13.96 12.90 -29.83
O5' ADP J . 13.50 13.47 -32.29
C5' ADP J . 13.68 14.86 -32.55
C4' ADP J . 13.77 15.05 -34.05
O4' ADP J . 15.11 15.35 -34.42
C3' ADP J . 13.39 13.78 -34.80
O3' ADP J . 12.35 14.06 -35.73
C2' ADP J . 14.63 13.34 -35.52
O2' ADP J . 14.31 12.96 -36.87
C1' ADP J . 15.54 14.55 -35.52
N9 ADP J . 16.96 14.16 -35.37
C8 ADP J . 17.65 14.02 -34.23
N7 ADP J . 18.94 13.65 -34.47
C5 ADP J . 19.09 13.55 -35.80
C6 ADP J . 20.18 13.21 -36.73
N6 ADP J . 21.41 12.88 -36.28
N1 ADP J . 19.90 13.22 -38.05
C2 ADP J . 18.68 13.54 -38.53
N3 ADP J . 17.65 13.86 -37.74
C4 ADP J . 17.78 13.89 -36.39
PB ADP K . 20.97 -20.39 19.68
O1B ADP K . 20.35 -21.09 20.84
O2B ADP K . 21.45 -18.98 19.98
O3B ADP K . 20.22 -20.53 18.38
PA ADP K . 22.32 -22.80 19.65
O1A ADP K . 22.50 -23.06 21.12
O2A ADP K . 21.13 -23.40 18.94
O3A ADP K . 22.34 -21.21 19.43
O5' ADP K . 23.67 -23.31 18.92
C5' ADP K . 24.79 -23.67 19.72
C4' ADP K . 25.20 -25.11 19.46
O4' ADP K . 26.04 -25.52 20.54
C3' ADP K . 23.98 -26.02 19.46
O3' ADP K . 24.08 -26.95 18.38
C2' ADP K . 24.03 -26.76 20.77
O2' ADP K . 23.83 -28.16 20.55
C1' ADP K . 25.42 -26.51 21.34
N9 ADP K . 25.27 -25.98 22.72
C8 ADP K . 25.02 -24.69 23.03
N7 ADP K . 24.94 -24.51 24.36
C5 ADP K . 25.15 -25.71 24.94
C6 ADP K . 25.21 -26.23 26.32
N6 ADP K . 25.02 -25.40 27.38
N1 ADP K . 25.45 -27.55 26.49
C2 ADP K . 25.63 -28.37 25.45
N3 ADP K . 25.60 -27.96 24.17
C4 ADP K . 25.37 -26.67 23.85
PB ADP L . -8.16 31.59 -11.80
O1B ADP L . -8.30 32.00 -10.36
O2B ADP L . -7.45 30.28 -12.03
O3B ADP L . -7.70 32.71 -12.71
PA ADP L . -10.22 31.77 -13.70
O1A ADP L . -11.58 31.15 -13.89
O2A ADP L . -9.11 31.49 -14.69
O3A ADP L . -9.67 31.29 -12.27
O5' ADP L . -10.41 33.36 -13.59
C5' ADP L . -10.68 34.01 -12.35
C4' ADP L . -11.60 35.19 -12.64
O4' ADP L . -10.84 36.27 -13.21
C3' ADP L . -12.66 34.81 -13.66
O3' ADP L . -13.95 35.01 -13.09
C2' ADP L . -12.47 35.76 -14.82
O2' ADP L . -13.72 36.32 -15.19
C1' ADP L . -11.53 36.83 -14.31
N9 ADP L . -10.56 37.22 -15.36
C8 ADP L . -9.22 37.04 -15.30
N7 ADP L . -8.61 37.51 -16.41
C5 ADP L . -9.57 38.00 -17.21
C6 ADP L . -9.61 38.65 -18.53
N6 ADP L . -8.48 38.86 -19.25
N1 ADP L . -10.82 39.01 -19.02
C2 ADP L . -11.95 38.81 -18.32
N3 ADP L . -11.99 38.23 -17.12
C4 ADP L . -10.84 37.81 -16.51
PB ADP M . 29.85 -13.30 -12.09
O1B ADP M . 30.70 -13.89 -10.98
O2B ADP M . 28.69 -14.16 -12.50
O3B ADP M . 29.51 -11.84 -11.92
PA ADP M . 30.81 -14.58 -14.35
O1A ADP M . 30.85 -15.84 -13.53
O2A ADP M . 29.66 -14.37 -15.32
O3A ADP M . 30.83 -13.33 -13.36
O5' ADP M . 32.19 -14.41 -15.15
C5' ADP M . 32.19 -13.96 -16.50
C4' ADP M . 33.03 -14.92 -17.34
O4' ADP M . 34.33 -15.09 -16.76
C3' ADP M . 32.38 -16.28 -17.36
O3' ADP M . 31.92 -16.57 -18.69
C2' ADP M . 33.44 -17.27 -16.96
O2' ADP M . 33.59 -18.28 -17.97
C1' ADP M . 34.73 -16.46 -16.84
N9 ADP M . 35.49 -16.86 -15.64
C8 ADP M . 35.48 -16.23 -14.45
N7 ADP M . 36.29 -16.86 -13.56
C5 ADP M . 36.83 -17.91 -14.18
C6 ADP M . 37.77 -18.99 -13.83
N6 ADP M . 38.30 -19.07 -12.58
N1 ADP M . 38.08 -19.90 -14.78
C2 ADP M . 37.55 -19.84 -16.02
N3 ADP M . 36.69 -18.88 -16.41
C4 ADP M . 36.30 -17.91 -15.56
PB ADP N . -1.70 -1.16 35.06
O1B ADP N . -2.45 0.11 35.34
O2B ADP N . -2.57 -2.26 34.49
O3B ADP N . -0.39 -0.97 34.35
PA ADP N . -2.16 -2.86 37.22
O1A ADP N . -3.57 -2.36 37.40
O2A ADP N . -1.91 -4.13 36.46
O3A ADP N . -1.29 -1.71 36.51
O5' ADP N . -1.46 -2.99 38.66
C5' ADP N . -0.59 -4.08 38.92
C4' ADP N . -0.95 -4.73 40.25
O4' ADP N . -0.97 -3.75 41.29
C3' ADP N . -2.34 -5.34 40.18
O3' ADP N . -2.24 -6.75 40.40
C2' ADP N . -3.13 -4.71 41.31
O2' ADP N . -3.75 -5.72 42.09
C1' ADP N . -2.11 -3.95 42.13
N9 ADP N . -2.64 -2.64 42.59
C8 ADP N . -2.26 -1.44 42.13
N7 ADP N . -2.92 -0.44 42.76
C5 ADP N . -3.75 -1.02 43.64
C6 ADP N . -4.74 -0.54 44.64
N6 ADP N . -4.99 0.77 44.81
N1 ADP N . -5.39 -1.48 45.37
C2 ADP N . -5.16 -2.80 45.21
N3 ADP N . -4.28 -3.29 44.32
C4 ADP N . -3.56 -2.47 43.54
#